data_9I3E
# 
_entry.id   9I3E 
# 
_audit_conform.dict_name       mmcif_pdbx.dic 
_audit_conform.dict_version    5.407 
_audit_conform.dict_location   http://mmcif.pdb.org/dictionaries/ascii/mmcif_pdbx.dic 
# 
loop_
_database_2.database_id 
_database_2.database_code 
_database_2.pdbx_database_accession 
_database_2.pdbx_DOI 
PDB   9I3E         pdb_00009i3e 10.2210/pdb9i3e/pdb 
WWPDB D_1292144832 ?            ?                   
EMDB  EMD-52588    ?            ?                   
# 
loop_
_pdbx_audit_revision_history.ordinal 
_pdbx_audit_revision_history.data_content_type 
_pdbx_audit_revision_history.major_revision 
_pdbx_audit_revision_history.minor_revision 
_pdbx_audit_revision_history.revision_date 
_pdbx_audit_revision_history.part_number 
1 'Structure model' 1 0 2025-11-26 ? 
2 'EM metadata'     1 0 2025-11-26 ? 
3 'Additional map'  1 0 2025-11-26 1 
4 FSC               1 0 2025-11-26 ? 
5 'Half map'        1 0 2025-11-26 1 
6 'Half map'        1 0 2025-11-26 2 
7 Image             1 0 2025-11-26 ? 
8 'Primary map'     1 0 2025-11-26 ? 
# 
loop_
_pdbx_audit_revision_details.ordinal 
_pdbx_audit_revision_details.revision_ordinal 
_pdbx_audit_revision_details.data_content_type 
_pdbx_audit_revision_details.provider 
_pdbx_audit_revision_details.type 
_pdbx_audit_revision_details.description 
_pdbx_audit_revision_details.details 
1 1 'Structure model' repository 'Initial release' ? ? 
2 2 'EM metadata'     repository 'Initial release' ? ? 
3 3 'Additional map'  repository 'Initial release' ? ? 
4 4 FSC               repository 'Initial release' ? ? 
5 5 'Half map'        repository 'Initial release' ? ? 
6 6 'Half map'        repository 'Initial release' ? ? 
7 7 Image             repository 'Initial release' ? ? 
8 8 'Primary map'     repository 'Initial release' ? ? 
# 
_pdbx_database_status.status_code                     REL 
_pdbx_database_status.status_code_sf                  ? 
_pdbx_database_status.status_code_mr                  ? 
_pdbx_database_status.entry_id                        9I3E 
_pdbx_database_status.recvd_initial_deposition_date   2025-01-22 
_pdbx_database_status.SG_entry                        N 
_pdbx_database_status.deposit_site                    PDBE 
_pdbx_database_status.process_site                    PDBE 
_pdbx_database_status.status_code_cs                  ? 
_pdbx_database_status.status_code_nmr_data            ? 
_pdbx_database_status.methods_development_category    ? 
_pdbx_database_status.pdb_format_compatible           Y 
# 
_pdbx_database_related.db_name        EMDB 
_pdbx_database_related.details        'CP of RHDV mutant - 29N' 
_pdbx_database_related.db_id          EMD-52588 
_pdbx_database_related.content_type   'associated EM volume' 
# 
_pdbx_contact_author.id                 2 
_pdbx_contact_author.email              jrcaston@cnb.csic.es 
_pdbx_contact_author.name_first         Jose 
_pdbx_contact_author.name_last          Caston 
_pdbx_contact_author.name_mi            R 
_pdbx_contact_author.role               'principal investigator/group leader' 
_pdbx_contact_author.identifier_ORCID   0000-0003-2350-9048 
# 
loop_
_audit_author.name 
_audit_author.pdbx_ordinal 
_audit_author.identifier_ORCID 
'Novoa, G.'             1 0000-0002-3018-9743 
'Martinez-Romero, J.M.' 2 0000-0002-0370-9440 
'Perez-Mata, C.'        3 0000-0003-3381-7431 
'Barcena, J.'           4 0000-0001-6050-0654 
# 
_citation.abstract                  ? 
_citation.abstract_id_CAS           ? 
_citation.book_id_ISBN              ? 
_citation.book_publisher            ? 
_citation.book_publisher_city       ? 
_citation.book_title                ? 
_citation.coordinate_linkage        ? 
_citation.country                   ? 
_citation.database_id_Medline       ? 
_citation.details                   ? 
_citation.id                        primary 
_citation.journal_abbrev            'To Be Published' 
_citation.journal_id_ASTM           ? 
_citation.journal_id_CSD            0353 
_citation.journal_id_ISSN           ? 
_citation.journal_full              ? 
_citation.journal_issue             ? 
_citation.journal_volume            ? 
_citation.language                  ? 
_citation.page_first                ? 
_citation.page_last                 ? 
_citation.title                     'Structure of RHDV mutant 29N at 3.0 Angstroms resolution' 
_citation.year                      ? 
_citation.database_id_CSD           ? 
_citation.pdbx_database_id_DOI      ? 
_citation.pdbx_database_id_PubMed   ? 
_citation.pdbx_database_id_patent   ? 
_citation.unpublished_flag          ? 
# 
loop_
_citation_author.citation_id 
_citation_author.name 
_citation_author.ordinal 
_citation_author.identifier_ORCID 
primary 'Novoa, G.'             1 0000-0002-3018-9743 
primary 'Martinez-Romero, J.M.' 2 0000-0002-0370-9440 
primary 'Perez-Mata, C.'        3 0000-0003-3381-7431 
primary 'Barcena, J.'           4 0000-0001-6050-0654 
# 
_entity.id                         1 
_entity.type                       polymer 
_entity.src_method                 man 
_entity.pdbx_description           'Capsid protein VP60' 
_entity.formula_weight             18819.111 
_entity.pdbx_number_of_molecules   1 
_entity.pdbx_ec                    ? 
_entity.pdbx_mutation              ? 
_entity.pdbx_fragment              ? 
_entity.details                    ? 
# 
_entity_poly.entity_id                      1 
_entity_poly.type                           'polypeptide(L)' 
_entity_poly.nstd_linkage                   no 
_entity_poly.nstd_monomer                   no 
_entity_poly.pdbx_seq_one_letter_code       
;GGPPQQVDQQETWRTNFYYNDVFTWSVADAPGSILYTVQHSPQNNPFTAVLSQMYAGWAGGMQFRFAVAGSGAFGGRVAA
AVIPPGIEIGPGLEVRQFPHVVIDARSLEPVTNTMPDLRPNMYHPTGDPGLVPTLVLAVYNALINPFGGSTSAIQVTVET
RPSEDFEFVMIRAP
;
_entity_poly.pdbx_seq_one_letter_code_can   
;GGPPQQVDQQETWRTNFYYNDVFTWSVADAPGSILYTVQHSPQNNPFTAVLSQMYAGWAGGMQFRFAVAGSGAFGGRVAA
AVIPPGIEIGPGLEVRQFPHVVIDARSLEPVTNTMPDLRPNMYHPTGDPGLVPTLVLAVYNALINPFGGSTSAIQVTVET
RPSEDFEFVMIRAP
;
_entity_poly.pdbx_strand_id                 0 
_entity_poly.pdbx_target_identifier         ? 
# 
loop_
_entity_poly_seq.entity_id 
_entity_poly_seq.num 
_entity_poly_seq.mon_id 
_entity_poly_seq.hetero 
1 1   GLY n 
1 2   GLY n 
1 3   PRO n 
1 4   PRO n 
1 5   GLN n 
1 6   GLN n 
1 7   VAL n 
1 8   ASP n 
1 9   GLN n 
1 10  GLN n 
1 11  GLU n 
1 12  THR n 
1 13  TRP n 
1 14  ARG n 
1 15  THR n 
1 16  ASN n 
1 17  PHE n 
1 18  TYR n 
1 19  TYR n 
1 20  ASN n 
1 21  ASP n 
1 22  VAL n 
1 23  PHE n 
1 24  THR n 
1 25  TRP n 
1 26  SER n 
1 27  VAL n 
1 28  ALA n 
1 29  ASP n 
1 30  ALA n 
1 31  PRO n 
1 32  GLY n 
1 33  SER n 
1 34  ILE n 
1 35  LEU n 
1 36  TYR n 
1 37  THR n 
1 38  VAL n 
1 39  GLN n 
1 40  HIS n 
1 41  SER n 
1 42  PRO n 
1 43  GLN n 
1 44  ASN n 
1 45  ASN n 
1 46  PRO n 
1 47  PHE n 
1 48  THR n 
1 49  ALA n 
1 50  VAL n 
1 51  LEU n 
1 52  SER n 
1 53  GLN n 
1 54  MET n 
1 55  TYR n 
1 56  ALA n 
1 57  GLY n 
1 58  TRP n 
1 59  ALA n 
1 60  GLY n 
1 61  GLY n 
1 62  MET n 
1 63  GLN n 
1 64  PHE n 
1 65  ARG n 
1 66  PHE n 
1 67  ALA n 
1 68  VAL n 
1 69  ALA n 
1 70  GLY n 
1 71  SER n 
1 72  GLY n 
1 73  ALA n 
1 74  PHE n 
1 75  GLY n 
1 76  GLY n 
1 77  ARG n 
1 78  VAL n 
1 79  ALA n 
1 80  ALA n 
1 81  ALA n 
1 82  VAL n 
1 83  ILE n 
1 84  PRO n 
1 85  PRO n 
1 86  GLY n 
1 87  ILE n 
1 88  GLU n 
1 89  ILE n 
1 90  GLY n 
1 91  PRO n 
1 92  GLY n 
1 93  LEU n 
1 94  GLU n 
1 95  VAL n 
1 96  ARG n 
1 97  GLN n 
1 98  PHE n 
1 99  PRO n 
1 100 HIS n 
1 101 VAL n 
1 102 VAL n 
1 103 ILE n 
1 104 ASP n 
1 105 ALA n 
1 106 ARG n 
1 107 SER n 
1 108 LEU n 
1 109 GLU n 
1 110 PRO n 
1 111 VAL n 
1 112 THR n 
1 113 ASN n 
1 114 THR n 
1 115 MET n 
1 116 PRO n 
1 117 ASP n 
1 118 LEU n 
1 119 ARG n 
1 120 PRO n 
1 121 ASN n 
1 122 MET n 
1 123 TYR n 
1 124 HIS n 
1 125 PRO n 
1 126 THR n 
1 127 GLY n 
1 128 ASP n 
1 129 PRO n 
1 130 GLY n 
1 131 LEU n 
1 132 VAL n 
1 133 PRO n 
1 134 THR n 
1 135 LEU n 
1 136 VAL n 
1 137 LEU n 
1 138 ALA n 
1 139 VAL n 
1 140 TYR n 
1 141 ASN n 
1 142 ALA n 
1 143 LEU n 
1 144 ILE n 
1 145 ASN n 
1 146 PRO n 
1 147 PHE n 
1 148 GLY n 
1 149 GLY n 
1 150 SER n 
1 151 THR n 
1 152 SER n 
1 153 ALA n 
1 154 ILE n 
1 155 GLN n 
1 156 VAL n 
1 157 THR n 
1 158 VAL n 
1 159 GLU n 
1 160 THR n 
1 161 ARG n 
1 162 PRO n 
1 163 SER n 
1 164 GLU n 
1 165 ASP n 
1 166 PHE n 
1 167 GLU n 
1 168 PHE n 
1 169 VAL n 
1 170 MET n 
1 171 ILE n 
1 172 ARG n 
1 173 ALA n 
1 174 PRO n 
# 
_entity_src_gen.entity_id                          1 
_entity_src_gen.pdbx_src_id                        1 
_entity_src_gen.pdbx_alt_source_flag               sample 
_entity_src_gen.pdbx_seq_type                      'Biological sequence' 
_entity_src_gen.pdbx_beg_seq_num                   1 
_entity_src_gen.pdbx_end_seq_num                   174 
_entity_src_gen.gene_src_common_name               ? 
_entity_src_gen.gene_src_genus                     ? 
_entity_src_gen.pdbx_gene_src_gene                 ORF1 
_entity_src_gen.gene_src_species                   ? 
_entity_src_gen.gene_src_strain                    ? 
_entity_src_gen.gene_src_tissue                    ? 
_entity_src_gen.gene_src_tissue_fraction           ? 
_entity_src_gen.gene_src_details                   ? 
_entity_src_gen.pdbx_gene_src_fragment             ? 
_entity_src_gen.pdbx_gene_src_scientific_name      'Rabbit hemorrhagic disease virus' 
_entity_src_gen.pdbx_gene_src_ncbi_taxonomy_id     11976 
_entity_src_gen.pdbx_gene_src_variant              ? 
_entity_src_gen.pdbx_gene_src_cell_line            ? 
_entity_src_gen.pdbx_gene_src_atcc                 ? 
_entity_src_gen.pdbx_gene_src_organ                ? 
_entity_src_gen.pdbx_gene_src_organelle            ? 
_entity_src_gen.pdbx_gene_src_cell                 ? 
_entity_src_gen.pdbx_gene_src_cellular_location    ? 
_entity_src_gen.host_org_common_name               ? 
_entity_src_gen.pdbx_host_org_scientific_name      'Trichoplusia ni' 
_entity_src_gen.pdbx_host_org_ncbi_taxonomy_id     7111 
_entity_src_gen.host_org_genus                     ? 
_entity_src_gen.pdbx_host_org_gene                 ? 
_entity_src_gen.pdbx_host_org_organ                ? 
_entity_src_gen.host_org_species                   ? 
_entity_src_gen.pdbx_host_org_tissue               ? 
_entity_src_gen.pdbx_host_org_tissue_fraction      ? 
_entity_src_gen.pdbx_host_org_strain               ? 
_entity_src_gen.pdbx_host_org_variant              ? 
_entity_src_gen.pdbx_host_org_cell_line            ? 
_entity_src_gen.pdbx_host_org_atcc                 ? 
_entity_src_gen.pdbx_host_org_culture_collection   ? 
_entity_src_gen.pdbx_host_org_cell                 ? 
_entity_src_gen.pdbx_host_org_organelle            ? 
_entity_src_gen.pdbx_host_org_cellular_location    ? 
_entity_src_gen.pdbx_host_org_vector_type          ? 
_entity_src_gen.pdbx_host_org_vector               ? 
_entity_src_gen.host_org_details                   ? 
_entity_src_gen.expression_system_id               ? 
_entity_src_gen.plasmid_name                       ? 
_entity_src_gen.plasmid_details                    ? 
_entity_src_gen.pdbx_description                   ? 
# 
loop_
_chem_comp.id 
_chem_comp.type 
_chem_comp.mon_nstd_flag 
_chem_comp.name 
_chem_comp.pdbx_synonyms 
_chem_comp.formula 
_chem_comp.formula_weight 
ALA 'L-peptide linking' y ALANINE         ? 'C3 H7 N O2'     89.093  
ARG 'L-peptide linking' y ARGININE        ? 'C6 H15 N4 O2 1' 175.209 
ASN 'L-peptide linking' y ASPARAGINE      ? 'C4 H8 N2 O3'    132.118 
ASP 'L-peptide linking' y 'ASPARTIC ACID' ? 'C4 H7 N O4'     133.103 
GLN 'L-peptide linking' y GLUTAMINE       ? 'C5 H10 N2 O3'   146.144 
GLU 'L-peptide linking' y 'GLUTAMIC ACID' ? 'C5 H9 N O4'     147.129 
GLY 'peptide linking'   y GLYCINE         ? 'C2 H5 N O2'     75.067  
HIS 'L-peptide linking' y HISTIDINE       ? 'C6 H10 N3 O2 1' 156.162 
ILE 'L-peptide linking' y ISOLEUCINE      ? 'C6 H13 N O2'    131.173 
LEU 'L-peptide linking' y LEUCINE         ? 'C6 H13 N O2'    131.173 
MET 'L-peptide linking' y METHIONINE      ? 'C5 H11 N O2 S'  149.211 
PHE 'L-peptide linking' y PHENYLALANINE   ? 'C9 H11 N O2'    165.189 
PRO 'L-peptide linking' y PROLINE         ? 'C5 H9 N O2'     115.130 
SER 'L-peptide linking' y SERINE          ? 'C3 H7 N O3'     105.093 
THR 'L-peptide linking' y THREONINE       ? 'C4 H9 N O3'     119.119 
TRP 'L-peptide linking' y TRYPTOPHAN      ? 'C11 H12 N2 O2'  204.225 
TYR 'L-peptide linking' y TYROSINE        ? 'C9 H11 N O3'    181.189 
VAL 'L-peptide linking' y VALINE          ? 'C5 H11 N O2'    117.146 
# 
loop_
_pdbx_poly_seq_scheme.asym_id 
_pdbx_poly_seq_scheme.entity_id 
_pdbx_poly_seq_scheme.seq_id 
_pdbx_poly_seq_scheme.mon_id 
_pdbx_poly_seq_scheme.ndb_seq_num 
_pdbx_poly_seq_scheme.pdb_seq_num 
_pdbx_poly_seq_scheme.auth_seq_num 
_pdbx_poly_seq_scheme.pdb_mon_id 
_pdbx_poly_seq_scheme.auth_mon_id 
_pdbx_poly_seq_scheme.pdb_strand_id 
_pdbx_poly_seq_scheme.pdb_ins_code 
_pdbx_poly_seq_scheme.hetero 
A 1 1   GLY 1   56  56  GLY GLY 0 . n 
A 1 2   GLY 2   57  57  GLY GLY 0 . n 
A 1 3   PRO 3   58  58  PRO PRO 0 . n 
A 1 4   PRO 4   59  59  PRO PRO 0 . n 
A 1 5   GLN 5   60  60  GLN GLN 0 . n 
A 1 6   GLN 6   61  61  GLN GLN 0 . n 
A 1 7   VAL 7   62  62  VAL VAL 0 . n 
A 1 8   ASP 8   63  63  ASP ASP 0 . n 
A 1 9   GLN 9   64  64  GLN GLN 0 . n 
A 1 10  GLN 10  65  65  GLN GLN 0 . n 
A 1 11  GLU 11  66  66  GLU GLU 0 . n 
A 1 12  THR 12  67  67  THR THR 0 . n 
A 1 13  TRP 13  68  68  TRP TRP 0 . n 
A 1 14  ARG 14  69  69  ARG ARG 0 . n 
A 1 15  THR 15  70  70  THR THR 0 . n 
A 1 16  ASN 16  71  71  ASN ASN 0 . n 
A 1 17  PHE 17  72  72  PHE PHE 0 . n 
A 1 18  TYR 18  73  73  TYR TYR 0 . n 
A 1 19  TYR 19  74  74  TYR TYR 0 . n 
A 1 20  ASN 20  75  75  ASN ASN 0 . n 
A 1 21  ASP 21  76  76  ASP ASP 0 . n 
A 1 22  VAL 22  77  77  VAL VAL 0 . n 
A 1 23  PHE 23  78  78  PHE PHE 0 . n 
A 1 24  THR 24  79  79  THR THR 0 . n 
A 1 25  TRP 25  80  80  TRP TRP 0 . n 
A 1 26  SER 26  81  81  SER SER 0 . n 
A 1 27  VAL 27  82  82  VAL VAL 0 . n 
A 1 28  ALA 28  83  83  ALA ALA 0 . n 
A 1 29  ASP 29  84  84  ASP ASP 0 . n 
A 1 30  ALA 30  85  85  ALA ALA 0 . n 
A 1 31  PRO 31  86  86  PRO PRO 0 . n 
A 1 32  GLY 32  87  87  GLY GLY 0 . n 
A 1 33  SER 33  88  88  SER SER 0 . n 
A 1 34  ILE 34  89  89  ILE ILE 0 . n 
A 1 35  LEU 35  90  90  LEU LEU 0 . n 
A 1 36  TYR 36  91  91  TYR TYR 0 . n 
A 1 37  THR 37  92  92  THR THR 0 . n 
A 1 38  VAL 38  93  93  VAL VAL 0 . n 
A 1 39  GLN 39  94  94  GLN GLN 0 . n 
A 1 40  HIS 40  95  95  HIS HIS 0 . n 
A 1 41  SER 41  96  96  SER SER 0 . n 
A 1 42  PRO 42  97  97  PRO PRO 0 . n 
A 1 43  GLN 43  98  98  GLN GLN 0 . n 
A 1 44  ASN 44  99  99  ASN ASN 0 . n 
A 1 45  ASN 45  100 100 ASN ASN 0 . n 
A 1 46  PRO 46  101 101 PRO PRO 0 . n 
A 1 47  PHE 47  102 102 PHE PHE 0 . n 
A 1 48  THR 48  103 103 THR THR 0 . n 
A 1 49  ALA 49  104 104 ALA ALA 0 . n 
A 1 50  VAL 50  105 105 VAL VAL 0 . n 
A 1 51  LEU 51  106 106 LEU LEU 0 . n 
A 1 52  SER 52  107 107 SER SER 0 . n 
A 1 53  GLN 53  108 108 GLN GLN 0 . n 
A 1 54  MET 54  109 109 MET MET 0 . n 
A 1 55  TYR 55  110 110 TYR TYR 0 . n 
A 1 56  ALA 56  111 111 ALA ALA 0 . n 
A 1 57  GLY 57  112 112 GLY GLY 0 . n 
A 1 58  TRP 58  113 113 TRP TRP 0 . n 
A 1 59  ALA 59  114 114 ALA ALA 0 . n 
A 1 60  GLY 60  115 115 GLY GLY 0 . n 
A 1 61  GLY 61  116 116 GLY GLY 0 . n 
A 1 62  MET 62  117 117 MET MET 0 . n 
A 1 63  GLN 63  118 118 GLN GLN 0 . n 
A 1 64  PHE 64  119 119 PHE PHE 0 . n 
A 1 65  ARG 65  120 120 ARG ARG 0 . n 
A 1 66  PHE 66  121 121 PHE PHE 0 . n 
A 1 67  ALA 67  122 122 ALA ALA 0 . n 
A 1 68  VAL 68  123 123 VAL VAL 0 . n 
A 1 69  ALA 69  124 124 ALA ALA 0 . n 
A 1 70  GLY 70  125 125 GLY GLY 0 . n 
A 1 71  SER 71  126 126 SER SER 0 . n 
A 1 72  GLY 72  127 127 GLY GLY 0 . n 
A 1 73  ALA 73  128 128 ALA ALA 0 . n 
A 1 74  PHE 74  129 129 PHE PHE 0 . n 
A 1 75  GLY 75  130 130 GLY GLY 0 . n 
A 1 76  GLY 76  131 131 GLY GLY 0 . n 
A 1 77  ARG 77  132 132 ARG ARG 0 . n 
A 1 78  VAL 78  133 133 VAL VAL 0 . n 
A 1 79  ALA 79  134 134 ALA ALA 0 . n 
A 1 80  ALA 80  135 135 ALA ALA 0 . n 
A 1 81  ALA 81  136 136 ALA ALA 0 . n 
A 1 82  VAL 82  137 137 VAL VAL 0 . n 
A 1 83  ILE 83  138 138 ILE ILE 0 . n 
A 1 84  PRO 84  139 139 PRO PRO 0 . n 
A 1 85  PRO 85  140 140 PRO PRO 0 . n 
A 1 86  GLY 86  141 141 GLY GLY 0 . n 
A 1 87  ILE 87  142 142 ILE ILE 0 . n 
A 1 88  GLU 88  143 143 GLU GLU 0 . n 
A 1 89  ILE 89  144 144 ILE ILE 0 . n 
A 1 90  GLY 90  145 145 GLY GLY 0 . n 
A 1 91  PRO 91  146 146 PRO PRO 0 . n 
A 1 92  GLY 92  147 147 GLY GLY 0 . n 
A 1 93  LEU 93  148 148 LEU LEU 0 . n 
A 1 94  GLU 94  149 149 GLU GLU 0 . n 
A 1 95  VAL 95  150 150 VAL VAL 0 . n 
A 1 96  ARG 96  151 151 ARG ARG 0 . n 
A 1 97  GLN 97  152 152 GLN GLN 0 . n 
A 1 98  PHE 98  153 153 PHE PHE 0 . n 
A 1 99  PRO 99  154 154 PRO PRO 0 . n 
A 1 100 HIS 100 155 155 HIS HIS 0 . n 
A 1 101 VAL 101 156 156 VAL VAL 0 . n 
A 1 102 VAL 102 157 157 VAL VAL 0 . n 
A 1 103 ILE 103 158 158 ILE ILE 0 . n 
A 1 104 ASP 104 159 159 ASP ASP 0 . n 
A 1 105 ALA 105 160 160 ALA ALA 0 . n 
A 1 106 ARG 106 161 161 ARG ARG 0 . n 
A 1 107 SER 107 162 162 SER SER 0 . n 
A 1 108 LEU 108 163 163 LEU LEU 0 . n 
A 1 109 GLU 109 164 164 GLU GLU 0 . n 
A 1 110 PRO 110 165 165 PRO PRO 0 . n 
A 1 111 VAL 111 166 166 VAL VAL 0 . n 
A 1 112 THR 112 167 167 THR THR 0 . n 
A 1 113 ASN 113 168 168 ASN ASN 0 . n 
A 1 114 THR 114 169 169 THR THR 0 . n 
A 1 115 MET 115 170 170 MET MET 0 . n 
A 1 116 PRO 116 171 171 PRO PRO 0 . n 
A 1 117 ASP 117 172 172 ASP ASP 0 . n 
A 1 118 LEU 118 173 173 LEU LEU 0 . n 
A 1 119 ARG 119 174 174 ARG ARG 0 . n 
A 1 120 PRO 120 175 175 PRO PRO 0 . n 
A 1 121 ASN 121 176 176 ASN ASN 0 . n 
A 1 122 MET 122 177 177 MET MET 0 . n 
A 1 123 TYR 123 178 178 TYR TYR 0 . n 
A 1 124 HIS 124 179 179 HIS HIS 0 . n 
A 1 125 PRO 125 180 180 PRO PRO 0 . n 
A 1 126 THR 126 181 181 THR THR 0 . n 
A 1 127 GLY 127 182 182 GLY GLY 0 . n 
A 1 128 ASP 128 183 183 ASP ASP 0 . n 
A 1 129 PRO 129 184 184 PRO PRO 0 . n 
A 1 130 GLY 130 185 185 GLY GLY 0 . n 
A 1 131 LEU 131 186 186 LEU LEU 0 . n 
A 1 132 VAL 132 187 187 VAL VAL 0 . n 
A 1 133 PRO 133 188 188 PRO PRO 0 . n 
A 1 134 THR 134 189 189 THR THR 0 . n 
A 1 135 LEU 135 190 190 LEU LEU 0 . n 
A 1 136 VAL 136 191 191 VAL VAL 0 . n 
A 1 137 LEU 137 192 192 LEU LEU 0 . n 
A 1 138 ALA 138 193 193 ALA ALA 0 . n 
A 1 139 VAL 139 194 194 VAL VAL 0 . n 
A 1 140 TYR 140 195 195 TYR TYR 0 . n 
A 1 141 ASN 141 196 196 ASN ASN 0 . n 
A 1 142 ALA 142 197 197 ALA ALA 0 . n 
A 1 143 LEU 143 198 198 LEU LEU 0 . n 
A 1 144 ILE 144 199 199 ILE ILE 0 . n 
A 1 145 ASN 145 200 200 ASN ASN 0 . n 
A 1 146 PRO 146 201 201 PRO PRO 0 . n 
A 1 147 PHE 147 202 202 PHE PHE 0 . n 
A 1 148 GLY 148 203 203 GLY GLY 0 . n 
A 1 149 GLY 149 204 204 GLY GLY 0 . n 
A 1 150 SER 150 205 205 SER SER 0 . n 
A 1 151 THR 151 206 206 THR THR 0 . n 
A 1 152 SER 152 207 207 SER SER 0 . n 
A 1 153 ALA 153 208 208 ALA ALA 0 . n 
A 1 154 ILE 154 209 209 ILE ILE 0 . n 
A 1 155 GLN 155 210 210 GLN GLN 0 . n 
A 1 156 VAL 156 211 211 VAL VAL 0 . n 
A 1 157 THR 157 212 212 THR THR 0 . n 
A 1 158 VAL 158 213 213 VAL VAL 0 . n 
A 1 159 GLU 159 214 214 GLU GLU 0 . n 
A 1 160 THR 160 215 215 THR THR 0 . n 
A 1 161 ARG 161 216 216 ARG ARG 0 . n 
A 1 162 PRO 162 217 217 PRO PRO 0 . n 
A 1 163 SER 163 218 218 SER SER 0 . n 
A 1 164 GLU 164 219 219 GLU GLU 0 . n 
A 1 165 ASP 165 220 220 ASP ASP 0 . n 
A 1 166 PHE 166 221 221 PHE PHE 0 . n 
A 1 167 GLU 167 222 222 GLU GLU 0 . n 
A 1 168 PHE 168 223 223 PHE PHE 0 . n 
A 1 169 VAL 169 224 224 VAL VAL 0 . n 
A 1 170 MET 170 225 225 MET MET 0 . n 
A 1 171 ILE 171 226 226 ILE ILE 0 . n 
A 1 172 ARG 172 227 227 ARG ARG 0 . n 
A 1 173 ALA 173 228 228 ALA ALA 0 . n 
A 1 174 PRO 174 229 229 PRO PRO 0 . n 
# 
_exptl.absorpt_coefficient_mu     ? 
_exptl.absorpt_correction_T_max   ? 
_exptl.absorpt_correction_T_min   ? 
_exptl.absorpt_correction_type    ? 
_exptl.absorpt_process_details    ? 
_exptl.entry_id                   9I3E 
_exptl.crystals_number            ? 
_exptl.details                    ? 
_exptl.method                     'ELECTRON MICROSCOPY' 
_exptl.method_details             ? 
# 
_struct.entry_id                     9I3E 
_struct.title                        'CP of RHDV mutant - 29N' 
_struct.pdbx_model_details           ? 
_struct.pdbx_formula_weight          ? 
_struct.pdbx_formula_weight_method   ? 
_struct.pdbx_model_type_details      ? 
_struct.pdbx_CASP_flag               N 
# 
_struct_keywords.entry_id        9I3E 
_struct_keywords.text            'Calicivirus, cryoEM, VLP, Assembly, VIRUS LIKE PARTICLE' 
_struct_keywords.pdbx_keywords   'VIRUS LIKE PARTICLE' 
# 
_struct_asym.id                            A 
_struct_asym.pdbx_blank_PDB_chainid_flag   N 
_struct_asym.pdbx_modified                 N 
_struct_asym.entity_id                     1 
_struct_asym.details                       ? 
# 
_struct_ref.id                         1 
_struct_ref.db_name                    UNP 
_struct_ref.db_code                    POLG_RHDVA 
_struct_ref.pdbx_db_accession          Q86119 
_struct_ref.pdbx_db_isoform            ? 
_struct_ref.entity_id                  1 
_struct_ref.pdbx_seq_one_letter_code   
;GGPPQQVDQQETWRTNFYYNDVFTWSVADAPGSILYTVQHSPQNNPFTAVLSQMYAGWAGGMQFRFIVAGSGVFGGRLVA
AVIPPGIEIGPGLEVRQFPHVVIDARSLEPVTITMPDLRPNMYHPTGDPGLVPTLVLSVYNNLINPFGGSTSAIQVTVET
RPSEDFEFVMIRAP
;
_struct_ref.pdbx_align_begin           1821 
# 
_struct_ref_seq.align_id                      1 
_struct_ref_seq.ref_id                        1 
_struct_ref_seq.pdbx_PDB_id_code              9I3E 
_struct_ref_seq.pdbx_strand_id                0 
_struct_ref_seq.seq_align_beg                 1 
_struct_ref_seq.pdbx_seq_align_beg_ins_code   ? 
_struct_ref_seq.seq_align_end                 174 
_struct_ref_seq.pdbx_seq_align_end_ins_code   ? 
_struct_ref_seq.pdbx_db_accession             Q86119 
_struct_ref_seq.db_align_beg                  1821 
_struct_ref_seq.pdbx_db_align_beg_ins_code    ? 
_struct_ref_seq.db_align_end                  1994 
_struct_ref_seq.pdbx_db_align_end_ins_code    ? 
_struct_ref_seq.pdbx_auth_seq_align_beg       56 
_struct_ref_seq.pdbx_auth_seq_align_end       229 
# 
loop_
_struct_ref_seq_dif.align_id 
_struct_ref_seq_dif.pdbx_pdb_id_code 
_struct_ref_seq_dif.mon_id 
_struct_ref_seq_dif.pdbx_pdb_strand_id 
_struct_ref_seq_dif.seq_num 
_struct_ref_seq_dif.pdbx_pdb_ins_code 
_struct_ref_seq_dif.pdbx_seq_db_name 
_struct_ref_seq_dif.pdbx_seq_db_accession_code 
_struct_ref_seq_dif.db_mon_id 
_struct_ref_seq_dif.pdbx_seq_db_seq_num 
_struct_ref_seq_dif.details 
_struct_ref_seq_dif.pdbx_auth_seq_num 
_struct_ref_seq_dif.pdbx_ordinal 
1 9I3E ALA 0 67  ? UNP Q86119 ILE 1887 conflict 122 1 
1 9I3E ALA 0 73  ? UNP Q86119 VAL 1893 conflict 128 2 
1 9I3E VAL 0 78  ? UNP Q86119 LEU 1898 conflict 133 3 
1 9I3E ALA 0 79  ? UNP Q86119 VAL 1899 conflict 134 4 
1 9I3E ASN 0 113 ? UNP Q86119 ILE 1933 conflict 168 5 
1 9I3E ALA 0 138 ? UNP Q86119 SER 1958 conflict 193 6 
1 9I3E ALA 0 142 ? UNP Q86119 ASN 1962 conflict 197 7 
# 
_pdbx_struct_assembly.id                   1 
_pdbx_struct_assembly.details              author_and_software_defined_assembly 
_pdbx_struct_assembly.method_details       ? 
_pdbx_struct_assembly.oligomeric_details   60-meric 
_pdbx_struct_assembly.oligomeric_count     60 
# 
_pdbx_struct_assembly_gen.assembly_id       1 
_pdbx_struct_assembly_gen.oper_expression   
;1,2,3,4,5,6,7,8,9,10,11,12,13,14,15,16,17,18,19,20,21,22,23,24,25,26,27,28,29,30,31,32,33,34,35,36,37,38,39,40,41,42,43,44,45,46,47,48,49,50,51,52,53,54,55,56,57,58,59,60
;
_pdbx_struct_assembly_gen.asym_id_list      A 
# 
_pdbx_struct_assembly_auth_evidence.id                     1 
_pdbx_struct_assembly_auth_evidence.assembly_id            1 
_pdbx_struct_assembly_auth_evidence.experimental_support   'electron microscopy' 
_pdbx_struct_assembly_auth_evidence.details                'not applicable' 
# 
loop_
_pdbx_struct_oper_list.id 
_pdbx_struct_oper_list.type 
_pdbx_struct_oper_list.name 
_pdbx_struct_oper_list.symmetry_operation 
_pdbx_struct_oper_list.matrix[1][1] 
_pdbx_struct_oper_list.matrix[1][2] 
_pdbx_struct_oper_list.matrix[1][3] 
_pdbx_struct_oper_list.vector[1] 
_pdbx_struct_oper_list.matrix[2][1] 
_pdbx_struct_oper_list.matrix[2][2] 
_pdbx_struct_oper_list.matrix[2][3] 
_pdbx_struct_oper_list.vector[2] 
_pdbx_struct_oper_list.matrix[3][1] 
_pdbx_struct_oper_list.matrix[3][2] 
_pdbx_struct_oper_list.matrix[3][3] 
_pdbx_struct_oper_list.vector[3] 
1  'identity operation'       1_555 x,y,z 1.000000    -0.000000   0.000000    0.00000   -0.000000   1.000000    -0.000000   0.00000    0.000000    -0.000000   1.000000    0.00000   
2  'point symmetry operation' ?     ?     -0.62691651 -0.08129012 0.77483393  35.14558  -0.08129012 -0.98228792 -0.16882640 -98.10316  0.77483393  -0.16882640 0.60920443  -27.21494 
3  'point symmetry operation' ?     ?     -0.14468165 0.83464034  -0.53145340 112.38852 -0.66497870 -0.47974698 -0.57240385 -31.78510  -0.73271451 0.27058886  0.62442863  58.91203  
4  'point symmetry operation' ?     ?     0.95658703  -0.13605148 0.25774261  -14.97095 0.15832192  -0.49991488 -0.85148065 -57.01820  0.24469457  0.85532165  -0.45667216 89.33020  
5  'point symmetry operation' ?     ?     0.60393036  0.01290960  -0.79693254 46.24561  -0.50637472 -0.76593192 -0.39614764 -60.35745  -0.61551017 0.64279207  -0.45603245 113.61136 
6  'point symmetry operation' ?     ?     0.11033559  -0.87251362 0.47596855  -27.65074 -0.21311426 -0.48852303 -0.84612504 -41.11677  0.97077720  -0.00807797 -0.23984657 4.28828   
7  'point symmetry operation' ?     ?     -0.94717088 0.08241178  -0.30996068 96.90994  0.08241178  -0.87144018 -0.48352903 -87.43773  -0.30996068 -0.48352903 0.81861106  -6.73064  
8  'point symmetry operation' ?     ?     -0.80814820 -0.55695704 0.19156033  38.12228  0.57763604  -0.68596827 0.44247503  -131.74597 -0.11503527 0.46823755  0.87608247  34.73546  
9  'point symmetry operation' ?     ?     -0.18290344 0.19365131  -0.96387007 94.93134  -0.98275950 -0.00906774 0.18466608  -20.57158  0.02702070  0.98102852  0.19197118  81.59049  
10 'point symmetry operation' ?     ?     0.66017844  -0.74080177 -0.12400476 -21.54786 0.32612882  0.43143480  -0.84113257 -13.81358  0.67661247  0.51485606  0.52642076  17.02010  
11 'point symmetry operation' ?     ?     0.38475076  -0.70259047 -0.59860963 9.29888   -0.77025296 0.11296013  -0.62765467 6.80038    0.50860321  0.70257145  -0.49771089 71.53373  
12 'point symmetry operation' ?     ?     -0.44973999 -0.89126499 -0.05814357 14.13270  0.69494993  -0.30829886 -0.64961252 -76.33072  0.56105129  -0.33256360 0.75803885  -32.62127 
13 'point symmetry operation' ?     ?     -0.48673598 -0.24722434 -0.83783544 79.05904  -0.24722434 -0.88091923 0.40356095  -106.54175 -0.83783544 0.40356095  0.36765521  79.86995  
14 'point symmetry operation' ?     ?     -0.18290344 -0.98275950 0.02702070  -5.05828  0.19365131  -0.00906774 0.98102852  -98.61272  -0.96387007 0.18466608  0.19197118  79.63732  
15 'point symmetry operation' ?     ?     -0.70976014 -0.27721125 -0.64760673 79.79233  -0.52680650 0.81919428  0.22670609  3.87308    0.46767025  0.50207038  -0.72746813 70.72411  
16 'point symmetry operation' ?     ?     0.37055210  -0.48228945 -0.79378085 28.96539  0.76773434  0.64004260  -0.03048727 -50.42751  0.52275724  -0.59811569 0.60743930  -39.95777 
17 'point symmetry operation' ?     ?     -0.38893283 -0.71837258 -0.57677734 39.88621  0.01236689  0.62194275  -0.78296506 7.48647    0.92118312  -0.31165376 -0.23300992 -10.37906 
18 'point symmetry operation' ?     ?     -0.14468165 -0.66497870 -0.73271451 38.28984  0.83464034  -0.47974698 0.27058886  -124.99373 -0.53145340 -0.57240385 0.62442863  4.74899   
19 'point symmetry operation' ?     ?     -0.13630248 -0.85212858 -0.50527075 19.49001  -0.85212858 -0.15928542 0.49850282  -45.60837  -0.50527075 0.49850282  -0.70441210 110.23331 
20 'point symmetry operation' ?     ?     0.38475076  -0.77025296 0.50860321  -34.72203 -0.70259047 0.11296013  0.70257145  -44.49242  -0.59860963 -0.62765467 -0.49771089 45.43781  
21 'point symmetry operation' ?     ?     -0.99715370 0.07276873  -0.01972857 87.89309  0.07276873  0.86040912  -0.50438168 7.76719    -0.01972857 -0.50438168 -0.86325541 41.32985  
22 'point symmetry operation' ?     ?     0.48796178  0.28223023  -0.82597785 66.76121  0.87285467  -0.16238038 0.46017101  -116.26079 -0.00424842 -0.94550447 -0.32558140 -2.86192  
23 'point symmetry operation' ?     ?     -0.64791599 -0.01262638 -0.76160715 95.73695  0.75993081  0.05761926  -0.64744513 -59.24734  0.05205813  -0.99825879 -0.02773727 -18.92633 
24 'point symmetry operation' ?     ?     0.60393036  -0.50637472 -0.61551017 11.43633  0.01290960  -0.76593192 0.64279207  -119.85519 -0.79693254 -0.39614764 -0.45603245 64.75464  
25 'point symmetry operation' ?     ?     -0.38015758 -0.89634382 0.22814027  0.52522   -0.89634382 0.29618788  -0.32990985 11.15455   0.22814027  -0.32990985 -0.91603030 42.39831  
26 'point symmetry operation' ?     ?     0.11033559  -0.21311426 0.97077720  -9.87467  -0.87251362 -0.48852303 -0.00807797 -44.17750  0.47596855  -0.84612504 -0.23984657 -20.60052 
27 'point symmetry operation' ?     ?     -0.64791599 0.75993081  0.05205813  108.03864 -0.01262638 0.05761926  -0.99825879 -14.27078  -0.76160715 -0.64744513 -0.02773727 34.02958  
28 'point symmetry operation' ?     ?     0.85015128  0.49621707  -0.17610061 39.60705  0.49621707  -0.86691284 -0.04723080 -120.33407 -0.17610061 -0.04723080 -0.98323844 77.04243  
29 'point symmetry operation' ?     ?     -0.03429279 0.43933087  -0.89767054 99.66727  0.43933087  -0.80013445 -0.40837882 -101.17718 -0.89767054 -0.40837882 -0.16557276 57.70396  
30 'point symmetry operation' ?     ?     0.76153970  -0.63463835 0.13149704  -29.31719 -0.63463835 -0.77135580 -0.04737507 -68.01638  0.13149704  -0.04737507 -0.99018390 64.46990  
31 'point symmetry operation' ?     ?     -0.88130180 -0.31876611 0.34884854  48.37337  -0.31876611 -0.14394797 -0.93683891 -14.69741  0.34884854  -0.93683891 0.02524978  -29.88938 
32 'point symmetry operation' ?     ?     0.84871487  0.32586639  -0.41652633 39.17757  -0.51435329 0.32547403  -0.79341500 13.71713   -0.12297878 0.88762478  0.44384510  73.59079  
33 'point symmetry operation' ?     ?     0.08387449  -0.48824843 0.86866480  -19.99145 0.82827741  -0.45049462 -0.33318333 -101.13874 0.55400506  0.74744101  0.36662014  40.58222  
34 'point symmetry operation' ?     ?     -0.80814820 0.57763604  -0.11503527 110.90548 -0.55695704 -0.68596827 0.46823755  -85.40553  0.19156033  0.44247503  0.87608247  20.56046  
35 'point symmetry operation' ?     ?     -0.58554964 0.45701296  0.66953027  66.49009  0.45701296  -0.49605342 0.73828868  -127.18615 0.66953027  0.73828868  0.08160306  45.65720  
36 'point symmetry operation' ?     ?     0.30934885  0.92185442  -0.23342607 87.34461  -0.91395574 0.35601742  0.19477294  -3.98204   0.26265605  0.15308831  0.95266772  -0.90723  
37 'point symmetry operation' ?     ?     0.70034399  0.03647755  0.71287285  -11.50932 0.58044620  0.55216078  -0.59849871 -26.69701  -0.41545218 0.83293930  0.36552923  85.66262  
38 'point symmetry operation' ?     ?     0.48796178  0.87285467  -0.00424842 68.88970  0.28223023  -0.16238038 -0.94550447 -40.42646  -0.82597785 0.46017101  -0.32558140 107.71134 
39 'point symmetry operation' ?     ?     0.48388969  0.17445561  0.85756401  -0.26955  0.17445561  -0.97948989 0.10082074  -118.43422 0.85756401  0.10082074  -0.50439980 24.55967  
40 'point symmetry operation' ?     ?     -0.44973999 0.69494993  0.56105129  77.70427  -0.89126499 -0.30829886 -0.33256360 -21.78534  -0.05814357 -0.64961252 0.75803885  -24.03547 
41 'point symmetry operation' ?     ?     0.08387449  0.82827741  0.55400506  62.96495  -0.48824843 -0.45049462 0.74744101  -85.65606  0.86866480  -0.33318333 0.36662014  -31.21013 
42 'point symmetry operation' ?     ?     0.37055210  0.76773434  0.52275724  48.86996  -0.48228945 0.64004260  -0.59811569 22.34609   -0.79378085 -0.03048727 0.60743930  45.72669  
43 'point symmetry operation' ?     ?     0.21549037  0.63946810  0.73800031  40.52291  0.97565922  -0.17245832 -0.13545195 -99.38756  0.04065709  0.74922539  -0.66106606 99.51940  
44 'point symmetry operation' ?     ?     -0.23678101 0.93341869  -0.26956318 112.04699 0.93341869  0.14157334  -0.32967642 -73.49725  -0.26956318 -0.32967642 -0.90479233 62.74110  
45 'point symmetry operation' ?     ?     0.95658703  0.15832192  0.24469457  1.48964   -0.13605148 -0.49991488 0.85532165  -106.94712 0.25774261  -0.85148065 -0.45667216 -3.89663  
46 'point symmetry operation' ?     ?     -0.38893283 0.01236689  0.92118312  24.98149  -0.71837258 0.62194275  -0.31165376 20.76233   -0.57677734 -0.78296506 -0.23300992 26.44868  
47 'point symmetry operation' ?     ?     0.66017844  0.32612882  0.67661247  7.21443   -0.74080177 0.43143480  0.51485606  -18.76594  -0.12400476 -0.84113257 0.52642076  -23.25082 
48 'point symmetry operation' ?     ?     -0.32394360 0.53929176  0.77731907  56.12891  0.42386105  0.81728148  -0.39037520 -13.35936  -0.84581461 0.20301573  -0.49333788 100.68687 
49 'point symmetry operation' ?     ?     0.21549037  0.97565922  0.04065709  84.18992  0.63946810  -0.17245832 0.74922539  -117.61578 0.73800031  -0.13545195 -0.66106606 22.42074  
50 'point symmetry operation' ?     ?     -0.32394360 0.42386105  -0.84581461 109.00754 0.53929176  0.81728148  0.20301573  -39.79252  0.77731907  -0.39037520 -0.49333788 0.82742   
51 'point symmetry operation' ?     ?     0.84871487  -0.51435329 -0.12297878 -17.14503 0.32586639  0.32547403  0.88762478  -82.55223  -0.41652633 -0.79341500 0.44384510  -5.46104  
52 'point symmetry operation' ?     ?     -0.70976014 -0.52680650 0.46767025  25.59822  -0.27721125 0.81919428  0.50207038  -16.56195  -0.64760673 0.22670609  -0.72746813 102.24554 
53 'point symmetry operation' ?     ?     0.34692975  -0.35548053 0.86791322  -23.71616 0.04837308  0.93093837  0.36195832  -18.95565  -0.93664284 -0.08359047 0.34016589  58.53563  
54 'point symmetry operation' ?     ?     -0.81436881 0.55222657  0.17846364  99.08984  0.55222657  0.64279598  0.53090410  -61.75468  0.17846364  0.53090410  -0.82842716 88.02021  
55 'point symmetry operation' ?     ?     0.70034399  0.58044620  -0.41545218 59.14538  0.03647755  0.55216078  0.83293930  -56.19089  0.71287285  -0.59849871 0.36552923  -39.08563 
56 'point symmetry operation' ?     ?     0.34692975  0.04837308  -0.93664284 63.97176  -0.35548053 0.93093837  -0.08359047 14.10893   0.86791322  0.36195832  0.34016589  7.53289   
57 'point symmetry operation' ?     ?     0.30934885  -0.91395574 0.26265605  -30.42107 0.92185442  0.35601742  0.15308831  -78.96245  -0.23342607 0.19477294  0.95266772  22.02839  
58 'point symmetry operation' ?     ?     -0.96884948 -0.17745096 -0.17274793 78.70217  -0.17745096 0.01086081  0.98406971  -82.17730  -0.17274793 0.98406971  -0.04201134 98.60642  
59 'point symmetry operation' ?     ?     -0.42297255 -0.27458969 0.86353618  12.91822  0.78866329  0.35771911  0.50004726  -85.96303  -0.44621122 0.89254555  0.06525344  101.12313 
60 'point symmetry operation' ?     ?     -0.42297255 0.78866329  -0.44621122 118.38221 -0.27458969 0.35771911  0.89254555  -55.95917  0.86353618  0.50004726  0.06525344  25.23159  
# 
_struct_conf.conf_type_id            HELX_P 
_struct_conf.id                      HELX_P1 
_struct_conf.pdbx_PDB_helix_id       AA1 
_struct_conf.beg_label_comp_id       ASN 
_struct_conf.beg_label_asym_id       A 
_struct_conf.beg_label_seq_id        45 
_struct_conf.pdbx_beg_PDB_ins_code   ? 
_struct_conf.end_label_comp_id       MET 
_struct_conf.end_label_asym_id       A 
_struct_conf.end_label_seq_id        54 
_struct_conf.pdbx_end_PDB_ins_code   ? 
_struct_conf.beg_auth_comp_id        ASN 
_struct_conf.beg_auth_asym_id        0 
_struct_conf.beg_auth_seq_id         100 
_struct_conf.end_auth_comp_id        MET 
_struct_conf.end_auth_asym_id        0 
_struct_conf.end_auth_seq_id         109 
_struct_conf.pdbx_PDB_helix_class    1 
_struct_conf.details                 ? 
_struct_conf.pdbx_PDB_helix_length   10 
# 
_struct_conf_type.id          HELX_P 
_struct_conf_type.criteria    ? 
_struct_conf_type.reference   ? 
# 
loop_
_struct_sheet.id 
_struct_sheet.type 
_struct_sheet.number_strands 
_struct_sheet.details 
AA1 ? 4 ? 
AA2 ? 4 ? 
AA3 ? 2 ? 
# 
loop_
_struct_sheet_order.sheet_id 
_struct_sheet_order.range_id_1 
_struct_sheet_order.range_id_2 
_struct_sheet_order.offset 
_struct_sheet_order.sense 
AA1 1 2 ? anti-parallel 
AA1 2 3 ? anti-parallel 
AA1 3 4 ? anti-parallel 
AA2 1 2 ? anti-parallel 
AA2 2 3 ? anti-parallel 
AA2 3 4 ? anti-parallel 
AA3 1 2 ? anti-parallel 
# 
loop_
_struct_sheet_range.sheet_id 
_struct_sheet_range.id 
_struct_sheet_range.beg_label_comp_id 
_struct_sheet_range.beg_label_asym_id 
_struct_sheet_range.beg_label_seq_id 
_struct_sheet_range.pdbx_beg_PDB_ins_code 
_struct_sheet_range.end_label_comp_id 
_struct_sheet_range.end_label_asym_id 
_struct_sheet_range.end_label_seq_id 
_struct_sheet_range.pdbx_end_PDB_ins_code 
_struct_sheet_range.beg_auth_comp_id 
_struct_sheet_range.beg_auth_asym_id 
_struct_sheet_range.beg_auth_seq_id 
_struct_sheet_range.end_auth_comp_id 
_struct_sheet_range.end_auth_asym_id 
_struct_sheet_range.end_auth_seq_id 
AA1 1 TYR A 18  ? SER A 26  ? TYR 0 73  SER 0 81  
AA1 2 ALA A 153 ? PRO A 162 ? ALA 0 208 PRO 0 217 
AA1 3 MET A 62  ? ALA A 69  ? MET 0 117 ALA 0 124 
AA1 4 VAL A 111 ? MET A 115 ? VAL 0 166 MET 0 170 
AA2 1 ILE A 34  ? GLN A 39  ? ILE 0 89  GLN 0 94  
AA2 2 THR A 134 ? ILE A 144 ? THR 0 189 ILE 0 199 
AA2 3 GLY A 75  ? ILE A 83  ? GLY 0 130 ILE 0 138 
AA2 4 HIS A 100 ? ASP A 104 ? HIS 0 155 ASP 0 159 
AA3 1 TYR A 55  ? ALA A 59  ? TYR 0 110 ALA 0 114 
AA3 2 GLU A 167 ? ILE A 171 ? GLU 0 222 ILE 0 226 
# 
loop_
_pdbx_struct_sheet_hbond.sheet_id 
_pdbx_struct_sheet_hbond.range_id_1 
_pdbx_struct_sheet_hbond.range_id_2 
_pdbx_struct_sheet_hbond.range_1_label_atom_id 
_pdbx_struct_sheet_hbond.range_1_label_comp_id 
_pdbx_struct_sheet_hbond.range_1_label_asym_id 
_pdbx_struct_sheet_hbond.range_1_label_seq_id 
_pdbx_struct_sheet_hbond.range_1_PDB_ins_code 
_pdbx_struct_sheet_hbond.range_1_auth_atom_id 
_pdbx_struct_sheet_hbond.range_1_auth_comp_id 
_pdbx_struct_sheet_hbond.range_1_auth_asym_id 
_pdbx_struct_sheet_hbond.range_1_auth_seq_id 
_pdbx_struct_sheet_hbond.range_2_label_atom_id 
_pdbx_struct_sheet_hbond.range_2_label_comp_id 
_pdbx_struct_sheet_hbond.range_2_label_asym_id 
_pdbx_struct_sheet_hbond.range_2_label_seq_id 
_pdbx_struct_sheet_hbond.range_2_PDB_ins_code 
_pdbx_struct_sheet_hbond.range_2_auth_atom_id 
_pdbx_struct_sheet_hbond.range_2_auth_comp_id 
_pdbx_struct_sheet_hbond.range_2_auth_asym_id 
_pdbx_struct_sheet_hbond.range_2_auth_seq_id 
AA1 1 2 N TRP A 25  ? N TRP 0 80  O ILE A 154 ? O ILE 0 209 
AA1 2 3 O GLU A 159 ? O GLU 0 214 N ARG A 65  ? N ARG 0 120 
AA1 3 4 N PHE A 64  ? N PHE 0 119 O ASN A 113 ? O ASN 0 168 
AA2 1 2 N VAL A 38  ? N VAL 0 93  O LEU A 135 ? O LEU 0 190 
AA2 2 3 O ALA A 138 ? O ALA 0 193 N ALA A 79  ? N ALA 0 134 
AA2 3 4 N VAL A 78  ? N VAL 0 133 O ILE A 103 ? O ILE 0 158 
AA3 1 2 N ALA A 56  ? N ALA 0 111 O MET A 170 ? O MET 0 225 
# 
_pdbx_entry_details.entry_id                   9I3E 
_pdbx_entry_details.nonpolymer_details         ? 
_pdbx_entry_details.sequence_details           ? 
_pdbx_entry_details.compound_details           ? 
_pdbx_entry_details.source_details             ? 
_pdbx_entry_details.has_ligand_of_interest     ? 
_pdbx_entry_details.has_protein_modification   N 
# 
loop_
_pdbx_validate_torsion.id 
_pdbx_validate_torsion.PDB_model_num 
_pdbx_validate_torsion.auth_comp_id 
_pdbx_validate_torsion.auth_asym_id 
_pdbx_validate_torsion.auth_seq_id 
_pdbx_validate_torsion.PDB_ins_code 
_pdbx_validate_torsion.label_alt_id 
_pdbx_validate_torsion.phi 
_pdbx_validate_torsion.psi 
1  1 ASP 0 63  ? ? 62.20   68.48  
2  1 GLN 0 65  ? ? -49.84  84.09  
3  1 GLU 0 66  ? ? -144.25 36.65  
4  1 THR 0 67  ? ? 61.74   -75.14 
5  1 ARG 0 69  ? ? 81.49   -6.47  
6  1 TYR 0 91  ? ? 57.60   71.62  
7  1 GLN 0 98  ? ? -88.55  48.70  
8  1 ALA 0 128 ? ? -99.93  34.34  
9  1 LEU 0 192 ? ? -105.35 78.13  
10 1 ASN 0 196 ? ? 79.25   117.13 
# 
_pdbx_validate_planes.id              1 
_pdbx_validate_planes.PDB_model_num   1 
_pdbx_validate_planes.auth_comp_id    ARG 
_pdbx_validate_planes.auth_asym_id    0 
_pdbx_validate_planes.auth_seq_id     227 
_pdbx_validate_planes.PDB_ins_code    ? 
_pdbx_validate_planes.label_alt_id    ? 
_pdbx_validate_planes.rmsd            0.081 
_pdbx_validate_planes.type            'SIDE CHAIN' 
# 
_em_3d_fitting.id                1 
_em_3d_fitting.entry_id          9I3E 
_em_3d_fitting.method            ? 
_em_3d_fitting.target_criteria   ? 
_em_3d_fitting.details           ? 
_em_3d_fitting.overall_b_value   ? 
_em_3d_fitting.ref_space         REAL 
_em_3d_fitting.ref_protocol      'FLEXIBLE FIT' 
# 
_em_3d_reconstruction.entry_id                    9I3E 
_em_3d_reconstruction.id                          1 
_em_3d_reconstruction.method                      ? 
_em_3d_reconstruction.algorithm                   ? 
_em_3d_reconstruction.citation_id                 ? 
_em_3d_reconstruction.details                     ? 
_em_3d_reconstruction.resolution                  3.0 
_em_3d_reconstruction.resolution_method           'FSC 0.143 CUT-OFF' 
_em_3d_reconstruction.magnification_calibration   ? 
_em_3d_reconstruction.nominal_pixel_size          ? 
_em_3d_reconstruction.actual_pixel_size           ? 
_em_3d_reconstruction.num_particles               302069 
_em_3d_reconstruction.euler_angles_details        ? 
_em_3d_reconstruction.num_class_averages          ? 
_em_3d_reconstruction.refinement_type             ? 
_em_3d_reconstruction.image_processing_id         1 
_em_3d_reconstruction.symmetry_type               POINT 
# 
_em_buffer.id            1 
_em_buffer.specimen_id   1 
_em_buffer.name          ? 
_em_buffer.details       'PBS-V (0.2 M sodium phosphate, 0.1 M NaCl, pH 6.0)' 
_em_buffer.pH            6.0 
# 
_em_entity_assembly.id                   1 
_em_entity_assembly.parent_id            0 
_em_entity_assembly.source               RECOMBINANT 
_em_entity_assembly.type                 VIRUS 
_em_entity_assembly.name                 'Rabbit hemorrhagic disease virus' 
_em_entity_assembly.details              'VLPs of mutant RHDV 29N' 
_em_entity_assembly.synonym              ? 
_em_entity_assembly.oligomeric_details   ? 
_em_entity_assembly.entity_id_list       1 
# 
_em_imaging.entry_id                        9I3E 
_em_imaging.id                              1 
_em_imaging.astigmatism                     ? 
_em_imaging.electron_beam_tilt_params       ? 
_em_imaging.residual_tilt                   ? 
_em_imaging.microscope_model                'TFS TALOS' 
_em_imaging.specimen_holder_type            ? 
_em_imaging.specimen_holder_model           ? 
_em_imaging.details                         ? 
_em_imaging.date                            ? 
_em_imaging.accelerating_voltage            200 
_em_imaging.illumination_mode               'FLOOD BEAM' 
_em_imaging.mode                            'BRIGHT FIELD' 
_em_imaging.nominal_cs                      ? 
_em_imaging.nominal_defocus_min             800 
_em_imaging.nominal_defocus_max             2300 
_em_imaging.calibrated_defocus_min          ? 
_em_imaging.calibrated_defocus_max          ? 
_em_imaging.tilt_angle_min                  ? 
_em_imaging.tilt_angle_max                  ? 
_em_imaging.nominal_magnification           ? 
_em_imaging.calibrated_magnification        ? 
_em_imaging.electron_source                 'FIELD EMISSION GUN' 
_em_imaging.citation_id                     ? 
_em_imaging.temperature                     ? 
_em_imaging.detector_distance               ? 
_em_imaging.recording_temperature_minimum   ? 
_em_imaging.recording_temperature_maximum   ? 
_em_imaging.alignment_procedure             ? 
_em_imaging.c2_aperture_diameter            ? 
_em_imaging.specimen_id                     1 
_em_imaging.cryogen                         ? 
_em_imaging.objective_aperture              ? 
_em_imaging.microscope_serial_number        ? 
_em_imaging.microscope_version              ? 
# 
_em_sample_support.id               1 
_em_sample_support.film_material    ? 
_em_sample_support.method           ? 
_em_sample_support.grid_material    COPPER/RHODIUM 
_em_sample_support.grid_mesh_size   300 
_em_sample_support.grid_type        'Quantifoil R2/2' 
_em_sample_support.details          ? 
_em_sample_support.specimen_id      1 
_em_sample_support.citation_id      ? 
# 
_em_virus_entity.id                    1 
_em_virus_entity.virus_host_category   ? 
_em_virus_entity.virus_type            'VIRUS-LIKE PARTICLE' 
_em_virus_entity.virus_isolate         OTHER 
_em_virus_entity.entity_assembly_id    1 
_em_virus_entity.enveloped             NO 
_em_virus_entity.empty                 YES 
_em_virus_entity.details               ? 
# 
_em_vitrification.entry_id              9I3E 
_em_vitrification.id                    1 
_em_vitrification.specimen_id           1 
_em_vitrification.cryogen_name          ETHANE 
_em_vitrification.humidity              95 
_em_vitrification.temp                  ? 
_em_vitrification.chamber_temperature   295 
_em_vitrification.instrument            'FEI VITROBOT MARK IV' 
_em_vitrification.method                ? 
_em_vitrification.time_resolved_state   ? 
_em_vitrification.citation_id           ? 
_em_vitrification.details               ? 
# 
_em_experiment.entry_id                9I3E 
_em_experiment.id                      1 
_em_experiment.reconstruction_method   'SINGLE PARTICLE' 
_em_experiment.aggregation_state       PARTICLE 
_em_experiment.entity_assembly_id      1 
# 
loop_
_chem_comp_atom.comp_id 
_chem_comp_atom.atom_id 
_chem_comp_atom.type_symbol 
_chem_comp_atom.pdbx_aromatic_flag 
_chem_comp_atom.pdbx_stereo_config 
_chem_comp_atom.pdbx_ordinal 
ALA N    N N N 1   
ALA CA   C N S 2   
ALA C    C N N 3   
ALA O    O N N 4   
ALA CB   C N N 5   
ALA OXT  O N N 6   
ALA H    H N N 7   
ALA H2   H N N 8   
ALA HA   H N N 9   
ALA HB1  H N N 10  
ALA HB2  H N N 11  
ALA HB3  H N N 12  
ALA HXT  H N N 13  
ARG N    N N N 14  
ARG CA   C N S 15  
ARG C    C N N 16  
ARG O    O N N 17  
ARG CB   C N N 18  
ARG CG   C N N 19  
ARG CD   C N N 20  
ARG NE   N N N 21  
ARG CZ   C N N 22  
ARG NH1  N N N 23  
ARG NH2  N N N 24  
ARG OXT  O N N 25  
ARG H    H N N 26  
ARG H2   H N N 27  
ARG HA   H N N 28  
ARG HB2  H N N 29  
ARG HB3  H N N 30  
ARG HG2  H N N 31  
ARG HG3  H N N 32  
ARG HD2  H N N 33  
ARG HD3  H N N 34  
ARG HE   H N N 35  
ARG HH11 H N N 36  
ARG HH12 H N N 37  
ARG HH21 H N N 38  
ARG HH22 H N N 39  
ARG HXT  H N N 40  
ASN N    N N N 41  
ASN CA   C N S 42  
ASN C    C N N 43  
ASN O    O N N 44  
ASN CB   C N N 45  
ASN CG   C N N 46  
ASN OD1  O N N 47  
ASN ND2  N N N 48  
ASN OXT  O N N 49  
ASN H    H N N 50  
ASN H2   H N N 51  
ASN HA   H N N 52  
ASN HB2  H N N 53  
ASN HB3  H N N 54  
ASN HD21 H N N 55  
ASN HD22 H N N 56  
ASN HXT  H N N 57  
ASP N    N N N 58  
ASP CA   C N S 59  
ASP C    C N N 60  
ASP O    O N N 61  
ASP CB   C N N 62  
ASP CG   C N N 63  
ASP OD1  O N N 64  
ASP OD2  O N N 65  
ASP OXT  O N N 66  
ASP H    H N N 67  
ASP H2   H N N 68  
ASP HA   H N N 69  
ASP HB2  H N N 70  
ASP HB3  H N N 71  
ASP HD2  H N N 72  
ASP HXT  H N N 73  
GLN N    N N N 74  
GLN CA   C N S 75  
GLN C    C N N 76  
GLN O    O N N 77  
GLN CB   C N N 78  
GLN CG   C N N 79  
GLN CD   C N N 80  
GLN OE1  O N N 81  
GLN NE2  N N N 82  
GLN OXT  O N N 83  
GLN H    H N N 84  
GLN H2   H N N 85  
GLN HA   H N N 86  
GLN HB2  H N N 87  
GLN HB3  H N N 88  
GLN HG2  H N N 89  
GLN HG3  H N N 90  
GLN HE21 H N N 91  
GLN HE22 H N N 92  
GLN HXT  H N N 93  
GLU N    N N N 94  
GLU CA   C N S 95  
GLU C    C N N 96  
GLU O    O N N 97  
GLU CB   C N N 98  
GLU CG   C N N 99  
GLU CD   C N N 100 
GLU OE1  O N N 101 
GLU OE2  O N N 102 
GLU OXT  O N N 103 
GLU H    H N N 104 
GLU H2   H N N 105 
GLU HA   H N N 106 
GLU HB2  H N N 107 
GLU HB3  H N N 108 
GLU HG2  H N N 109 
GLU HG3  H N N 110 
GLU HE2  H N N 111 
GLU HXT  H N N 112 
GLY N    N N N 113 
GLY CA   C N N 114 
GLY C    C N N 115 
GLY O    O N N 116 
GLY OXT  O N N 117 
GLY H    H N N 118 
GLY H2   H N N 119 
GLY HA2  H N N 120 
GLY HA3  H N N 121 
GLY HXT  H N N 122 
HIS N    N N N 123 
HIS CA   C N S 124 
HIS C    C N N 125 
HIS O    O N N 126 
HIS CB   C N N 127 
HIS CG   C Y N 128 
HIS ND1  N Y N 129 
HIS CD2  C Y N 130 
HIS CE1  C Y N 131 
HIS NE2  N Y N 132 
HIS OXT  O N N 133 
HIS H    H N N 134 
HIS H2   H N N 135 
HIS HA   H N N 136 
HIS HB2  H N N 137 
HIS HB3  H N N 138 
HIS HD1  H N N 139 
HIS HD2  H N N 140 
HIS HE1  H N N 141 
HIS HE2  H N N 142 
HIS HXT  H N N 143 
ILE N    N N N 144 
ILE CA   C N S 145 
ILE C    C N N 146 
ILE O    O N N 147 
ILE CB   C N S 148 
ILE CG1  C N N 149 
ILE CG2  C N N 150 
ILE CD1  C N N 151 
ILE OXT  O N N 152 
ILE H    H N N 153 
ILE H2   H N N 154 
ILE HA   H N N 155 
ILE HB   H N N 156 
ILE HG12 H N N 157 
ILE HG13 H N N 158 
ILE HG21 H N N 159 
ILE HG22 H N N 160 
ILE HG23 H N N 161 
ILE HD11 H N N 162 
ILE HD12 H N N 163 
ILE HD13 H N N 164 
ILE HXT  H N N 165 
LEU N    N N N 166 
LEU CA   C N S 167 
LEU C    C N N 168 
LEU O    O N N 169 
LEU CB   C N N 170 
LEU CG   C N N 171 
LEU CD1  C N N 172 
LEU CD2  C N N 173 
LEU OXT  O N N 174 
LEU H    H N N 175 
LEU H2   H N N 176 
LEU HA   H N N 177 
LEU HB2  H N N 178 
LEU HB3  H N N 179 
LEU HG   H N N 180 
LEU HD11 H N N 181 
LEU HD12 H N N 182 
LEU HD13 H N N 183 
LEU HD21 H N N 184 
LEU HD22 H N N 185 
LEU HD23 H N N 186 
LEU HXT  H N N 187 
MET N    N N N 188 
MET CA   C N S 189 
MET C    C N N 190 
MET O    O N N 191 
MET CB   C N N 192 
MET CG   C N N 193 
MET SD   S N N 194 
MET CE   C N N 195 
MET OXT  O N N 196 
MET H    H N N 197 
MET H2   H N N 198 
MET HA   H N N 199 
MET HB2  H N N 200 
MET HB3  H N N 201 
MET HG2  H N N 202 
MET HG3  H N N 203 
MET HE1  H N N 204 
MET HE2  H N N 205 
MET HE3  H N N 206 
MET HXT  H N N 207 
PHE N    N N N 208 
PHE CA   C N S 209 
PHE C    C N N 210 
PHE O    O N N 211 
PHE CB   C N N 212 
PHE CG   C Y N 213 
PHE CD1  C Y N 214 
PHE CD2  C Y N 215 
PHE CE1  C Y N 216 
PHE CE2  C Y N 217 
PHE CZ   C Y N 218 
PHE OXT  O N N 219 
PHE H    H N N 220 
PHE H2   H N N 221 
PHE HA   H N N 222 
PHE HB2  H N N 223 
PHE HB3  H N N 224 
PHE HD1  H N N 225 
PHE HD2  H N N 226 
PHE HE1  H N N 227 
PHE HE2  H N N 228 
PHE HZ   H N N 229 
PHE HXT  H N N 230 
PRO N    N N N 231 
PRO CA   C N S 232 
PRO C    C N N 233 
PRO O    O N N 234 
PRO CB   C N N 235 
PRO CG   C N N 236 
PRO CD   C N N 237 
PRO OXT  O N N 238 
PRO H    H N N 239 
PRO HA   H N N 240 
PRO HB2  H N N 241 
PRO HB3  H N N 242 
PRO HG2  H N N 243 
PRO HG3  H N N 244 
PRO HD2  H N N 245 
PRO HD3  H N N 246 
PRO HXT  H N N 247 
SER N    N N N 248 
SER CA   C N S 249 
SER C    C N N 250 
SER O    O N N 251 
SER CB   C N N 252 
SER OG   O N N 253 
SER OXT  O N N 254 
SER H    H N N 255 
SER H2   H N N 256 
SER HA   H N N 257 
SER HB2  H N N 258 
SER HB3  H N N 259 
SER HG   H N N 260 
SER HXT  H N N 261 
THR N    N N N 262 
THR CA   C N S 263 
THR C    C N N 264 
THR O    O N N 265 
THR CB   C N R 266 
THR OG1  O N N 267 
THR CG2  C N N 268 
THR OXT  O N N 269 
THR H    H N N 270 
THR H2   H N N 271 
THR HA   H N N 272 
THR HB   H N N 273 
THR HG1  H N N 274 
THR HG21 H N N 275 
THR HG22 H N N 276 
THR HG23 H N N 277 
THR HXT  H N N 278 
TRP N    N N N 279 
TRP CA   C N S 280 
TRP C    C N N 281 
TRP O    O N N 282 
TRP CB   C N N 283 
TRP CG   C Y N 284 
TRP CD1  C Y N 285 
TRP CD2  C Y N 286 
TRP NE1  N Y N 287 
TRP CE2  C Y N 288 
TRP CE3  C Y N 289 
TRP CZ2  C Y N 290 
TRP CZ3  C Y N 291 
TRP CH2  C Y N 292 
TRP OXT  O N N 293 
TRP H    H N N 294 
TRP H2   H N N 295 
TRP HA   H N N 296 
TRP HB2  H N N 297 
TRP HB3  H N N 298 
TRP HD1  H N N 299 
TRP HE1  H N N 300 
TRP HE3  H N N 301 
TRP HZ2  H N N 302 
TRP HZ3  H N N 303 
TRP HH2  H N N 304 
TRP HXT  H N N 305 
TYR N    N N N 306 
TYR CA   C N S 307 
TYR C    C N N 308 
TYR O    O N N 309 
TYR CB   C N N 310 
TYR CG   C Y N 311 
TYR CD1  C Y N 312 
TYR CD2  C Y N 313 
TYR CE1  C Y N 314 
TYR CE2  C Y N 315 
TYR CZ   C Y N 316 
TYR OH   O N N 317 
TYR OXT  O N N 318 
TYR H    H N N 319 
TYR H2   H N N 320 
TYR HA   H N N 321 
TYR HB2  H N N 322 
TYR HB3  H N N 323 
TYR HD1  H N N 324 
TYR HD2  H N N 325 
TYR HE1  H N N 326 
TYR HE2  H N N 327 
TYR HH   H N N 328 
TYR HXT  H N N 329 
VAL N    N N N 330 
VAL CA   C N S 331 
VAL C    C N N 332 
VAL O    O N N 333 
VAL CB   C N N 334 
VAL CG1  C N N 335 
VAL CG2  C N N 336 
VAL OXT  O N N 337 
VAL H    H N N 338 
VAL H2   H N N 339 
VAL HA   H N N 340 
VAL HB   H N N 341 
VAL HG11 H N N 342 
VAL HG12 H N N 343 
VAL HG13 H N N 344 
VAL HG21 H N N 345 
VAL HG22 H N N 346 
VAL HG23 H N N 347 
VAL HXT  H N N 348 
# 
loop_
_chem_comp_bond.comp_id 
_chem_comp_bond.atom_id_1 
_chem_comp_bond.atom_id_2 
_chem_comp_bond.value_order 
_chem_comp_bond.pdbx_aromatic_flag 
_chem_comp_bond.pdbx_stereo_config 
_chem_comp_bond.pdbx_ordinal 
ALA N   CA   sing N N 1   
ALA N   H    sing N N 2   
ALA N   H2   sing N N 3   
ALA CA  C    sing N N 4   
ALA CA  CB   sing N N 5   
ALA CA  HA   sing N N 6   
ALA C   O    doub N N 7   
ALA C   OXT  sing N N 8   
ALA CB  HB1  sing N N 9   
ALA CB  HB2  sing N N 10  
ALA CB  HB3  sing N N 11  
ALA OXT HXT  sing N N 12  
ARG N   CA   sing N N 13  
ARG N   H    sing N N 14  
ARG N   H2   sing N N 15  
ARG CA  C    sing N N 16  
ARG CA  CB   sing N N 17  
ARG CA  HA   sing N N 18  
ARG C   O    doub N N 19  
ARG C   OXT  sing N N 20  
ARG CB  CG   sing N N 21  
ARG CB  HB2  sing N N 22  
ARG CB  HB3  sing N N 23  
ARG CG  CD   sing N N 24  
ARG CG  HG2  sing N N 25  
ARG CG  HG3  sing N N 26  
ARG CD  NE   sing N N 27  
ARG CD  HD2  sing N N 28  
ARG CD  HD3  sing N N 29  
ARG NE  CZ   sing N N 30  
ARG NE  HE   sing N N 31  
ARG CZ  NH1  sing N N 32  
ARG CZ  NH2  doub N N 33  
ARG NH1 HH11 sing N N 34  
ARG NH1 HH12 sing N N 35  
ARG NH2 HH21 sing N N 36  
ARG NH2 HH22 sing N N 37  
ARG OXT HXT  sing N N 38  
ASN N   CA   sing N N 39  
ASN N   H    sing N N 40  
ASN N   H2   sing N N 41  
ASN CA  C    sing N N 42  
ASN CA  CB   sing N N 43  
ASN CA  HA   sing N N 44  
ASN C   O    doub N N 45  
ASN C   OXT  sing N N 46  
ASN CB  CG   sing N N 47  
ASN CB  HB2  sing N N 48  
ASN CB  HB3  sing N N 49  
ASN CG  OD1  doub N N 50  
ASN CG  ND2  sing N N 51  
ASN ND2 HD21 sing N N 52  
ASN ND2 HD22 sing N N 53  
ASN OXT HXT  sing N N 54  
ASP N   CA   sing N N 55  
ASP N   H    sing N N 56  
ASP N   H2   sing N N 57  
ASP CA  C    sing N N 58  
ASP CA  CB   sing N N 59  
ASP CA  HA   sing N N 60  
ASP C   O    doub N N 61  
ASP C   OXT  sing N N 62  
ASP CB  CG   sing N N 63  
ASP CB  HB2  sing N N 64  
ASP CB  HB3  sing N N 65  
ASP CG  OD1  doub N N 66  
ASP CG  OD2  sing N N 67  
ASP OD2 HD2  sing N N 68  
ASP OXT HXT  sing N N 69  
GLN N   CA   sing N N 70  
GLN N   H    sing N N 71  
GLN N   H2   sing N N 72  
GLN CA  C    sing N N 73  
GLN CA  CB   sing N N 74  
GLN CA  HA   sing N N 75  
GLN C   O    doub N N 76  
GLN C   OXT  sing N N 77  
GLN CB  CG   sing N N 78  
GLN CB  HB2  sing N N 79  
GLN CB  HB3  sing N N 80  
GLN CG  CD   sing N N 81  
GLN CG  HG2  sing N N 82  
GLN CG  HG3  sing N N 83  
GLN CD  OE1  doub N N 84  
GLN CD  NE2  sing N N 85  
GLN NE2 HE21 sing N N 86  
GLN NE2 HE22 sing N N 87  
GLN OXT HXT  sing N N 88  
GLU N   CA   sing N N 89  
GLU N   H    sing N N 90  
GLU N   H2   sing N N 91  
GLU CA  C    sing N N 92  
GLU CA  CB   sing N N 93  
GLU CA  HA   sing N N 94  
GLU C   O    doub N N 95  
GLU C   OXT  sing N N 96  
GLU CB  CG   sing N N 97  
GLU CB  HB2  sing N N 98  
GLU CB  HB3  sing N N 99  
GLU CG  CD   sing N N 100 
GLU CG  HG2  sing N N 101 
GLU CG  HG3  sing N N 102 
GLU CD  OE1  doub N N 103 
GLU CD  OE2  sing N N 104 
GLU OE2 HE2  sing N N 105 
GLU OXT HXT  sing N N 106 
GLY N   CA   sing N N 107 
GLY N   H    sing N N 108 
GLY N   H2   sing N N 109 
GLY CA  C    sing N N 110 
GLY CA  HA2  sing N N 111 
GLY CA  HA3  sing N N 112 
GLY C   O    doub N N 113 
GLY C   OXT  sing N N 114 
GLY OXT HXT  sing N N 115 
HIS N   CA   sing N N 116 
HIS N   H    sing N N 117 
HIS N   H2   sing N N 118 
HIS CA  C    sing N N 119 
HIS CA  CB   sing N N 120 
HIS CA  HA   sing N N 121 
HIS C   O    doub N N 122 
HIS C   OXT  sing N N 123 
HIS CB  CG   sing N N 124 
HIS CB  HB2  sing N N 125 
HIS CB  HB3  sing N N 126 
HIS CG  ND1  sing Y N 127 
HIS CG  CD2  doub Y N 128 
HIS ND1 CE1  doub Y N 129 
HIS ND1 HD1  sing N N 130 
HIS CD2 NE2  sing Y N 131 
HIS CD2 HD2  sing N N 132 
HIS CE1 NE2  sing Y N 133 
HIS CE1 HE1  sing N N 134 
HIS NE2 HE2  sing N N 135 
HIS OXT HXT  sing N N 136 
ILE N   CA   sing N N 137 
ILE N   H    sing N N 138 
ILE N   H2   sing N N 139 
ILE CA  C    sing N N 140 
ILE CA  CB   sing N N 141 
ILE CA  HA   sing N N 142 
ILE C   O    doub N N 143 
ILE C   OXT  sing N N 144 
ILE CB  CG1  sing N N 145 
ILE CB  CG2  sing N N 146 
ILE CB  HB   sing N N 147 
ILE CG1 CD1  sing N N 148 
ILE CG1 HG12 sing N N 149 
ILE CG1 HG13 sing N N 150 
ILE CG2 HG21 sing N N 151 
ILE CG2 HG22 sing N N 152 
ILE CG2 HG23 sing N N 153 
ILE CD1 HD11 sing N N 154 
ILE CD1 HD12 sing N N 155 
ILE CD1 HD13 sing N N 156 
ILE OXT HXT  sing N N 157 
LEU N   CA   sing N N 158 
LEU N   H    sing N N 159 
LEU N   H2   sing N N 160 
LEU CA  C    sing N N 161 
LEU CA  CB   sing N N 162 
LEU CA  HA   sing N N 163 
LEU C   O    doub N N 164 
LEU C   OXT  sing N N 165 
LEU CB  CG   sing N N 166 
LEU CB  HB2  sing N N 167 
LEU CB  HB3  sing N N 168 
LEU CG  CD1  sing N N 169 
LEU CG  CD2  sing N N 170 
LEU CG  HG   sing N N 171 
LEU CD1 HD11 sing N N 172 
LEU CD1 HD12 sing N N 173 
LEU CD1 HD13 sing N N 174 
LEU CD2 HD21 sing N N 175 
LEU CD2 HD22 sing N N 176 
LEU CD2 HD23 sing N N 177 
LEU OXT HXT  sing N N 178 
MET N   CA   sing N N 179 
MET N   H    sing N N 180 
MET N   H2   sing N N 181 
MET CA  C    sing N N 182 
MET CA  CB   sing N N 183 
MET CA  HA   sing N N 184 
MET C   O    doub N N 185 
MET C   OXT  sing N N 186 
MET CB  CG   sing N N 187 
MET CB  HB2  sing N N 188 
MET CB  HB3  sing N N 189 
MET CG  SD   sing N N 190 
MET CG  HG2  sing N N 191 
MET CG  HG3  sing N N 192 
MET SD  CE   sing N N 193 
MET CE  HE1  sing N N 194 
MET CE  HE2  sing N N 195 
MET CE  HE3  sing N N 196 
MET OXT HXT  sing N N 197 
PHE N   CA   sing N N 198 
PHE N   H    sing N N 199 
PHE N   H2   sing N N 200 
PHE CA  C    sing N N 201 
PHE CA  CB   sing N N 202 
PHE CA  HA   sing N N 203 
PHE C   O    doub N N 204 
PHE C   OXT  sing N N 205 
PHE CB  CG   sing N N 206 
PHE CB  HB2  sing N N 207 
PHE CB  HB3  sing N N 208 
PHE CG  CD1  doub Y N 209 
PHE CG  CD2  sing Y N 210 
PHE CD1 CE1  sing Y N 211 
PHE CD1 HD1  sing N N 212 
PHE CD2 CE2  doub Y N 213 
PHE CD2 HD2  sing N N 214 
PHE CE1 CZ   doub Y N 215 
PHE CE1 HE1  sing N N 216 
PHE CE2 CZ   sing Y N 217 
PHE CE2 HE2  sing N N 218 
PHE CZ  HZ   sing N N 219 
PHE OXT HXT  sing N N 220 
PRO N   CA   sing N N 221 
PRO N   CD   sing N N 222 
PRO N   H    sing N N 223 
PRO CA  C    sing N N 224 
PRO CA  CB   sing N N 225 
PRO CA  HA   sing N N 226 
PRO C   O    doub N N 227 
PRO C   OXT  sing N N 228 
PRO CB  CG   sing N N 229 
PRO CB  HB2  sing N N 230 
PRO CB  HB3  sing N N 231 
PRO CG  CD   sing N N 232 
PRO CG  HG2  sing N N 233 
PRO CG  HG3  sing N N 234 
PRO CD  HD2  sing N N 235 
PRO CD  HD3  sing N N 236 
PRO OXT HXT  sing N N 237 
SER N   CA   sing N N 238 
SER N   H    sing N N 239 
SER N   H2   sing N N 240 
SER CA  C    sing N N 241 
SER CA  CB   sing N N 242 
SER CA  HA   sing N N 243 
SER C   O    doub N N 244 
SER C   OXT  sing N N 245 
SER CB  OG   sing N N 246 
SER CB  HB2  sing N N 247 
SER CB  HB3  sing N N 248 
SER OG  HG   sing N N 249 
SER OXT HXT  sing N N 250 
THR N   CA   sing N N 251 
THR N   H    sing N N 252 
THR N   H2   sing N N 253 
THR CA  C    sing N N 254 
THR CA  CB   sing N N 255 
THR CA  HA   sing N N 256 
THR C   O    doub N N 257 
THR C   OXT  sing N N 258 
THR CB  OG1  sing N N 259 
THR CB  CG2  sing N N 260 
THR CB  HB   sing N N 261 
THR OG1 HG1  sing N N 262 
THR CG2 HG21 sing N N 263 
THR CG2 HG22 sing N N 264 
THR CG2 HG23 sing N N 265 
THR OXT HXT  sing N N 266 
TRP N   CA   sing N N 267 
TRP N   H    sing N N 268 
TRP N   H2   sing N N 269 
TRP CA  C    sing N N 270 
TRP CA  CB   sing N N 271 
TRP CA  HA   sing N N 272 
TRP C   O    doub N N 273 
TRP C   OXT  sing N N 274 
TRP CB  CG   sing N N 275 
TRP CB  HB2  sing N N 276 
TRP CB  HB3  sing N N 277 
TRP CG  CD1  doub Y N 278 
TRP CG  CD2  sing Y N 279 
TRP CD1 NE1  sing Y N 280 
TRP CD1 HD1  sing N N 281 
TRP CD2 CE2  doub Y N 282 
TRP CD2 CE3  sing Y N 283 
TRP NE1 CE2  sing Y N 284 
TRP NE1 HE1  sing N N 285 
TRP CE2 CZ2  sing Y N 286 
TRP CE3 CZ3  doub Y N 287 
TRP CE3 HE3  sing N N 288 
TRP CZ2 CH2  doub Y N 289 
TRP CZ2 HZ2  sing N N 290 
TRP CZ3 CH2  sing Y N 291 
TRP CZ3 HZ3  sing N N 292 
TRP CH2 HH2  sing N N 293 
TRP OXT HXT  sing N N 294 
TYR N   CA   sing N N 295 
TYR N   H    sing N N 296 
TYR N   H2   sing N N 297 
TYR CA  C    sing N N 298 
TYR CA  CB   sing N N 299 
TYR CA  HA   sing N N 300 
TYR C   O    doub N N 301 
TYR C   OXT  sing N N 302 
TYR CB  CG   sing N N 303 
TYR CB  HB2  sing N N 304 
TYR CB  HB3  sing N N 305 
TYR CG  CD1  doub Y N 306 
TYR CG  CD2  sing Y N 307 
TYR CD1 CE1  sing Y N 308 
TYR CD1 HD1  sing N N 309 
TYR CD2 CE2  doub Y N 310 
TYR CD2 HD2  sing N N 311 
TYR CE1 CZ   doub Y N 312 
TYR CE1 HE1  sing N N 313 
TYR CE2 CZ   sing Y N 314 
TYR CE2 HE2  sing N N 315 
TYR CZ  OH   sing N N 316 
TYR OH  HH   sing N N 317 
TYR OXT HXT  sing N N 318 
VAL N   CA   sing N N 319 
VAL N   H    sing N N 320 
VAL N   H2   sing N N 321 
VAL CA  C    sing N N 322 
VAL CA  CB   sing N N 323 
VAL CA  HA   sing N N 324 
VAL C   O    doub N N 325 
VAL C   OXT  sing N N 326 
VAL CB  CG1  sing N N 327 
VAL CB  CG2  sing N N 328 
VAL CB  HB   sing N N 329 
VAL CG1 HG11 sing N N 330 
VAL CG1 HG12 sing N N 331 
VAL CG1 HG13 sing N N 332 
VAL CG2 HG21 sing N N 333 
VAL CG2 HG22 sing N N 334 
VAL CG2 HG23 sing N N 335 
VAL OXT HXT  sing N N 336 
# 
_em_admin.current_status     REL 
_em_admin.deposition_date    2025-01-22 
_em_admin.deposition_site    PDBE 
_em_admin.entry_id           9I3E 
_em_admin.last_update        2025-11-26 
_em_admin.map_release_date   2025-11-26 
_em_admin.title              'Capsid of RHDV mutant - 29N' 
# 
loop_
_em_buffer_component.buffer_id 
_em_buffer_component.concentration 
_em_buffer_component.concentration_units 
_em_buffer_component.formula 
_em_buffer_component.id 
_em_buffer_component.name 
1 0.2 M ? 1 'Sodium phosphate' 
1 0.1 M ? 2 'Sodium chloride'  
# 
_em_ctf_correction.details                  ? 
_em_ctf_correction.em_image_processing_id   1 
_em_ctf_correction.id                       1 
_em_ctf_correction.type                     'PHASE FLIPPING AND AMPLITUDE CORRECTION' 
# 
_em_entity_assembly_molwt.entity_assembly_id   1 
_em_entity_assembly_molwt.experimental_flag    NO 
_em_entity_assembly_molwt.id                   1 
_em_entity_assembly_molwt.units                ? 
_em_entity_assembly_molwt.value                ? 
# 
_em_entity_assembly_naturalsource.cell                 ? 
_em_entity_assembly_naturalsource.cellular_location    ? 
_em_entity_assembly_naturalsource.entity_assembly_id   1 
_em_entity_assembly_naturalsource.id                   2 
_em_entity_assembly_naturalsource.ncbi_tax_id          11976 
_em_entity_assembly_naturalsource.organism             'Rabbit hemorrhagic disease virus' 
_em_entity_assembly_naturalsource.organelle            ? 
_em_entity_assembly_naturalsource.organ                ? 
_em_entity_assembly_naturalsource.strain               ? 
_em_entity_assembly_naturalsource.tissue               ? 
_em_entity_assembly_naturalsource.details              ? 
# 
_em_entity_assembly_recombinant.cell                 ? 
_em_entity_assembly_recombinant.entity_assembly_id   1 
_em_entity_assembly_recombinant.id                   2 
_em_entity_assembly_recombinant.ncbi_tax_id          7111 
_em_entity_assembly_recombinant.organism             'Trichoplusia ni' 
_em_entity_assembly_recombinant.plasmid              ? 
_em_entity_assembly_recombinant.strain               ? 
# 
_em_image_processing.details              ? 
_em_image_processing.id                   1 
_em_image_processing.image_recording_id   1 
# 
_em_image_recording.average_exposure_time               ? 
_em_image_recording.avg_electron_dose_per_subtomogram   ? 
_em_image_recording.avg_electron_dose_per_image         31.9 
_em_image_recording.details                             ? 
_em_image_recording.detector_mode                       INTEGRATING 
_em_image_recording.film_or_detector_model              'FEI FALCON III (4k x 4k)' 
_em_image_recording.id                                  1 
_em_image_recording.imaging_id                          1 
_em_image_recording.num_diffraction_images              ? 
_em_image_recording.num_grids_imaged                    1 
_em_image_recording.num_real_images                     4860 
# 
_em_particle_selection.details                  ? 
_em_particle_selection.id                       1 
_em_particle_selection.image_processing_id      1 
_em_particle_selection.method                   ? 
_em_particle_selection.num_particles_selected   389808 
_em_particle_selection.reference_model          ? 
# 
loop_
_em_software.category 
_em_software.details 
_em_software.id 
_em_software.image_processing_id 
_em_software.fitting_id 
_em_software.imaging_id 
_em_software.name 
_em_software.version 
_em_software.reference_DOI 
'PARTICLE SELECTION'            ? 1  1 ? ? ?         ? ? 
'IMAGE ACQUISITION'             ? 2  ? ? 1 ?         ? ? 
MASKING                         ? 3  ? ? ? ?         ? ? 
'CTF CORRECTION'                ? 4  1 ? ? ?         ? ? 
'LAYERLINE INDEXING'            ? 5  ? ? ? ?         ? ? 
'DIFFRACTION INDEXING'          ? 6  ? ? ? ?         ? ? 
'MODEL FITTING'                 ? 7  ? 1 ? ?         ? ? 
OTHER                           ? 8  ? ? ? ?         ? ? 
'INITIAL EULER ASSIGNMENT'      ? 9  1 ? ? ?         ? ? 
'FINAL EULER ASSIGNMENT'        ? 10 1 ? ? ?         ? ? 
CLASSIFICATION                  ? 11 1 ? ? ?         ? ? 
RECONSTRUCTION                  ? 12 1 ? ? cryoSPARC ? ? 
'MODEL REFINEMENT'              ? 13 ? 1 ? ?         ? ? 
'VOLUME SELECTION'              ? 14 1 1 1 ?         ? ? 
'SERIES ALIGNMENT'              ? 15 1 1 1 ?         ? ? 
'MOLECULAR REPLACEMENT'         ? 16 1 1 1 ?         ? ? 
'LATTICE DISTORTION CORRECTION' ? 17 1 1 1 ?         ? ? 
'SYMMETRY DETERMINATION'        ? 18 1 1 1 ?         ? ? 
'CRYSTALLOGRAPHY MERGING'       ? 19 1 1 1 ?         ? ? 
# 
_em_specimen.concentration           ? 
_em_specimen.details                 ? 
_em_specimen.embedding_applied       NO 
_em_specimen.experiment_id           1 
_em_specimen.id                      1 
_em_specimen.shadowing_applied       NO 
_em_specimen.staining_applied        NO 
_em_specimen.vitrification_applied   YES 
# 
_em_virus_natural_host.entity_assembly_id   1 
_em_virus_natural_host.id                   1 
_em_virus_natural_host.ncbi_tax_id          9986 
_em_virus_natural_host.organism             'Oryctolagus cuniculus' 
_em_virus_natural_host.strain               ? 
# 
_em_virus_shell.diameter             280.0 
_em_virus_shell.entity_assembly_id   1 
_em_virus_shell.id                   1 
_em_virus_shell.name                 ? 
_em_virus_shell.triangulation        1 
# 
loop_
_pdbx_audit_support.funding_organization 
_pdbx_audit_support.country 
_pdbx_audit_support.grant_number 
_pdbx_audit_support.ordinal 
'Spanish Ministry of Science, Innovation, and Universities' Spain PID2023-146143NB-I00 1 
'Spanish Ministry of Science, Innovation, and Universities' Spain PID2022-140925OB-I00 2 
# 
_atom_sites.entry_id                    9I3E 
_atom_sites.Cartn_transf_matrix[1][1]   ? 
_atom_sites.Cartn_transf_matrix[1][2]   ? 
_atom_sites.Cartn_transf_matrix[1][3]   ? 
_atom_sites.Cartn_transf_matrix[2][1]   ? 
_atom_sites.Cartn_transf_matrix[2][2]   ? 
_atom_sites.Cartn_transf_matrix[2][3]   ? 
_atom_sites.Cartn_transf_matrix[3][1]   ? 
_atom_sites.Cartn_transf_matrix[3][2]   ? 
_atom_sites.Cartn_transf_matrix[3][3]   ? 
_atom_sites.Cartn_transf_vector[1]      ? 
_atom_sites.Cartn_transf_vector[2]      ? 
_atom_sites.Cartn_transf_vector[3]      ? 
_atom_sites.Cartn_transform_axes        ? 
_atom_sites.fract_transf_matrix[1][1]   1.000000 
_atom_sites.fract_transf_matrix[1][2]   0.000000 
_atom_sites.fract_transf_matrix[1][3]   0.000000 
_atom_sites.fract_transf_matrix[2][1]   0.000000 
_atom_sites.fract_transf_matrix[2][2]   1.000000 
_atom_sites.fract_transf_matrix[2][3]   0.000000 
_atom_sites.fract_transf_matrix[3][1]   0.000000 
_atom_sites.fract_transf_matrix[3][2]   0.000000 
_atom_sites.fract_transf_matrix[3][3]   1.000000 
_atom_sites.fract_transf_vector[1]      0.00000 
_atom_sites.fract_transf_vector[2]      0.00000 
_atom_sites.fract_transf_vector[3]      0.00000 
_atom_sites.solution_primary            ? 
_atom_sites.solution_secondary          ? 
_atom_sites.solution_hydrogens          ? 
_atom_sites.special_details             ? 
# 
loop_
_atom_type.symbol 
C 
N 
O 
S 
# 
loop_
_atom_site.group_PDB 
_atom_site.id 
_atom_site.type_symbol 
_atom_site.label_atom_id 
_atom_site.label_alt_id 
_atom_site.label_comp_id 
_atom_site.label_asym_id 
_atom_site.label_entity_id 
_atom_site.label_seq_id 
_atom_site.pdbx_PDB_ins_code 
_atom_site.Cartn_x 
_atom_site.Cartn_y 
_atom_site.Cartn_z 
_atom_site.occupancy 
_atom_site.B_iso_or_equiv 
_atom_site.pdbx_formal_charge 
_atom_site.auth_seq_id 
_atom_site.auth_comp_id 
_atom_site.auth_asym_id 
_atom_site.auth_atom_id 
_atom_site.pdbx_PDB_model_num 
ATOM 1    N N   . GLY A 1 1   ? 20.915  7.679   14.930  1.00 61.52 ? 56  GLY 0 N   1 
ATOM 2    C CA  . GLY A 1 1   ? 19.593  7.293   15.388  1.00 60.79 ? 56  GLY 0 CA  1 
ATOM 3    C C   . GLY A 1 1   ? 19.609  6.634   16.754  1.00 62.96 ? 56  GLY 0 C   1 
ATOM 4    O O   . GLY A 1 1   ? 20.672  6.394   17.322  1.00 63.44 ? 56  GLY 0 O   1 
ATOM 5    N N   . GLY A 1 2   ? 18.423  6.340   17.280  1.00 58.16 ? 57  GLY 0 N   1 
ATOM 6    C CA  . GLY A 1 2   ? 18.301  5.714   18.573  1.00 55.44 ? 57  GLY 0 CA  1 
ATOM 7    C C   . GLY A 1 2   ? 17.867  4.265   18.488  1.00 56.83 ? 57  GLY 0 C   1 
ATOM 8    O O   . GLY A 1 2   ? 17.859  3.657   17.412  1.00 58.06 ? 57  GLY 0 O   1 
ATOM 9    N N   . PRO A 1 3   ? 17.498  3.681   19.626  1.00 54.54 ? 58  PRO 0 N   1 
ATOM 10   C CA  . PRO A 1 3   ? 17.052  2.283   19.645  1.00 55.71 ? 58  PRO 0 CA  1 
ATOM 11   C C   . PRO A 1 3   ? 15.653  2.146   19.068  1.00 52.89 ? 58  PRO 0 C   1 
ATOM 12   O O   . PRO A 1 3   ? 14.929  3.145   18.940  1.00 50.03 ? 58  PRO 0 O   1 
ATOM 13   C CB  . PRO A 1 3   ? 17.080  1.921   21.142  1.00 52.87 ? 58  PRO 0 CB  1 
ATOM 14   C CG  . PRO A 1 3   ? 17.792  3.058   21.825  1.00 52.11 ? 58  PRO 0 CG  1 
ATOM 15   C CD  . PRO A 1 3   ? 17.543  4.255   20.980  1.00 50.79 ? 58  PRO 0 CD  1 
ATOM 16   N N   . PRO A 1 4   ? 15.252  0.936   18.664  1.00 52.90 ? 59  PRO 0 N   1 
ATOM 17   C CA  . PRO A 1 4   ? 13.846  0.710   18.306  1.00 50.31 ? 59  PRO 0 CA  1 
ATOM 18   C C   . PRO A 1 4   ? 12.931  0.867   19.509  1.00 50.94 ? 59  PRO 0 C   1 
ATOM 19   O O   . PRO A 1 4   ? 13.280  0.484   20.629  1.00 53.48 ? 59  PRO 0 O   1 
ATOM 20   C CB  . PRO A 1 4   ? 13.842  -0.735  17.789  1.00 50.07 ? 59  PRO 0 CB  1 
ATOM 21   C CG  . PRO A 1 4   ? 15.068  -1.356  18.365  1.00 51.47 ? 59  PRO 0 CG  1 
ATOM 22   C CD  . PRO A 1 4   ? 16.079  -0.257  18.407  1.00 52.81 ? 59  PRO 0 CD  1 
ATOM 23   N N   . GLN A 1 5   ? 11.741  1.435   19.276  1.00 45.37 ? 60  GLN 0 N   1 
ATOM 24   C CA  . GLN A 1 5   ? 10.821  1.702   20.376  1.00 47.11 ? 60  GLN 0 CA  1 
ATOM 25   C C   . GLN A 1 5   ? 9.432   1.110   20.153  1.00 47.04 ? 60  GLN 0 C   1 
ATOM 26   O O   . GLN A 1 5   ? 8.491   1.489   20.857  1.00 46.90 ? 60  GLN 0 O   1 
ATOM 27   C CB  . GLN A 1 5   ? 10.695  3.206   20.654  1.00 42.94 ? 60  GLN 0 CB  1 
ATOM 28   C CG  . GLN A 1 5   ? 12.011  3.970   20.810  1.00 47.85 ? 60  GLN 0 CG  1 
ATOM 29   C CD  . GLN A 1 5   ? 12.923  3.415   21.897  1.00 51.40 ? 60  GLN 0 CD  1 
ATOM 30   O OE1 . GLN A 1 5   ? 14.137  3.356   21.721  1.00 53.08 ? 60  GLN 0 OE1 1 
ATOM 31   N NE2 . GLN A 1 5   ? 12.346  3.019   23.022  1.00 44.04 ? 60  GLN 0 NE2 1 
ATOM 32   N N   . GLN A 1 6   ? 9.269   0.196   19.196  1.00 45.88 ? 61  GLN 0 N   1 
ATOM 33   C CA  . GLN A 1 6   ? 8.028   -0.566  19.063  1.00 44.65 ? 61  GLN 0 CA  1 
ATOM 34   C C   . GLN A 1 6   ? 8.363   -2.045  18.847  1.00 49.01 ? 61  GLN 0 C   1 
ATOM 35   O O   . GLN A 1 6   ? 7.865   -2.711  17.945  1.00 51.58 ? 61  GLN 0 O   1 
ATOM 36   C CB  . GLN A 1 6   ? 7.130   -0.018  17.954  1.00 47.91 ? 61  GLN 0 CB  1 
ATOM 37   C CG  . GLN A 1 6   ? 6.468   1.324   18.281  1.00 46.16 ? 61  GLN 0 CG  1 
ATOM 38   C CD  . GLN A 1 6   ? 5.483   1.270   19.447  1.00 46.58 ? 61  GLN 0 CD  1 
ATOM 39   O OE1 . GLN A 1 6   ? 4.939   0.217   19.780  1.00 47.89 ? 61  GLN 0 OE1 1 
ATOM 40   N NE2 . GLN A 1 6   ? 5.261   2.418   20.077  1.00 43.49 ? 61  GLN 0 NE2 1 
ATOM 41   N N   . VAL A 1 7   ? 9.232   -2.563  19.714  1.00 67.19 ? 62  VAL 0 N   1 
ATOM 42   C CA  . VAL A 1 7   ? 9.591   -3.976  19.797  1.00 68.40 ? 62  VAL 0 CA  1 
ATOM 43   C C   . VAL A 1 7   ? 8.454   -4.762  20.441  1.00 66.03 ? 62  VAL 0 C   1 
ATOM 44   O O   . VAL A 1 7   ? 7.427   -4.181  20.817  1.00 60.94 ? 62  VAL 0 O   1 
ATOM 45   C CB  . VAL A 1 7   ? 10.909  -4.167  20.568  1.00 69.01 ? 62  VAL 0 CB  1 
ATOM 46   C CG1 . VAL A 1 7   ? 12.089  -3.734  19.710  1.00 65.20 ? 62  VAL 0 CG1 1 
ATOM 47   C CG2 . VAL A 1 7   ? 10.880  -3.390  21.869  1.00 66.11 ? 62  VAL 0 CG2 1 
ATOM 48   N N   . ASP A 1 8   ? 8.618   -6.094  20.520  1.00 71.77 ? 63  ASP 0 N   1 
ATOM 49   C CA  . ASP A 1 8   ? 7.607   -7.047  21.006  1.00 72.03 ? 63  ASP 0 CA  1 
ATOM 50   C C   . ASP A 1 8   ? 6.355   -7.037  20.131  1.00 71.68 ? 63  ASP 0 C   1 
ATOM 51   O O   . ASP A 1 8   ? 5.314   -6.515  20.532  1.00 73.05 ? 63  ASP 0 O   1 
ATOM 52   C CB  . ASP A 1 8   ? 7.246   -6.826  22.486  1.00 73.73 ? 63  ASP 0 CB  1 
ATOM 53   C CG  . ASP A 1 8   ? 6.771   -8.094  23.178  1.00 74.91 ? 63  ASP 0 CG  1 
ATOM 54   O OD1 . ASP A 1 8   ? 6.160   -8.965  22.521  1.00 72.68 ? 63  ASP 0 OD1 1 
ATOM 55   O OD2 . ASP A 1 8   ? 7.012   -8.221  24.397  1.00 75.60 ? 63  ASP 0 OD2 1 
ATOM 56   N N   . GLN A 1 9   ? 6.522   -7.528  18.898  1.00 58.14 ? 64  GLN 0 N   1 
ATOM 57   C CA  . GLN A 1 9   ? 5.454   -7.460  17.866  1.00 54.17 ? 64  GLN 0 CA  1 
ATOM 58   C C   . GLN A 1 9   ? 4.048   -7.782  18.377  1.00 57.59 ? 64  GLN 0 C   1 
ATOM 59   O O   . GLN A 1 9   ? 3.163   -6.918  18.205  1.00 64.27 ? 64  GLN 0 O   1 
ATOM 60   C CB  . GLN A 1 9   ? 5.793   -8.434  16.738  1.00 56.47 ? 64  GLN 0 CB  1 
ATOM 61   C CG  . GLN A 1 9   ? 7.096   -8.110  16.014  1.00 60.66 ? 64  GLN 0 CG  1 
ATOM 62   C CD  . GLN A 1 9   ? 6.911   -7.151  14.860  1.00 59.94 ? 64  GLN 0 CD  1 
ATOM 63   O OE1 . GLN A 1 9   ? 6.077   -7.364  13.971  1.00 60.91 ? 64  GLN 0 OE1 1 
ATOM 64   N NE2 . GLN A 1 9   ? 7.689   -6.079  14.864  1.00 53.37 ? 64  GLN 0 NE2 1 
ATOM 65   N N   . GLN A 1 10  ? 3.856   -8.968  18.967  1.00 65.69 ? 65  GLN 0 N   1 
ATOM 66   C CA  . GLN A 1 10  ? 2.511   -9.394  19.443  1.00 66.32 ? 65  GLN 0 CA  1 
ATOM 67   C C   . GLN A 1 10  ? 1.887   -8.276  20.297  1.00 64.44 ? 65  GLN 0 C   1 
ATOM 68   O O   . GLN A 1 10  ? 2.000   -8.338  21.540  1.00 64.99 ? 65  GLN 0 O   1 
ATOM 69   C CB  . GLN A 1 10  ? 2.618   -10.725 20.190  1.00 64.86 ? 65  GLN 0 CB  1 
ATOM 70   C CG  . GLN A 1 10  ? 3.813   -10.821 21.132  1.00 65.91 ? 65  GLN 0 CG  1 
ATOM 71   C CD  . GLN A 1 10  ? 3.415   -10.904 22.590  1.00 70.10 ? 65  GLN 0 CD  1 
ATOM 72   O OE1 . GLN A 1 10  ? 2.735   -11.842 23.019  1.00 69.75 ? 65  GLN 0 OE1 1 
ATOM 73   N NE2 . GLN A 1 10  ? 3.836   -9.916  23.366  1.00 68.19 ? 65  GLN 0 NE2 1 
ATOM 74   N N   . GLU A 1 11  ? 1.247   -7.298  19.648  1.00 56.83 ? 66  GLU 0 N   1 
ATOM 75   C CA  . GLU A 1 11  ? 0.601   -6.178  20.379  1.00 59.96 ? 66  GLU 0 CA  1 
ATOM 76   C C   . GLU A 1 11  ? -0.683  -5.785  19.636  1.00 59.12 ? 66  GLU 0 C   1 
ATOM 77   O O   . GLU A 1 11  ? -0.975  -4.569  19.585  1.00 62.67 ? 66  GLU 0 O   1 
ATOM 78   C CB  . GLU A 1 11  ? 1.562   -4.994  20.480  1.00 59.90 ? 66  GLU 0 CB  1 
ATOM 79   C CG  . GLU A 1 11  ? 1.674   -4.428  21.893  1.00 60.04 ? 66  GLU 0 CG  1 
ATOM 80   C CD  . GLU A 1 11  ? 2.250   -5.406  22.900  1.00 60.97 ? 66  GLU 0 CD  1 
ATOM 81   O OE1 . GLU A 1 11  ? 1.540   -5.742  23.870  1.00 60.71 ? 66  GLU 0 OE1 1 
ATOM 82   O OE2 . GLU A 1 11  ? 3.411   -5.829  22.717  1.00 63.65 ? 66  GLU 0 OE2 1 
ATOM 83   N N   . THR A 1 12  ? -1.399  -6.766  19.074  1.00 50.41 ? 67  THR 0 N   1 
ATOM 84   C CA  . THR A 1 12  ? -2.631  -6.494  18.292  1.00 46.76 ? 67  THR 0 CA  1 
ATOM 85   C C   . THR A 1 12  ? -2.266  -5.641  17.095  1.00 47.22 ? 67  THR 0 C   1 
ATOM 86   O O   . THR A 1 12  ? -2.209  -6.188  15.974  1.00 54.39 ? 67  THR 0 O   1 
ATOM 87   C CB  . THR A 1 12  ? -3.692  -5.835  19.174  1.00 51.05 ? 67  THR 0 CB  1 
ATOM 88   O OG1 . THR A 1 12  ? -3.866  -6.721  20.276  1.00 48.68 ? 67  THR 0 OG1 1 
ATOM 89   C CG2 . THR A 1 12  ? -5.013  -5.639  18.453  1.00 51.14 ? 67  THR 0 CG2 1 
ATOM 90   N N   . TRP A 1 13  ? -2.010  -4.348  17.312  1.00 37.31 ? 68  TRP 0 N   1 
ATOM 91   C CA  . TRP A 1 13  ? -1.545  -3.478  16.204  1.00 35.33 ? 68  TRP 0 CA  1 
ATOM 92   C C   . TRP A 1 13  ? -0.235  -4.039  15.650  1.00 41.92 ? 68  TRP 0 C   1 
ATOM 93   O O   . TRP A 1 13  ? 0.562   -4.532  16.479  1.00 49.17 ? 68  TRP 0 O   1 
ATOM 94   C CB  . TRP A 1 13  ? -1.384  -2.038  16.709  1.00 31.71 ? 68  TRP 0 CB  1 
ATOM 95   C CG  . TRP A 1 13  ? -0.377  -1.215  15.951  1.00 38.13 ? 68  TRP 0 CG  1 
ATOM 96   C CD1 . TRP A 1 13  ? -0.590  -0.518  14.799  1.00 41.73 ? 68  TRP 0 CD1 1 
ATOM 97   C CD2 . TRP A 1 13  ? 1.000   -0.975  16.315  1.00 42.77 ? 68  TRP 0 CD2 1 
ATOM 98   N NE1 . TRP A 1 13  ? 0.554   0.126   14.412  1.00 45.56 ? 68  TRP 0 NE1 1 
ATOM 99   C CE2 . TRP A 1 13  ? 1.546   -0.134  15.322  1.00 39.62 ? 68  TRP 0 CE2 1 
ATOM 100  C CE3 . TRP A 1 13  ? 1.817   -1.390  17.371  1.00 39.15 ? 68  TRP 0 CE3 1 
ATOM 101  C CZ2 . TRP A 1 13  ? 2.869   0.298   15.358  1.00 34.80 ? 68  TRP 0 CZ2 1 
ATOM 102  C CZ3 . TRP A 1 13  ? 3.124   -0.962  17.406  1.00 38.50 ? 68  TRP 0 CZ3 1 
ATOM 103  C CH2 . TRP A 1 13  ? 3.639   -0.127  16.415  1.00 38.40 ? 68  TRP 0 CH2 1 
ATOM 104  N N   . ARG A 1 14  ? -0.043  -4.005  14.323  1.00 27.88 ? 69  ARG 0 N   1 
ATOM 105  C CA  . ARG A 1 14  ? 1.193   -4.516  13.654  1.00 30.85 ? 69  ARG 0 CA  1 
ATOM 106  C C   . ARG A 1 14  ? 1.104   -6.047  13.492  1.00 34.82 ? 69  ARG 0 C   1 
ATOM 107  O O   . ARG A 1 14  ? 1.990   -6.619  12.818  1.00 37.29 ? 69  ARG 0 O   1 
ATOM 108  C CB  . ARG A 1 14  ? 2.497   -4.075  14.337  1.00 33.05 ? 69  ARG 0 CB  1 
ATOM 109  C CG  . ARG A 1 14  ? 3.186   -5.073  15.258  1.00 28.30 ? 69  ARG 0 CG  1 
ATOM 110  C CD  . ARG A 1 14  ? 4.622   -4.672  15.550  1.00 30.91 ? 69  ARG 0 CD  1 
ATOM 111  N NE  . ARG A 1 14  ? 4.842   -3.223  15.495  1.00 32.19 ? 69  ARG 0 NE  1 
ATOM 112  C CZ  . ARG A 1 14  ? 5.686   -2.639  14.654  1.00 34.25 ? 69  ARG 0 CZ  1 
ATOM 113  N NH1 . ARG A 1 14  ? 6.207   -3.332  13.657  1.00 33.92 ? 69  ARG 0 NH1 1 
ATOM 114  N NH2 . ARG A 1 14  ? 6.005   -1.367  14.808  1.00 33.82 ? 69  ARG 0 NH2 1 
ATOM 115  N N   . THR A 1 15  ? 0.071   -6.679  14.058  1.00 24.81 ? 70  THR 0 N   1 
ATOM 116  C CA  . THR A 1 15  ? -0.124  -8.137  13.882  1.00 31.61 ? 70  THR 0 CA  1 
ATOM 117  C C   . THR A 1 15  ? -1.458  -8.354  13.203  1.00 30.38 ? 70  THR 0 C   1 
ATOM 118  O O   . THR A 1 15  ? -1.719  -9.493  12.757  1.00 34.55 ? 70  THR 0 O   1 
ATOM 119  C CB  . THR A 1 15  ? -0.060  -8.843  15.235  1.00 34.14 ? 70  THR 0 CB  1 
ATOM 120  O OG1 . THR A 1 15  ? -1.299  -8.549  15.873  1.00 28.61 ? 70  THR 0 OG1 1 
ATOM 121  C CG2 . THR A 1 15  ? 1.098   -8.361  16.090  1.00 32.22 ? 70  THR 0 CG2 1 
ATOM 122  N N   . ASN A 1 16  ? -2.277  -7.302  13.124  1.00 21.44 ? 71  ASN 0 N   1 
ATOM 123  C CA  . ASN A 1 16  ? -3.620  -7.387  12.487  1.00 21.14 ? 71  ASN 0 CA  1 
ATOM 124  C C   . ASN A 1 16  ? -3.728  -6.305  11.408  1.00 19.87 ? 71  ASN 0 C   1 
ATOM 125  O O   . ASN A 1 16  ? -3.051  -5.263  11.544  1.00 23.29 ? 71  ASN 0 O   1 
ATOM 126  C CB  . ASN A 1 16  ? -4.734  -7.263  13.520  1.00 23.61 ? 71  ASN 0 CB  1 
ATOM 127  C CG  . ASN A 1 16  ? -4.567  -8.247  14.652  1.00 29.34 ? 71  ASN 0 CG  1 
ATOM 128  O OD1 . ASN A 1 16  ? -4.440  -7.844  15.813  1.00 27.42 ? 71  ASN 0 OD1 1 
ATOM 129  N ND2 . ASN A 1 16  ? -4.561  -9.534  14.339  1.00 30.49 ? 71  ASN 0 ND2 1 
ATOM 130  N N   . PHE A 1 17  ? -4.546  -6.544  10.378  1.00 22.25 ? 72  PHE 0 N   1 
ATOM 131  C CA  . PHE A 1 17  ? -4.696  -5.568  9.310   1.00 17.75 ? 72  PHE 0 CA  1 
ATOM 132  C C   . PHE A 1 17  ? -5.864  -4.638  9.609   1.00 17.91 ? 72  PHE 0 C   1 
ATOM 133  O O   . PHE A 1 17  ? -6.901  -5.065  10.123  1.00 22.70 ? 72  PHE 0 O   1 
ATOM 134  C CB  . PHE A 1 17  ? -4.913  -6.264  7.968   1.00 20.48 ? 72  PHE 0 CB  1 
ATOM 135  C CG  . PHE A 1 17  ? -3.682  -6.917  7.418   1.00 21.03 ? 72  PHE 0 CG  1 
ATOM 136  C CD1 . PHE A 1 17  ? -3.372  -8.227  7.745   1.00 22.50 ? 72  PHE 0 CD1 1 
ATOM 137  C CD2 . PHE A 1 17  ? -2.839  -6.226  6.565   1.00 21.29 ? 72  PHE 0 CD2 1 
ATOM 138  C CE1 . PHE A 1 17  ? -2.239  -8.833  7.235   1.00 20.56 ? 72  PHE 0 CE1 1 
ATOM 139  C CE2 . PHE A 1 17  ? -1.702  -6.828  6.053   1.00 23.18 ? 72  PHE 0 CE2 1 
ATOM 140  C CZ  . PHE A 1 17  ? -1.405  -8.132  6.389   1.00 20.10 ? 72  PHE 0 CZ  1 
ATOM 141  N N   . TYR A 1 18  ? -5.685  -3.362  9.285   1.00 21.62 ? 73  TYR 0 N   1 
ATOM 142  C CA  . TYR A 1 18  ? -6.702  -2.344  9.495   1.00 20.55 ? 73  TYR 0 CA  1 
ATOM 143  C C   . TYR A 1 18  ? -6.881  -1.547  8.212   1.00 16.41 ? 73  TYR 0 C   1 
ATOM 144  O O   . TYR A 1 18  ? -5.979  -1.467  7.377   1.00 24.95 ? 73  TYR 0 O   1 
ATOM 145  C CB  . TYR A 1 18  ? -6.335  -1.417  10.659  1.00 16.26 ? 73  TYR 0 CB  1 
ATOM 146  C CG  . TYR A 1 18  ? -6.103  -2.153  11.954  1.00 20.00 ? 73  TYR 0 CG  1 
ATOM 147  C CD1 . TYR A 1 18  ? -7.170  -2.607  12.716  1.00 19.75 ? 73  TYR 0 CD1 1 
ATOM 148  C CD2 . TYR A 1 18  ? -4.815  -2.411  12.408  1.00 24.23 ? 73  TYR 0 CD2 1 
ATOM 149  C CE1 . TYR A 1 18  ? -6.965  -3.287  13.901  1.00 20.44 ? 73  TYR 0 CE1 1 
ATOM 150  C CE2 . TYR A 1 18  ? -4.598  -3.094  13.592  1.00 26.70 ? 73  TYR 0 CE2 1 
ATOM 151  C CZ  . TYR A 1 18  ? -5.678  -3.527  14.333  1.00 20.99 ? 73  TYR 0 CZ  1 
ATOM 152  O OH  . TYR A 1 18  ? -5.470  -4.205  15.509  1.00 21.94 ? 73  TYR 0 OH  1 
ATOM 153  N N   . TYR A 1 19  ? -8.067  -0.959  8.069   1.00 11.61 ? 74  TYR 0 N   1 
ATOM 154  C CA  . TYR A 1 19  ? -8.454  -0.310  6.824   1.00 22.44 ? 74  TYR 0 CA  1 
ATOM 155  C C   . TYR A 1 19  ? -7.663  0.976   6.607   1.00 26.31 ? 74  TYR 0 C   1 
ATOM 156  O O   . TYR A 1 19  ? -7.463  1.766   7.532   1.00 29.91 ? 74  TYR 0 O   1 
ATOM 157  C CB  . TYR A 1 19  ? -9.957  -0.025  6.840   1.00 21.57 ? 74  TYR 0 CB  1 
ATOM 158  C CG  . TYR A 1 19  ? -10.434 1.064   5.904   1.00 19.26 ? 74  TYR 0 CG  1 
ATOM 159  C CD1 . TYR A 1 19  ? -10.622 0.807   4.553   1.00 20.51 ? 74  TYR 0 CD1 1 
ATOM 160  C CD2 . TYR A 1 19  ? -10.734 2.338   6.376   1.00 24.20 ? 74  TYR 0 CD2 1 
ATOM 161  C CE1 . TYR A 1 19  ? -11.069 1.793   3.694   1.00 26.93 ? 74  TYR 0 CE1 1 
ATOM 162  C CE2 . TYR A 1 19  ? -11.176 3.331   5.524   1.00 25.55 ? 74  TYR 0 CE2 1 
ATOM 163  C CZ  . TYR A 1 19  ? -11.344 3.051   4.186   1.00 27.22 ? 74  TYR 0 CZ  1 
ATOM 164  O OH  . TYR A 1 19  ? -11.787 4.035   3.335   1.00 26.18 ? 74  TYR 0 OH  1 
ATOM 165  N N   . ASN A 1 20  ? -7.211  1.176   5.371   1.00 23.61 ? 75  ASN 0 N   1 
ATOM 166  C CA  . ASN A 1 20  ? -6.446  2.356   4.992   1.00 18.50 ? 75  ASN 0 CA  1 
ATOM 167  C C   . ASN A 1 20  ? -7.203  3.234   4.002   1.00 23.28 ? 75  ASN 0 C   1 
ATOM 168  O O   . ASN A 1 20  ? -7.439  4.413   4.280   1.00 26.08 ? 75  ASN 0 O   1 
ATOM 169  C CB  . ASN A 1 20  ? -5.095  1.928   4.401   1.00 22.65 ? 75  ASN 0 CB  1 
ATOM 170  C CG  . ASN A 1 20  ? -4.235  3.108   3.991   1.00 28.44 ? 75  ASN 0 CG  1 
ATOM 171  O OD1 . ASN A 1 20  ? -4.292  4.179   4.592   1.00 28.56 ? 75  ASN 0 OD1 1 
ATOM 172  N ND2 . ASN A 1 20  ? -3.433  2.915   2.951   1.00 29.15 ? 75  ASN 0 ND2 1 
ATOM 173  N N   . ASP A 1 21  ? -7.598  2.683   2.858   1.00 21.65 ? 76  ASP 0 N   1 
ATOM 174  C CA  . ASP A 1 21  ? -8.264  3.456   1.818   1.00 24.04 ? 76  ASP 0 CA  1 
ATOM 175  C C   . ASP A 1 21  ? -9.034  2.491   0.928   1.00 25.62 ? 76  ASP 0 C   1 
ATOM 176  O O   . ASP A 1 21  ? -8.799  1.282   0.938   1.00 32.49 ? 76  ASP 0 O   1 
ATOM 177  C CB  . ASP A 1 21  ? -7.256  4.277   1.004   1.00 30.02 ? 76  ASP 0 CB  1 
ATOM 178  C CG  . ASP A 1 21  ? -7.897  5.445   0.280   1.00 32.87 ? 76  ASP 0 CG  1 
ATOM 179  O OD1 . ASP A 1 21  ? -9.007  5.855   0.679   1.00 30.10 ? 76  ASP 0 OD1 1 
ATOM 180  O OD2 . ASP A 1 21  ? -7.292  5.951   -0.687  1.00 38.81 ? 76  ASP 0 OD2 1 
ATOM 181  N N   . VAL A 1 22  ? -9.966  3.046   0.156   1.00 33.64 ? 77  VAL 0 N   1 
ATOM 182  C CA  . VAL A 1 22  ? -10.728 2.289   -0.829  1.00 29.34 ? 77  VAL 0 CA  1 
ATOM 183  C C   . VAL A 1 22  ? -10.695 3.057   -2.148  1.00 29.46 ? 77  VAL 0 C   1 
ATOM 184  O O   . VAL A 1 22  ? -10.812 4.288   -2.171  1.00 30.71 ? 77  VAL 0 O   1 
ATOM 185  C CB  . VAL A 1 22  ? -12.170 2.006   -0.332  1.00 23.65 ? 77  VAL 0 CB  1 
ATOM 186  C CG1 . VAL A 1 22  ? -12.905 3.286   0.061   1.00 26.98 ? 77  VAL 0 CG1 1 
ATOM 187  C CG2 . VAL A 1 22  ? -12.969 1.205   -1.354  1.00 24.68 ? 77  VAL 0 CG2 1 
ATOM 188  N N   . PHE A 1 23  ? -10.468 2.336   -3.244  1.00 28.94 ? 78  PHE 0 N   1 
ATOM 189  C CA  . PHE A 1 23  ? -10.436 2.930   -4.571  1.00 24.69 ? 78  PHE 0 CA  1 
ATOM 190  C C   . PHE A 1 23  ? -11.286 2.086   -5.507  1.00 25.85 ? 78  PHE 0 C   1 
ATOM 191  O O   . PHE A 1 23  ? -11.457 0.883   -5.298  1.00 28.09 ? 78  PHE 0 O   1 
ATOM 192  C CB  . PHE A 1 23  ? -8.998  3.063   -5.113  1.00 21.54 ? 78  PHE 0 CB  1 
ATOM 193  C CG  . PHE A 1 23  ? -8.284  1.749   -5.321  1.00 25.27 ? 78  PHE 0 CG  1 
ATOM 194  C CD1 . PHE A 1 23  ? -7.649  1.110   -4.265  1.00 27.97 ? 78  PHE 0 CD1 1 
ATOM 195  C CD2 . PHE A 1 23  ? -8.207  1.177   -6.584  1.00 26.56 ? 78  PHE 0 CD2 1 
ATOM 196  C CE1 . PHE A 1 23  ? -6.983  -0.087  -4.459  1.00 25.79 ? 78  PHE 0 CE1 1 
ATOM 197  C CE2 . PHE A 1 23  ? -7.543  -0.019  -6.783  1.00 25.63 ? 78  PHE 0 CE2 1 
ATOM 198  C CZ  . PHE A 1 23  ? -6.929  -0.648  -5.719  1.00 23.93 ? 78  PHE 0 CZ  1 
ATOM 199  N N   . THR A 1 24  ? -11.814 2.728   -6.543  1.00 32.92 ? 79  THR 0 N   1 
ATOM 200  C CA  . THR A 1 24  ? -12.725 2.082   -7.477  1.00 30.35 ? 79  THR 0 CA  1 
ATOM 201  C C   . THR A 1 24  ? -11.972 1.632   -8.725  1.00 28.14 ? 79  THR 0 C   1 
ATOM 202  O O   . THR A 1 24  ? -11.011 2.279   -9.151  1.00 29.83 ? 79  THR 0 O   1 
ATOM 203  C CB  . THR A 1 24  ? -13.886 3.013   -7.843  1.00 34.32 ? 79  THR 0 CB  1 
ATOM 204  O OG1 . THR A 1 24  ? -14.733 2.379   -8.808  1.00 37.52 ? 79  THR 0 OG1 1 
ATOM 205  C CG2 . THR A 1 24  ? -13.391 4.352   -8.383  1.00 29.75 ? 79  THR 0 CG2 1 
ATOM 206  N N   . TRP A 1 25  ? -12.384 0.492   -9.270  1.00 29.81 ? 80  TRP 0 N   1 
ATOM 207  C CA  . TRP A 1 25  ? -11.821 -0.046  -10.501 1.00 26.55 ? 80  TRP 0 CA  1 
ATOM 208  C C   . TRP A 1 25  ? -12.919 -0.062  -11.556 1.00 29.40 ? 80  TRP 0 C   1 
ATOM 209  O O   . TRP A 1 25  ? -13.952 -0.716  -11.373 1.00 32.35 ? 80  TRP 0 O   1 
ATOM 210  C CB  . TRP A 1 25  ? -11.261 -1.447  -10.256 1.00 28.88 ? 80  TRP 0 CB  1 
ATOM 211  C CG  . TRP A 1 25  ? -10.501 -2.044  -11.401 1.00 24.76 ? 80  TRP 0 CG  1 
ATOM 212  C CD1 . TRP A 1 25  ? -10.061 -1.407  -12.522 1.00 25.70 ? 80  TRP 0 CD1 1 
ATOM 213  C CD2 . TRP A 1 25  ? -10.090 -3.409  -11.528 1.00 26.82 ? 80  TRP 0 CD2 1 
ATOM 214  N NE1 . TRP A 1 25  ? -9.408  -2.291  -13.343 1.00 25.85 ? 80  TRP 0 NE1 1 
ATOM 215  C CE2 . TRP A 1 25  ? -9.409  -3.527  -12.754 1.00 25.83 ? 80  TRP 0 CE2 1 
ATOM 216  C CE3 . TRP A 1 25  ? -10.232 -4.544  -10.725 1.00 27.03 ? 80  TRP 0 CE3 1 
ATOM 217  C CZ2 . TRP A 1 25  ? -8.871  -4.732  -13.194 1.00 30.69 ? 80  TRP 0 CZ2 1 
ATOM 218  C CZ3 . TRP A 1 25  ? -9.700  -5.740  -11.166 1.00 28.33 ? 80  TRP 0 CZ3 1 
ATOM 219  C CH2 . TRP A 1 25  ? -9.027  -5.824  -12.387 1.00 31.04 ? 80  TRP 0 CH2 1 
ATOM 220  N N   . SER A 1 26  ? -12.699 0.645   -12.655 1.00 33.22 ? 81  SER 0 N   1 
ATOM 221  C CA  . SER A 1 26  ? -13.714 0.813   -13.681 1.00 35.21 ? 81  SER 0 CA  1 
ATOM 222  C C   . SER A 1 26  ? -13.431 -0.084  -14.881 1.00 35.65 ? 81  SER 0 C   1 
ATOM 223  O O   . SER A 1 26  ? -12.299 -0.510  -15.120 1.00 37.34 ? 81  SER 0 O   1 
ATOM 224  C CB  . SER A 1 26  ? -13.794 2.274   -14.128 1.00 36.92 ? 81  SER 0 CB  1 
ATOM 225  O OG  . SER A 1 26  ? -14.885 2.479   -15.008 1.00 39.03 ? 81  SER 0 OG  1 
ATOM 226  N N   . VAL A 1 27  ? -14.497 -0.377  -15.628 1.00 37.30 ? 82  VAL 0 N   1 
ATOM 227  C CA  . VAL A 1 27  ? -14.367 -1.160  -16.852 1.00 38.90 ? 82  VAL 0 CA  1 
ATOM 228  C C   . VAL A 1 27  ? -13.642 -0.354  -17.926 1.00 41.80 ? 82  VAL 0 C   1 
ATOM 229  O O   . VAL A 1 27  ? -12.760 -0.869  -18.624 1.00 44.11 ? 82  VAL 0 O   1 
ATOM 230  C CB  . VAL A 1 27  ? -15.762 -1.638  -17.310 1.00 37.75 ? 82  VAL 0 CB  1 
ATOM 231  C CG1 . VAL A 1 27  ? -15.825 -1.885  -18.813 1.00 37.91 ? 82  VAL 0 CG1 1 
ATOM 232  C CG2 . VAL A 1 27  ? -16.159 -2.893  -16.551 1.00 37.91 ? 82  VAL 0 CG2 1 
ATOM 233  N N   . ALA A 1 28  ? -13.951 0.940   -18.026 1.00 41.84 ? 83  ALA 0 N   1 
ATOM 234  C CA  . ALA A 1 28  ? -13.416 1.808   -19.068 1.00 42.49 ? 83  ALA 0 CA  1 
ATOM 235  C C   . ALA A 1 28  ? -11.992 2.288   -18.799 1.00 42.45 ? 83  ALA 0 C   1 
ATOM 236  O O   . ALA A 1 28  ? -11.527 3.198   -19.493 1.00 45.38 ? 83  ALA 0 O   1 
ATOM 237  C CB  . ALA A 1 28  ? -14.335 3.018   -19.259 1.00 44.37 ? 83  ALA 0 CB  1 
ATOM 238  N N   . ASP A 1 29  ? -11.295 1.721   -17.816 1.00 46.43 ? 84  ASP 0 N   1 
ATOM 239  C CA  . ASP A 1 29  ? -9.900  2.074   -17.587 1.00 43.01 ? 84  ASP 0 CA  1 
ATOM 240  C C   . ASP A 1 29  ? -9.017  1.476   -18.677 1.00 44.20 ? 84  ASP 0 C   1 
ATOM 241  O O   . ASP A 1 29  ? -9.174  0.310   -19.048 1.00 47.99 ? 84  ASP 0 O   1 
ATOM 242  C CB  . ASP A 1 29  ? -9.447  1.583   -16.214 1.00 38.86 ? 84  ASP 0 CB  1 
ATOM 243  C CG  . ASP A 1 29  ? -10.118 2.328   -15.078 1.00 48.30 ? 84  ASP 0 CG  1 
ATOM 244  O OD1 . ASP A 1 29  ? -10.833 3.313   -15.353 1.00 50.56 ? 84  ASP 0 OD1 1 
ATOM 245  O OD2 . ASP A 1 29  ? -9.929  1.933   -13.909 1.00 46.69 ? 84  ASP 0 OD2 1 
ATOM 246  N N   . ALA A 1 30  ? -8.105  2.291   -19.199 1.00 42.55 ? 85  ALA 0 N   1 
ATOM 247  C CA  . ALA A 1 30  ? -7.086  1.800   -20.113 1.00 41.20 ? 85  ALA 0 CA  1 
ATOM 248  C C   . ALA A 1 30  ? -6.157  0.841   -19.367 1.00 40.69 ? 85  ALA 0 C   1 
ATOM 249  O O   . ALA A 1 30  ? -5.845  1.079   -18.198 1.00 44.33 ? 85  ALA 0 O   1 
ATOM 250  C CB  . ALA A 1 30  ? -6.294  2.975   -20.695 1.00 42.61 ? 85  ALA 0 CB  1 
ATOM 251  N N   . PRO A 1 31  ? -5.687  -0.233  -20.006 1.00 39.97 ? 86  PRO 0 N   1 
ATOM 252  C CA  . PRO A 1 31  ? -4.969  -1.284  -19.270 1.00 39.88 ? 86  PRO 0 CA  1 
ATOM 253  C C   . PRO A 1 31  ? -3.532  -0.954  -18.892 1.00 42.05 ? 86  PRO 0 C   1 
ATOM 254  O O   . PRO A 1 31  ? -2.786  -1.873  -18.546 1.00 45.98 ? 86  PRO 0 O   1 
ATOM 255  C CB  . PRO A 1 31  ? -5.009  -2.480  -20.234 1.00 35.94 ? 86  PRO 0 CB  1 
ATOM 256  C CG  . PRO A 1 31  ? -5.258  -1.923  -21.573 1.00 43.50 ? 86  PRO 0 CG  1 
ATOM 257  C CD  . PRO A 1 31  ? -5.765  -0.523  -21.451 1.00 44.22 ? 86  PRO 0 CD  1 
ATOM 258  N N   . GLY A 1 32  ? -3.109  0.304   -18.946 1.00 37.63 ? 87  GLY 0 N   1 
ATOM 259  C CA  . GLY A 1 32  ? -1.821  0.690   -18.406 1.00 38.00 ? 87  GLY 0 CA  1 
ATOM 260  C C   . GLY A 1 32  ? -1.930  1.835   -17.421 1.00 41.76 ? 87  GLY 0 C   1 
ATOM 261  O O   . GLY A 1 32  ? -0.915  2.404   -17.004 1.00 43.73 ? 87  GLY 0 O   1 
ATOM 262  N N   . SER A 1 33  ? -3.158  2.178   -17.036 1.00 40.67 ? 88  SER 0 N   1 
ATOM 263  C CA  . SER A 1 33  ? -3.398  3.334   -16.188 1.00 39.27 ? 88  SER 0 CA  1 
ATOM 264  C C   . SER A 1 33  ? -3.011  3.042   -14.740 1.00 35.03 ? 88  SER 0 C   1 
ATOM 265  O O   . SER A 1 33  ? -2.743  1.903   -14.348 1.00 34.46 ? 88  SER 0 O   1 
ATOM 266  C CB  . SER A 1 33  ? -4.863  3.760   -16.270 1.00 36.90 ? 88  SER 0 CB  1 
ATOM 267  O OG  . SER A 1 33  ? -5.719  2.635   -16.325 1.00 40.02 ? 88  SER 0 OG  1 
ATOM 268  N N   . ILE A 1 34  ? -2.979  4.102   -13.936 1.00 37.52 ? 89  ILE 0 N   1 
ATOM 269  C CA  . ILE A 1 34  ? -2.523  4.041   -12.555 1.00 34.46 ? 89  ILE 0 CA  1 
ATOM 270  C C   . ILE A 1 34  ? -3.673  4.436   -11.639 1.00 34.27 ? 89  ILE 0 C   1 
ATOM 271  O O   . ILE A 1 34  ? -4.255  5.516   -11.796 1.00 39.62 ? 89  ILE 0 O   1 
ATOM 272  C CB  . ILE A 1 34  ? -1.304  4.954   -12.322 1.00 36.36 ? 89  ILE 0 CB  1 
ATOM 273  C CG1 . ILE A 1 34  ? -0.144  4.540   -13.240 1.00 38.77 ? 89  ILE 0 CG1 1 
ATOM 274  C CG2 . ILE A 1 34  ? -0.919  4.955   -10.848 1.00 34.18 ? 89  ILE 0 CG2 1 
ATOM 275  C CD1 . ILE A 1 34  ? 1.238   4.976   -12.778 1.00 38.95 ? 89  ILE 0 CD1 1 
ATOM 276  N N   . LEU A 1 35  ? -3.996  3.562   -10.690 1.00 25.07 ? 90  LEU 0 N   1 
ATOM 277  C CA  . LEU A 1 35  ? -4.938  3.858   -9.622  1.00 30.22 ? 90  LEU 0 CA  1 
ATOM 278  C C   . LEU A 1 35  ? -4.260  3.581   -8.290  1.00 33.36 ? 90  LEU 0 C   1 
ATOM 279  O O   . LEU A 1 35  ? -3.385  2.715   -8.209  1.00 36.79 ? 90  LEU 0 O   1 
ATOM 280  C CB  . LEU A 1 35  ? -6.217  3.022   -9.745  1.00 31.09 ? 90  LEU 0 CB  1 
ATOM 281  C CG  . LEU A 1 35  ? -6.272  1.966   -10.850 1.00 35.03 ? 90  LEU 0 CG  1 
ATOM 282  C CD1 . LEU A 1 35  ? -6.819  0.659   -10.313 1.00 26.27 ? 90  LEU 0 CD1 1 
ATOM 283  C CD2 . LEU A 1 35  ? -7.124  2.458   -12.006 1.00 29.10 ? 90  LEU 0 CD2 1 
ATOM 284  N N   . TYR A 1 36  ? -4.661  4.336   -7.261  1.00 29.60 ? 91  TYR 0 N   1 
ATOM 285  C CA  . TYR A 1 36  ? -4.186  4.216   -5.881  1.00 29.42 ? 91  TYR 0 CA  1 
ATOM 286  C C   . TYR A 1 36  ? -2.666  4.384   -5.806  1.00 29.26 ? 91  TYR 0 C   1 
ATOM 287  O O   . TYR A 1 36  ? -1.919  3.406   -5.708  1.00 29.21 ? 91  TYR 0 O   1 
ATOM 288  C CB  . TYR A 1 36  ? -4.657  2.897   -5.239  1.00 22.16 ? 91  TYR 0 CB  1 
ATOM 289  C CG  . TYR A 1 36  ? -4.131  2.663   -3.831  1.00 30.79 ? 91  TYR 0 CG  1 
ATOM 290  C CD1 . TYR A 1 36  ? -4.508  3.504   -2.790  1.00 27.50 ? 91  TYR 0 CD1 1 
ATOM 291  C CD2 . TYR A 1 36  ? -3.271  1.607   -3.545  1.00 28.63 ? 91  TYR 0 CD2 1 
ATOM 292  C CE1 . TYR A 1 36  ? -4.035  3.309   -1.508  1.00 25.16 ? 91  TYR 0 CE1 1 
ATOM 293  C CE2 . TYR A 1 36  ? -2.790  1.406   -2.264  1.00 25.33 ? 91  TYR 0 CE2 1 
ATOM 294  C CZ  . TYR A 1 36  ? -3.180  2.260   -1.251  1.00 27.02 ? 91  TYR 0 CZ  1 
ATOM 295  O OH  . TYR A 1 36  ? -2.711  2.067   0.026   1.00 33.86 ? 91  TYR 0 OH  1 
ATOM 296  N N   . THR A 1 37  ? -2.187  5.604   -6.007  1.00 31.30 ? 92  THR 0 N   1 
ATOM 297  C CA  . THR A 1 37  ? -0.794  5.925   -5.724  1.00 27.00 ? 92  THR 0 CA  1 
ATOM 298  C C   . THR A 1 37  ? -0.678  6.348   -4.265  1.00 28.36 ? 92  THR 0 C   1 
ATOM 299  O O   . THR A 1 37  ? -1.250  7.367   -3.863  1.00 38.22 ? 92  THR 0 O   1 
ATOM 300  C CB  . THR A 1 37  ? -0.287  7.032   -6.647  1.00 35.07 ? 92  THR 0 CB  1 
ATOM 301  O OG1 . THR A 1 37  ? -0.327  6.576   -8.003  1.00 37.83 ? 92  THR 0 OG1 1 
ATOM 302  C CG2 . THR A 1 37  ? 1.140   7.403   -6.288  1.00 34.65 ? 92  THR 0 CG2 1 
ATOM 303  N N   . VAL A 1 38  ? 0.055   5.566   -3.471  1.00 19.87 ? 93  VAL 0 N   1 
ATOM 304  C CA  . VAL A 1 38  ? 0.234   5.855   -2.055  1.00 25.47 ? 93  VAL 0 CA  1 
ATOM 305  C C   . VAL A 1 38  ? 1.725   5.962   -1.762  1.00 26.34 ? 93  VAL 0 C   1 
ATOM 306  O O   . VAL A 1 38  ? 2.570   5.455   -2.504  1.00 34.68 ? 93  VAL 0 O   1 
ATOM 307  C CB  . VAL A 1 38  ? -0.454  4.799   -1.147  1.00 29.31 ? 93  VAL 0 CB  1 
ATOM 308  C CG1 . VAL A 1 38  ? 0.480   3.646   -0.789  1.00 27.58 ? 93  VAL 0 CG1 1 
ATOM 309  C CG2 . VAL A 1 38  ? -1.018  5.452   0.107   1.00 29.31 ? 93  VAL 0 CG2 1 
ATOM 310  N N   . GLN A 1 39  ? 2.041   6.665   -0.680  1.00 30.76 ? 94  GLN 0 N   1 
ATOM 311  C CA  . GLN A 1 39  ? 3.409   6.961   -0.293  1.00 21.06 ? 94  GLN 0 CA  1 
ATOM 312  C C   . GLN A 1 39  ? 3.706   6.333   1.059   1.00 23.18 ? 94  GLN 0 C   1 
ATOM 313  O O   . GLN A 1 39  ? 2.814   6.185   1.900   1.00 28.84 ? 94  GLN 0 O   1 
ATOM 314  C CB  . GLN A 1 39  ? 3.637   8.475   -0.229  1.00 25.42 ? 94  GLN 0 CB  1 
ATOM 315  C CG  . GLN A 1 39  ? 5.068   8.904   -0.459  1.00 30.79 ? 94  GLN 0 CG  1 
ATOM 316  C CD  . GLN A 1 39  ? 5.174   10.219  -1.203  1.00 30.91 ? 94  GLN 0 CD  1 
ATOM 317  O OE1 . GLN A 1 39  ? 4.166   10.805  -1.598  1.00 29.20 ? 94  GLN 0 OE1 1 
ATOM 318  N NE2 . GLN A 1 39  ? 6.398   10.694  -1.394  1.00 27.28 ? 94  GLN 0 NE2 1 
ATOM 319  N N   . HIS A 1 40  ? 4.966   5.955   1.264   1.00 20.68 ? 95  HIS 0 N   1 
ATOM 320  C CA  . HIS A 1 40  ? 5.381   5.316   2.510   1.00 23.32 ? 95  HIS 0 CA  1 
ATOM 321  C C   . HIS A 1 40  ? 5.414   6.356   3.619   1.00 26.46 ? 95  HIS 0 C   1 
ATOM 322  O O   . HIS A 1 40  ? 6.357   7.140   3.733   1.00 31.52 ? 95  HIS 0 O   1 
ATOM 323  C CB  . HIS A 1 40  ? 6.738   4.647   2.344   1.00 21.81 ? 95  HIS 0 CB  1 
ATOM 324  C CG  . HIS A 1 40  ? 7.013   3.593   3.370   1.00 26.46 ? 95  HIS 0 CG  1 
ATOM 325  N ND1 . HIS A 1 40  ? 8.200   3.522   4.065   1.00 26.35 ? 95  HIS 0 ND1 1 
ATOM 326  C CD2 . HIS A 1 40  ? 6.247   2.578   3.831   1.00 19.55 ? 95  HIS 0 CD2 1 
ATOM 327  C CE1 . HIS A 1 40  ? 8.158   2.501   4.900   1.00 24.01 ? 95  HIS 0 CE1 1 
ATOM 328  N NE2 . HIS A 1 40  ? 6.982   1.912   4.780   1.00 14.00 ? 95  HIS 0 NE2 1 
ATOM 329  N N   . SER A 1 41  ? 4.375   6.362   4.440   1.00 22.96 ? 96  SER 0 N   1 
ATOM 330  C CA  . SER A 1 41  ? 4.201   7.305   5.528   1.00 16.63 ? 96  SER 0 CA  1 
ATOM 331  C C   . SER A 1 41  ? 3.555   6.562   6.686   1.00 25.15 ? 96  SER 0 C   1 
ATOM 332  O O   . SER A 1 41  ? 2.900   5.535   6.475   1.00 28.43 ? 96  SER 0 O   1 
ATOM 333  C CB  . SER A 1 41  ? 3.329   8.492   5.091   1.00 26.82 ? 96  SER 0 CB  1 
ATOM 334  O OG  . SER A 1 41  ? 1.953   8.182   5.206   1.00 30.65 ? 96  SER 0 OG  1 
ATOM 335  N N   . PRO A 1 42  ? 3.727   7.044   7.923   1.00 33.51 ? 97  PRO 0 N   1 
ATOM 336  C CA  . PRO A 1 42  ? 2.978   6.449   9.041   1.00 23.52 ? 97  PRO 0 CA  1 
ATOM 337  C C   . PRO A 1 42  ? 1.512   6.847   9.081   1.00 19.95 ? 97  PRO 0 C   1 
ATOM 338  O O   . PRO A 1 42  ? 0.781   6.336   9.939   1.00 24.17 ? 97  PRO 0 O   1 
ATOM 339  C CB  . PRO A 1 42  ? 3.720   6.962   10.285  1.00 21.13 ? 97  PRO 0 CB  1 
ATOM 340  C CG  . PRO A 1 42  ? 4.935   7.636   9.798   1.00 24.31 ? 97  PRO 0 CG  1 
ATOM 341  C CD  . PRO A 1 42  ? 4.685   8.053   8.398   1.00 27.08 ? 97  PRO 0 CD  1 
ATOM 342  N N   . GLN A 1 43  ? 1.060   7.725   8.190   1.00 24.52 ? 98  GLN 0 N   1 
ATOM 343  C CA  . GLN A 1 43  ? -0.351  8.099   8.100   1.00 30.17 ? 98  GLN 0 CA  1 
ATOM 344  C C   . GLN A 1 43  ? -1.114  7.164   7.166   1.00 26.77 ? 98  GLN 0 C   1 
ATOM 345  O O   . GLN A 1 43  ? -1.864  7.590   6.291   1.00 32.09 ? 98  GLN 0 O   1 
ATOM 346  C CB  . GLN A 1 43  ? -0.469  9.547   7.641   1.00 29.03 ? 98  GLN 0 CB  1 
ATOM 347  C CG  . GLN A 1 43  ? 0.074   10.558  8.632   1.00 31.58 ? 98  GLN 0 CG  1 
ATOM 348  C CD  . GLN A 1 43  ? -1.007  11.146  9.514   1.00 38.47 ? 98  GLN 0 CD  1 
ATOM 349  O OE1 . GLN A 1 43  ? -1.951  11.768  9.026   1.00 35.58 ? 98  GLN 0 OE1 1 
ATOM 350  N NE2 . GLN A 1 43  ? -0.875  10.954  10.821  1.00 32.53 ? 98  GLN 0 NE2 1 
ATOM 351  N N   . ASN A 1 44  ? -0.927  5.865   7.370   1.00 23.65 ? 99  ASN 0 N   1 
ATOM 352  C CA  . ASN A 1 44  ? -1.658  4.821   6.674   1.00 24.20 ? 99  ASN 0 CA  1 
ATOM 353  C C   . ASN A 1 44  ? -2.406  3.901   7.619   1.00 30.23 ? 99  ASN 0 C   1 
ATOM 354  O O   . ASN A 1 44  ? -3.550  3.541   7.335   1.00 37.53 ? 99  ASN 0 O   1 
ATOM 355  C CB  . ASN A 1 44  ? -0.703  3.979   5.814   1.00 23.93 ? 99  ASN 0 CB  1 
ATOM 356  C CG  . ASN A 1 44  ? -0.162  4.742   4.622   1.00 27.52 ? 99  ASN 0 CG  1 
ATOM 357  O OD1 . ASN A 1 44  ? -0.647  5.823   4.288   1.00 28.46 ? 99  ASN 0 OD1 1 
ATOM 358  N ND2 . ASN A 1 44  ? 0.849   4.182   3.970   1.00 28.05 ? 99  ASN 0 ND2 1 
ATOM 359  N N   . ASN A 1 45  ? -1.798  3.529   8.739   1.00 27.53 ? 100 ASN 0 N   1 
ATOM 360  C CA  . ASN A 1 45  ? -2.446  2.823   9.823   1.00 16.81 ? 100 ASN 0 CA  1 
ATOM 361  C C   . ASN A 1 45  ? -2.742  3.811   10.938  1.00 25.46 ? 100 ASN 0 C   1 
ATOM 362  O O   . ASN A 1 45  ? -1.879  4.640   11.253  1.00 28.91 ? 100 ASN 0 O   1 
ATOM 363  C CB  . ASN A 1 45  ? -1.544  1.693   10.334  1.00 12.60 ? 100 ASN 0 CB  1 
ATOM 364  C CG  . ASN A 1 45  ? -2.315  0.600   11.038  1.00 26.06 ? 100 ASN 0 CG  1 
ATOM 365  O OD1 . ASN A 1 45  ? -3.325  0.117   10.536  1.00 37.16 ? 100 ASN 0 OD1 1 
ATOM 366  N ND2 . ASN A 1 45  ? -1.829  0.194   12.203  1.00 29.63 ? 100 ASN 0 ND2 1 
ATOM 367  N N   . PRO A 1 46  ? -3.941  3.784   11.531  1.00 29.99 ? 101 PRO 0 N   1 
ATOM 368  C CA  . PRO A 1 46  ? -4.305  4.839   12.495  1.00 26.67 ? 101 PRO 0 CA  1 
ATOM 369  C C   . PRO A 1 46  ? -3.558  4.751   13.812  1.00 21.93 ? 101 PRO 0 C   1 
ATOM 370  O O   . PRO A 1 46  ? -3.253  5.791   14.409  1.00 30.76 ? 101 PRO 0 O   1 
ATOM 371  C CB  . PRO A 1 46  ? -5.813  4.628   12.692  1.00 23.96 ? 101 PRO 0 CB  1 
ATOM 372  C CG  . PRO A 1 46  ? -6.236  3.751   11.559  1.00 26.13 ? 101 PRO 0 CG  1 
ATOM 373  C CD  . PRO A 1 46  ? -5.068  2.880   11.270  1.00 19.55 ? 101 PRO 0 CD  1 
ATOM 374  N N   . PHE A 1 47  ? -3.267  3.540   14.285  1.00 19.10 ? 102 PHE 0 N   1 
ATOM 375  C CA  . PHE A 1 47  ? -2.434  3.388   15.471  1.00 22.29 ? 102 PHE 0 CA  1 
ATOM 376  C C   . PHE A 1 47  ? -1.006  3.832   15.192  1.00 17.43 ? 102 PHE 0 C   1 
ATOM 377  O O   . PHE A 1 47  ? -0.373  4.480   16.034  1.00 23.64 ? 102 PHE 0 O   1 
ATOM 378  C CB  . PHE A 1 47  ? -2.485  1.939   15.943  1.00 21.58 ? 102 PHE 0 CB  1 
ATOM 379  C CG  . PHE A 1 47  ? -3.874  1.377   15.982  1.00 23.73 ? 102 PHE 0 CG  1 
ATOM 380  C CD1 . PHE A 1 47  ? -4.800  1.854   16.893  1.00 19.51 ? 102 PHE 0 CD1 1 
ATOM 381  C CD2 . PHE A 1 47  ? -4.263  0.395   15.089  1.00 24.11 ? 102 PHE 0 CD2 1 
ATOM 382  C CE1 . PHE A 1 47  ? -6.083  1.348   16.926  1.00 19.83 ? 102 PHE 0 CE1 1 
ATOM 383  C CE2 . PHE A 1 47  ? -5.547  -0.112  15.118  1.00 23.44 ? 102 PHE 0 CE2 1 
ATOM 384  C CZ  . PHE A 1 47  ? -6.456  0.364   16.036  1.00 22.91 ? 102 PHE 0 CZ  1 
ATOM 385  N N   . THR A 1 48  ? -0.500  3.514   13.999  1.00 19.06 ? 103 THR 0 N   1 
ATOM 386  C CA  . THR A 1 48  ? 0.782   4.047   13.555  1.00 19.13 ? 103 THR 0 CA  1 
ATOM 387  C C   . THR A 1 48  ? 0.744   5.566   13.436  1.00 17.31 ? 103 THR 0 C   1 
ATOM 388  O O   . THR A 1 48  ? 1.725   6.237   13.770  1.00 27.99 ? 103 THR 0 O   1 
ATOM 389  C CB  . THR A 1 48  ? 1.166   3.400   12.224  1.00 15.56 ? 103 THR 0 CB  1 
ATOM 390  O OG1 . THR A 1 48  ? 1.088   1.976   12.348  1.00 20.60 ? 103 THR 0 OG1 1 
ATOM 391  C CG2 . THR A 1 48  ? 2.560   3.775   11.813  1.00 15.31 ? 103 THR 0 CG2 1 
ATOM 392  N N   . ALA A 1 49  ? -0.394  6.125   13.011  1.00 6.97  ? 104 ALA 0 N   1 
ATOM 393  C CA  . ALA A 1 49  ? -0.533  7.577   12.915  1.00 15.28 ? 104 ALA 0 CA  1 
ATOM 394  C C   . ALA A 1 49  ? -0.496  8.244   14.288  1.00 23.26 ? 104 ALA 0 C   1 
ATOM 395  O O   . ALA A 1 49  ? 0.173   9.270   14.468  1.00 26.12 ? 104 ALA 0 O   1 
ATOM 396  C CB  . ALA A 1 49  ? -1.826  7.927   12.184  1.00 17.26 ? 104 ALA 0 CB  1 
ATOM 397  N N   . VAL A 1 50  ? -1.185  7.675   15.280  1.00 21.33 ? 105 VAL 0 N   1 
ATOM 398  C CA  . VAL A 1 50  ? -1.172  8.312   16.594  1.00 24.20 ? 105 VAL 0 CA  1 
ATOM 399  C C   . VAL A 1 50  ? 0.135   8.070   17.348  1.00 28.64 ? 105 VAL 0 C   1 
ATOM 400  O O   . VAL A 1 50  ? 0.537   8.923   18.153  1.00 37.55 ? 105 VAL 0 O   1 
ATOM 401  C CB  . VAL A 1 50  ? -2.392  7.896   17.438  1.00 23.39 ? 105 VAL 0 CB  1 
ATOM 402  C CG1 . VAL A 1 50  ? -3.678  8.324   16.745  1.00 25.44 ? 105 VAL 0 CG1 1 
ATOM 403  C CG2 . VAL A 1 50  ? -2.413  6.416   17.700  1.00 17.79 ? 105 VAL 0 CG2 1 
ATOM 404  N N   . LEU A 1 51  ? 0.846   6.966   17.095  1.00 18.92 ? 106 LEU 0 N   1 
ATOM 405  C CA  . LEU A 1 51  ? 2.184   6.874   17.670  1.00 16.27 ? 106 LEU 0 CA  1 
ATOM 406  C C   . LEU A 1 51  ? 3.208   7.703   16.901  1.00 17.90 ? 106 LEU 0 C   1 
ATOM 407  O O   . LEU A 1 51  ? 4.256   8.043   17.457  1.00 28.58 ? 106 LEU 0 O   1 
ATOM 408  C CB  . LEU A 1 51  ? 2.650   5.423   17.775  1.00 22.05 ? 106 LEU 0 CB  1 
ATOM 409  C CG  . LEU A 1 51  ? 1.779   4.461   18.576  1.00 14.91 ? 106 LEU 0 CG  1 
ATOM 410  C CD1 . LEU A 1 51  ? 1.846   3.073   17.994  1.00 20.68 ? 106 LEU 0 CD1 1 
ATOM 411  C CD2 . LEU A 1 51  ? 2.235   4.446   20.017  1.00 20.82 ? 106 LEU 0 CD2 1 
ATOM 412  N N   . SER A 1 52  ? 2.938   8.038   15.637  1.00 20.74 ? 107 SER 0 N   1 
ATOM 413  C CA  . SER A 1 52  ? 3.778   9.012   14.948  1.00 26.46 ? 107 SER 0 CA  1 
ATOM 414  C C   . SER A 1 52  ? 3.508   10.416  15.461  1.00 25.58 ? 107 SER 0 C   1 
ATOM 415  O O   . SER A 1 52  ? 4.377   11.289  15.374  1.00 25.16 ? 107 SER 0 O   1 
ATOM 416  C CB  . SER A 1 52  ? 3.550   8.939   13.440  1.00 21.50 ? 107 SER 0 CB  1 
ATOM 417  O OG  . SER A 1 52  ? 2.324   9.549   13.079  1.00 23.48 ? 107 SER 0 OG  1 
ATOM 418  N N   . GLN A 1 53  ? 2.294   10.659  15.950  1.00 24.35 ? 108 GLN 0 N   1 
ATOM 419  C CA  . GLN A 1 53  ? 2.050   11.851  16.755  1.00 26.58 ? 108 GLN 0 CA  1 
ATOM 420  C C   . GLN A 1 53  ? 2.828   11.787  18.068  1.00 20.75 ? 108 GLN 0 C   1 
ATOM 421  O O   . GLN A 1 53  ? 3.377   12.798  18.524  1.00 19.71 ? 108 GLN 0 O   1 
ATOM 422  C CB  . GLN A 1 53  ? 0.546   12.009  16.996  1.00 27.92 ? 108 GLN 0 CB  1 
ATOM 423  C CG  . GLN A 1 53  ? 0.156   12.851  18.194  1.00 27.03 ? 108 GLN 0 CG  1 
ATOM 424  C CD  . GLN A 1 53  ? -0.945  12.215  19.012  1.00 29.58 ? 108 GLN 0 CD  1 
ATOM 425  O OE1 . GLN A 1 53  ? -1.767  11.464  18.489  1.00 17.74 ? 108 GLN 0 OE1 1 
ATOM 426  N NE2 . GLN A 1 53  ? -0.972  12.517  20.302  1.00 32.09 ? 108 GLN 0 NE2 1 
ATOM 427  N N   . MET A 1 54  ? 2.906   10.597  18.673  1.00 27.35 ? 109 MET 0 N   1 
ATOM 428  C CA  . MET A 1 54  ? 3.663   10.423  19.914  1.00 23.97 ? 109 MET 0 CA  1 
ATOM 429  C C   . MET A 1 54  ? 5.166   10.577  19.698  1.00 18.01 ? 109 MET 0 C   1 
ATOM 430  O O   . MET A 1 54  ? 5.846   11.266  20.465  1.00 20.98 ? 109 MET 0 O   1 
ATOM 431  C CB  . MET A 1 54  ? 3.365   9.050   20.515  1.00 23.48 ? 109 MET 0 CB  1 
ATOM 432  C CG  . MET A 1 54  ? 3.408   8.991   22.026  1.00 17.69 ? 109 MET 0 CG  1 
ATOM 433  S SD  . MET A 1 54  ? 2.726   7.437   22.631  1.00 32.06 ? 109 MET 0 SD  1 
ATOM 434  C CE  . MET A 1 54  ? 4.143   6.766   23.493  1.00 20.06 ? 109 MET 0 CE  1 
ATOM 435  N N   . TYR A 1 55  ? 5.706   9.926   18.671  1.00 29.25 ? 110 TYR 0 N   1 
ATOM 436  C CA  . TYR A 1 55  ? 7.144   9.800   18.491  1.00 19.54 ? 110 TYR 0 CA  1 
ATOM 437  C C   . TYR A 1 55  ? 7.661   10.790  17.449  1.00 19.26 ? 110 TYR 0 C   1 
ATOM 438  O O   . TYR A 1 55  ? 6.904   11.402  16.695  1.00 28.31 ? 110 TYR 0 O   1 
ATOM 439  C CB  . TYR A 1 55  ? 7.504   8.367   18.094  1.00 22.13 ? 110 TYR 0 CB  1 
ATOM 440  C CG  . TYR A 1 55  ? 7.516   7.385   19.242  1.00 18.87 ? 110 TYR 0 CG  1 
ATOM 441  C CD1 . TYR A 1 55  ? 8.668   7.180   19.988  1.00 19.12 ? 110 TYR 0 CD1 1 
ATOM 442  C CD2 . TYR A 1 55  ? 6.379   6.665   19.580  1.00 17.30 ? 110 TYR 0 CD2 1 
ATOM 443  C CE1 . TYR A 1 55  ? 8.692   6.288   21.036  1.00 21.72 ? 110 TYR 0 CE1 1 
ATOM 444  C CE2 . TYR A 1 55  ? 6.391   5.765   20.630  1.00 25.17 ? 110 TYR 0 CE2 1 
ATOM 445  C CZ  . TYR A 1 55  ? 7.551   5.584   21.354  1.00 29.75 ? 110 TYR 0 CZ  1 
ATOM 446  O OH  . TYR A 1 55  ? 7.577   4.693   22.400  1.00 30.46 ? 110 TYR 0 OH  1 
ATOM 447  N N   . ALA A 1 56  ? 8.984   10.931  17.402  1.00 21.39 ? 111 ALA 0 N   1 
ATOM 448  C CA  . ALA A 1 56  ? 9.658   11.769  16.414  1.00 22.77 ? 111 ALA 0 CA  1 
ATOM 449  C C   . ALA A 1 56  ? 10.581  10.870  15.608  1.00 24.74 ? 111 ALA 0 C   1 
ATOM 450  O O   . ALA A 1 56  ? 11.623  10.449  16.111  1.00 29.38 ? 111 ALA 0 O   1 
ATOM 451  C CB  . ALA A 1 56  ? 10.448  12.898  17.075  1.00 23.46 ? 111 ALA 0 CB  1 
ATOM 452  N N   . GLY A 1 57  ? 10.194  10.545  14.381  1.00 25.25 ? 112 GLY 0 N   1 
ATOM 453  C CA  . GLY A 1 57  ? 11.039  9.706   13.558  1.00 20.19 ? 112 GLY 0 CA  1 
ATOM 454  C C   . GLY A 1 57  ? 10.574  8.268   13.516  1.00 17.20 ? 112 GLY 0 C   1 
ATOM 455  O O   . GLY A 1 57  ? 10.065  7.750   14.513  1.00 26.39 ? 112 GLY 0 O   1 
ATOM 456  N N   . TRP A 1 58  ? 10.752  7.606   12.376  1.00 8.86  ? 113 TRP 0 N   1 
ATOM 457  C CA  . TRP A 1 58  ? 10.256  6.247   12.211  1.00 15.15 ? 113 TRP 0 CA  1 
ATOM 458  C C   . TRP A 1 58  ? 11.115  5.518   11.191  1.00 23.55 ? 113 TRP 0 C   1 
ATOM 459  O O   . TRP A 1 58  ? 11.807  6.136   10.378  1.00 29.99 ? 113 TRP 0 O   1 
ATOM 460  C CB  . TRP A 1 58  ? 8.787   6.238   11.780  1.00 19.84 ? 113 TRP 0 CB  1 
ATOM 461  C CG  . TRP A 1 58  ? 8.528   6.989   10.512  1.00 16.85 ? 113 TRP 0 CG  1 
ATOM 462  C CD1 . TRP A 1 58  ? 8.354   8.335   10.379  1.00 11.89 ? 113 TRP 0 CD1 1 
ATOM 463  C CD2 . TRP A 1 58  ? 8.407   6.437   9.198   1.00 20.63 ? 113 TRP 0 CD2 1 
ATOM 464  N NE1 . TRP A 1 58  ? 8.133   8.655   9.064   1.00 9.94  ? 113 TRP 0 NE1 1 
ATOM 465  C CE2 . TRP A 1 58  ? 8.161   7.507   8.318   1.00 20.77 ? 113 TRP 0 CE2 1 
ATOM 466  C CE3 . TRP A 1 58  ? 8.485   5.142   8.680   1.00 16.01 ? 113 TRP 0 CE3 1 
ATOM 467  C CZ2 . TRP A 1 58  ? 7.991   7.322   6.950   1.00 24.63 ? 113 TRP 0 CZ2 1 
ATOM 468  C CZ3 . TRP A 1 58  ? 8.314   4.960   7.323   1.00 17.11 ? 113 TRP 0 CZ3 1 
ATOM 469  C CH2 . TRP A 1 58  ? 8.071   6.044   6.474   1.00 22.58 ? 113 TRP 0 CH2 1 
ATOM 470  N N   . ALA A 1 59  ? 11.050  4.192   11.241  1.00 23.89 ? 114 ALA 0 N   1 
ATOM 471  C CA  . ALA A 1 59  ? 11.785  3.348   10.313  1.00 15.93 ? 114 ALA 0 CA  1 
ATOM 472  C C   . ALA A 1 59  ? 11.044  2.030   10.160  1.00 22.99 ? 114 ALA 0 C   1 
ATOM 473  O O   . ALA A 1 59  ? 10.181  1.680   10.970  1.00 32.66 ? 114 ALA 0 O   1 
ATOM 474  C CB  . ALA A 1 59  ? 13.224  3.115   10.783  1.00 25.70 ? 114 ALA 0 CB  1 
ATOM 475  N N   . GLY A 1 60  ? 11.386  1.299   9.107   1.00 25.34 ? 115 GLY 0 N   1 
ATOM 476  C CA  . GLY A 1 60  ? 10.790  0.007   8.846   1.00 19.94 ? 115 GLY 0 CA  1 
ATOM 477  C C   . GLY A 1 60  ? 9.651   0.076   7.846   1.00 20.73 ? 115 GLY 0 C   1 
ATOM 478  O O   . GLY A 1 60  ? 9.089   1.132   7.561   1.00 24.07 ? 115 GLY 0 O   1 
ATOM 479  N N   . GLY A 1 61  ? 9.314   -1.091  7.295   1.00 24.94 ? 116 GLY 0 N   1 
ATOM 480  C CA  . GLY A 1 61  ? 8.348   -1.193  6.226   1.00 23.93 ? 116 GLY 0 CA  1 
ATOM 481  C C   . GLY A 1 61  ? 6.912   -1.309  6.721   1.00 26.31 ? 116 GLY 0 C   1 
ATOM 482  O O   . GLY A 1 61  ? 6.612   -1.231  7.908   1.00 30.25 ? 116 GLY 0 O   1 
ATOM 483  N N   . MET A 1 62  ? 6.013   -1.503  5.760   1.00 24.61 ? 117 MET 0 N   1 
ATOM 484  C CA  . MET A 1 62  ? 4.589   -1.611  6.031   1.00 17.81 ? 117 MET 0 CA  1 
ATOM 485  C C   . MET A 1 62  ? 3.985   -2.651  5.096   1.00 22.33 ? 117 MET 0 C   1 
ATOM 486  O O   . MET A 1 62  ? 4.339   -2.731  3.918   1.00 29.77 ? 117 MET 0 O   1 
ATOM 487  C CB  . MET A 1 62  ? 3.907   -0.242  5.867   1.00 23.10 ? 117 MET 0 CB  1 
ATOM 488  C CG  . MET A 1 62  ? 2.405   -0.234  6.042   1.00 25.89 ? 117 MET 0 CG  1 
ATOM 489  S SD  . MET A 1 62  ? 1.876   0.631   7.531   1.00 37.59 ? 117 MET 0 SD  1 
ATOM 490  C CE  . MET A 1 62  ? 2.539   2.264   7.226   1.00 28.60 ? 117 MET 0 CE  1 
ATOM 491  N N   . GLN A 1 63  ? 3.070   -3.455  5.633   1.00 21.10 ? 118 GLN 0 N   1 
ATOM 492  C CA  . GLN A 1 63  ? 2.504   -4.604  4.936   1.00 18.49 ? 118 GLN 0 CA  1 
ATOM 493  C C   . GLN A 1 63  ? 1.123   -4.208  4.422   1.00 20.74 ? 118 GLN 0 C   1 
ATOM 494  O O   . GLN A 1 63  ? 0.247   -3.838  5.210   1.00 30.52 ? 118 GLN 0 O   1 
ATOM 495  C CB  . GLN A 1 63  ? 2.436   -5.796  5.887   1.00 19.38 ? 118 GLN 0 CB  1 
ATOM 496  C CG  . GLN A 1 63  ? 3.347   -6.954  5.526   1.00 20.44 ? 118 GLN 0 CG  1 
ATOM 497  C CD  . GLN A 1 63  ? 2.807   -8.291  5.973   1.00 28.32 ? 118 GLN 0 CD  1 
ATOM 498  O OE1 . GLN A 1 63  ? 2.746   -8.578  7.167   1.00 29.54 ? 118 GLN 0 OE1 1 
ATOM 499  N NE2 . GLN A 1 63  ? 2.455   -9.137  5.018   1.00 32.35 ? 118 GLN 0 NE2 1 
ATOM 500  N N   . PHE A 1 64  ? 0.930   -4.281  3.108   1.00 20.25 ? 119 PHE 0 N   1 
ATOM 501  C CA  . PHE A 1 64  ? -0.304  -3.845  2.466   1.00 14.42 ? 119 PHE 0 CA  1 
ATOM 502  C C   . PHE A 1 64  ? -1.111  -5.041  1.983   1.00 20.06 ? 119 PHE 0 C   1 
ATOM 503  O O   . PHE A 1 64  ? -0.562  -5.979  1.400   1.00 33.12 ? 119 PHE 0 O   1 
ATOM 504  C CB  . PHE A 1 64  ? -0.017  -2.918  1.285   1.00 18.97 ? 119 PHE 0 CB  1 
ATOM 505  C CG  . PHE A 1 64  ? 0.273   -1.502  1.680   1.00 19.48 ? 119 PHE 0 CG  1 
ATOM 506  C CD1 . PHE A 1 64  ? 1.530   -1.138  2.133   1.00 19.22 ? 119 PHE 0 CD1 1 
ATOM 507  C CD2 . PHE A 1 64  ? -0.716  -0.535  1.605   1.00 19.64 ? 119 PHE 0 CD2 1 
ATOM 508  C CE1 . PHE A 1 64  ? 1.797   0.166   2.496   1.00 18.30 ? 119 PHE 0 CE1 1 
ATOM 509  C CE2 . PHE A 1 64  ? -0.455  0.770   1.970   1.00 16.02 ? 119 PHE 0 CE2 1 
ATOM 510  C CZ  . PHE A 1 64  ? 0.803   1.121   2.416   1.00 20.61 ? 119 PHE 0 CZ  1 
ATOM 511  N N   . ARG A 1 65  ? -2.420  -4.993  2.213   1.00 25.22 ? 120 ARG 0 N   1 
ATOM 512  C CA  . ARG A 1 65  ? -3.333  -6.072  1.863   1.00 23.78 ? 120 ARG 0 CA  1 
ATOM 513  C C   . ARG A 1 65  ? -4.514  -5.504  1.091   1.00 24.62 ? 120 ARG 0 C   1 
ATOM 514  O O   . ARG A 1 65  ? -5.093  -4.489  1.488   1.00 23.12 ? 120 ARG 0 O   1 
ATOM 515  C CB  . ARG A 1 65  ? -3.821  -6.791  3.121   1.00 23.56 ? 120 ARG 0 CB  1 
ATOM 516  C CG  . ARG A 1 65  ? -4.731  -7.964  2.873   1.00 23.06 ? 120 ARG 0 CG  1 
ATOM 517  C CD  . ARG A 1 65  ? -4.836  -8.827  4.111   1.00 21.79 ? 120 ARG 0 CD  1 
ATOM 518  N NE  . ARG A 1 65  ? -6.088  -8.600  4.820   1.00 22.10 ? 120 ARG 0 NE  1 
ATOM 519  C CZ  . ARG A 1 65  ? -6.557  -9.384  5.778   1.00 28.89 ? 120 ARG 0 CZ  1 
ATOM 520  N NH1 . ARG A 1 65  ? -5.906  -10.468 6.166   1.00 26.62 ? 120 ARG 0 NH1 1 
ATOM 521  N NH2 . ARG A 1 65  ? -7.712  -9.076  6.361   1.00 29.87 ? 120 ARG 0 NH2 1 
ATOM 522  N N   . PHE A 1 66  ? -4.873  -6.162  -0.007  1.00 24.64 ? 121 PHE 0 N   1 
ATOM 523  C CA  . PHE A 1 66  ? -5.918  -5.688  -0.906  1.00 22.57 ? 121 PHE 0 CA  1 
ATOM 524  C C   . PHE A 1 66  ? -7.044  -6.707  -0.962  1.00 28.56 ? 121 PHE 0 C   1 
ATOM 525  O O   . PHE A 1 66  ? -6.807  -7.887  -1.234  1.00 35.65 ? 121 PHE 0 O   1 
ATOM 526  C CB  . PHE A 1 66  ? -5.361  -5.439  -2.308  1.00 23.13 ? 121 PHE 0 CB  1 
ATOM 527  C CG  . PHE A 1 66  ? -4.057  -4.700  -2.316  1.00 29.09 ? 121 PHE 0 CG  1 
ATOM 528  C CD1 . PHE A 1 66  ? -4.025  -3.325  -2.151  1.00 23.33 ? 121 PHE 0 CD1 1 
ATOM 529  C CD2 . PHE A 1 66  ? -2.862  -5.381  -2.478  1.00 29.34 ? 121 PHE 0 CD2 1 
ATOM 530  C CE1 . PHE A 1 66  ? -2.826  -2.644  -2.149  1.00 17.42 ? 121 PHE 0 CE1 1 
ATOM 531  C CE2 . PHE A 1 66  ? -1.658  -4.704  -2.476  1.00 30.45 ? 121 PHE 0 CE2 1 
ATOM 532  C CZ  . PHE A 1 66  ? -1.642  -3.336  -2.310  1.00 27.78 ? 121 PHE 0 CZ  1 
ATOM 533  N N   . ALA A 1 67  ? -8.269  -6.247  -0.711  1.00 28.83 ? 122 ALA 0 N   1 
ATOM 534  C CA  . ALA A 1 67  ? -9.464  -7.081  -0.770  1.00 27.40 ? 122 ALA 0 CA  1 
ATOM 535  C C   . ALA A 1 67  ? -10.371 -6.530  -1.861  1.00 28.74 ? 122 ALA 0 C   1 
ATOM 536  O O   . ALA A 1 67  ? -10.854 -5.397  -1.760  1.00 31.27 ? 122 ALA 0 O   1 
ATOM 537  C CB  . ALA A 1 67  ? -10.180 -7.116  0.580   1.00 18.41 ? 122 ALA 0 CB  1 
ATOM 538  N N   . VAL A 1 68  ? -10.607 -7.330  -2.895  1.00 28.38 ? 123 VAL 0 N   1 
ATOM 539  C CA  . VAL A 1 68  ? -11.407 -6.912  -4.041  1.00 29.13 ? 123 VAL 0 CA  1 
ATOM 540  C C   . VAL A 1 68  ? -12.844 -7.370  -3.834  1.00 31.20 ? 123 VAL 0 C   1 
ATOM 541  O O   . VAL A 1 68  ? -13.101 -8.557  -3.613  1.00 33.57 ? 123 VAL 0 O   1 
ATOM 542  C CB  . VAL A 1 68  ? -10.838 -7.477  -5.351  1.00 27.51 ? 123 VAL 0 CB  1 
ATOM 543  C CG1 . VAL A 1 68  ? -11.407 -6.728  -6.536  1.00 28.05 ? 123 VAL 0 CG1 1 
ATOM 544  C CG2 . VAL A 1 68  ? -9.333  -7.391  -5.343  1.00 24.10 ? 123 VAL 0 CG2 1 
ATOM 545  N N   . ALA A 1 69  ? -13.782 -6.428  -3.913  1.00 30.80 ? 124 ALA 0 N   1 
ATOM 546  C CA  . ALA A 1 69  ? -15.205 -6.732  -3.795  1.00 34.99 ? 124 ALA 0 CA  1 
ATOM 547  C C   . ALA A 1 69  ? -15.785 -6.836  -5.202  1.00 36.40 ? 124 ALA 0 C   1 
ATOM 548  O O   . ALA A 1 69  ? -16.496 -5.954  -5.685  1.00 37.73 ? 124 ALA 0 O   1 
ATOM 549  C CB  . ALA A 1 69  ? -15.914 -5.675  -2.960  1.00 33.07 ? 124 ALA 0 CB  1 
ATOM 550  N N   . GLY A 1 70  ? -15.469 -7.946  -5.867  1.00 33.88 ? 125 GLY 0 N   1 
ATOM 551  C CA  . GLY A 1 70  ? -15.941 -8.185  -7.210  1.00 32.77 ? 125 GLY 0 CA  1 
ATOM 552  C C   . GLY A 1 70  ? -16.564 -9.561  -7.325  1.00 35.82 ? 125 GLY 0 C   1 
ATOM 553  O O   . GLY A 1 70  ? -16.306 -10.458 -6.525  1.00 37.14 ? 125 GLY 0 O   1 
ATOM 554  N N   . SER A 1 71  ? -17.400 -9.713  -8.348  1.00 38.64 ? 126 SER 0 N   1 
ATOM 555  C CA  . SER A 1 71  ? -18.098 -10.963 -8.580  1.00 32.77 ? 126 SER 0 CA  1 
ATOM 556  C C   . SER A 1 71  ? -17.142 -12.023 -9.118  1.00 35.37 ? 126 SER 0 C   1 
ATOM 557  O O   . SER A 1 71  ? -16.036 -11.728 -9.577  1.00 42.71 ? 126 SER 0 O   1 
ATOM 558  C CB  . SER A 1 71  ? -19.255 -10.762 -9.558  1.00 35.80 ? 126 SER 0 CB  1 
ATOM 559  O OG  . SER A 1 71  ? -20.466 -10.502 -8.873  1.00 40.00 ? 126 SER 0 OG  1 
ATOM 560  N N   . GLY A 1 72  ? -17.588 -13.276 -9.059  1.00 37.51 ? 127 GLY 0 N   1 
ATOM 561  C CA  . GLY A 1 72  ? -16.809 -14.362 -9.622  1.00 38.36 ? 127 GLY 0 CA  1 
ATOM 562  C C   . GLY A 1 72  ? -16.837 -14.429 -11.133 1.00 36.83 ? 127 GLY 0 C   1 
ATOM 563  O O   . GLY A 1 72  ? -16.019 -15.146 -11.719 1.00 38.50 ? 127 GLY 0 O   1 
ATOM 564  N N   . ALA A 1 73  ? -17.748 -13.696 -11.772 1.00 37.80 ? 128 ALA 0 N   1 
ATOM 565  C CA  . ALA A 1 73  ? -17.855 -13.645 -13.223 1.00 39.39 ? 128 ALA 0 CA  1 
ATOM 566  C C   . ALA A 1 73  ? -17.201 -12.397 -13.805 1.00 40.96 ? 128 ALA 0 C   1 
ATOM 567  O O   . ALA A 1 73  ? -17.684 -11.845 -14.799 1.00 42.17 ? 128 ALA 0 O   1 
ATOM 568  C CB  . ALA A 1 73  ? -19.320 -13.726 -13.644 1.00 34.32 ? 128 ALA 0 CB  1 
ATOM 569  N N   . PHE A 1 74  ? -16.116 -11.937 -13.195 1.00 39.39 ? 129 PHE 0 N   1 
ATOM 570  C CA  . PHE A 1 74  ? -15.355 -10.792 -13.664 1.00 34.03 ? 129 PHE 0 CA  1 
ATOM 571  C C   . PHE A 1 74  ? -13.977 -11.247 -14.123 1.00 36.34 ? 129 PHE 0 C   1 
ATOM 572  O O   . PHE A 1 74  ? -13.490 -12.313 -13.739 1.00 42.18 ? 129 PHE 0 O   1 
ATOM 573  C CB  . PHE A 1 74  ? -15.221 -9.734  -12.565 1.00 34.67 ? 129 PHE 0 CB  1 
ATOM 574  C CG  . PHE A 1 74  ? -16.266 -8.659  -12.622 1.00 37.94 ? 129 PHE 0 CG  1 
ATOM 575  C CD1 . PHE A 1 74  ? -16.318 -7.780  -13.691 1.00 40.06 ? 129 PHE 0 CD1 1 
ATOM 576  C CD2 . PHE A 1 74  ? -17.198 -8.528  -11.606 1.00 38.35 ? 129 PHE 0 CD2 1 
ATOM 577  C CE1 . PHE A 1 74  ? -17.279 -6.786  -13.742 1.00 39.37 ? 129 PHE 0 CE1 1 
ATOM 578  C CE2 . PHE A 1 74  ? -18.163 -7.540  -11.652 1.00 37.92 ? 129 PHE 0 CE2 1 
ATOM 579  C CZ  . PHE A 1 74  ? -18.203 -6.669  -12.722 1.00 38.40 ? 129 PHE 0 CZ  1 
ATOM 580  N N   . GLY A 1 75  ? -13.346 -10.420 -14.955 1.00 28.77 ? 130 GLY 0 N   1 
ATOM 581  C CA  . GLY A 1 75  ? -12.024 -10.710 -15.464 1.00 29.68 ? 130 GLY 0 CA  1 
ATOM 582  C C   . GLY A 1 75  ? -11.106 -9.521  -15.272 1.00 30.48 ? 130 GLY 0 C   1 
ATOM 583  O O   . GLY A 1 75  ? -11.522 -8.465  -14.797 1.00 35.18 ? 130 GLY 0 O   1 
ATOM 584  N N   . GLY A 1 76  ? -9.847  -9.713  -15.645 1.00 32.72 ? 131 GLY 0 N   1 
ATOM 585  C CA  . GLY A 1 76  ? -8.862  -8.664  -15.484 1.00 29.84 ? 131 GLY 0 CA  1 
ATOM 586  C C   . GLY A 1 76  ? -8.140  -8.739  -14.158 1.00 27.85 ? 131 GLY 0 C   1 
ATOM 587  O O   . GLY A 1 76  ? -8.695  -9.219  -13.165 1.00 36.85 ? 131 GLY 0 O   1 
ATOM 588  N N   . ARG A 1 77  ? -6.895  -8.277  -14.129 1.00 21.20 ? 132 ARG 0 N   1 
ATOM 589  C CA  . ARG A 1 77  ? -6.059  -8.319  -12.942 1.00 23.57 ? 132 ARG 0 CA  1 
ATOM 590  C C   . ARG A 1 77  ? -5.603  -6.913  -12.566 1.00 27.35 ? 132 ARG 0 C   1 
ATOM 591  O O   . ARG A 1 77  ? -5.827  -5.941  -13.289 1.00 33.84 ? 132 ARG 0 O   1 
ATOM 592  C CB  . ARG A 1 77  ? -4.841  -9.228  -13.160 1.00 24.86 ? 132 ARG 0 CB  1 
ATOM 593  C CG  . ARG A 1 77  ? -5.082  -10.432 -14.057 1.00 26.33 ? 132 ARG 0 CG  1 
ATOM 594  C CD  . ARG A 1 77  ? -5.738  -11.572 -13.300 1.00 28.95 ? 132 ARG 0 CD  1 
ATOM 595  N NE  . ARG A 1 77  ? -5.413  -12.873 -13.873 1.00 28.38 ? 132 ARG 0 NE  1 
ATOM 596  C CZ  . ARG A 1 77  ? -4.996  -13.918 -13.174 1.00 29.65 ? 132 ARG 0 CZ  1 
ATOM 597  N NH1 . ARG A 1 77  ? -4.841  -13.854 -11.861 1.00 25.87 ? 132 ARG 0 NH1 1 
ATOM 598  N NH2 . ARG A 1 77  ? -4.737  -15.059 -13.805 1.00 31.47 ? 132 ARG 0 NH2 1 
ATOM 599  N N   . VAL A 1 78  ? -4.991  -6.805  -11.386 1.00 28.07 ? 133 VAL 0 N   1 
ATOM 600  C CA  . VAL A 1 78  ? -4.331  -5.578  -10.945 1.00 27.95 ? 133 VAL 0 CA  1 
ATOM 601  C C   . VAL A 1 78  ? -2.885  -5.924  -10.617 1.00 25.22 ? 133 VAL 0 C   1 
ATOM 602  O O   . VAL A 1 78  ? -2.609  -6.998  -10.075 1.00 33.39 ? 133 VAL 0 O   1 
ATOM 603  C CB  . VAL A 1 78  ? -5.007  -4.931  -9.718  1.00 26.91 ? 133 VAL 0 CB  1 
ATOM 604  C CG1 . VAL A 1 78  ? -4.881  -3.417  -9.785  1.00 31.10 ? 133 VAL 0 CG1 1 
ATOM 605  C CG2 . VAL A 1 78  ? -6.461  -5.339  -9.584  1.00 25.33 ? 133 VAL 0 CG2 1 
ATOM 606  N N   . ALA A 1 79  ? -1.962  -5.024  -10.945 1.00 21.15 ? 134 ALA 0 N   1 
ATOM 607  C CA  . ALA A 1 79  ? -0.548  -5.208  -10.643 1.00 24.18 ? 134 ALA 0 CA  1 
ATOM 608  C C   . ALA A 1 79  ? -0.117  -4.219  -9.570  1.00 29.96 ? 134 ALA 0 C   1 
ATOM 609  O O   . ALA A 1 79  ? -0.336  -3.011  -9.707  1.00 31.21 ? 134 ALA 0 O   1 
ATOM 610  C CB  . ALA A 1 79  ? 0.305   -5.030  -11.900 1.00 16.64 ? 134 ALA 0 CB  1 
ATOM 611  N N   . ALA A 1 80  ? 0.504   -4.729  -8.508  1.00 24.23 ? 135 ALA 0 N   1 
ATOM 612  C CA  . ALA A 1 80  ? 0.938   -3.918  -7.376  1.00 21.96 ? 135 ALA 0 CA  1 
ATOM 613  C C   . ALA A 1 80  ? 2.442   -4.045  -7.217  1.00 25.50 ? 135 ALA 0 C   1 
ATOM 614  O O   . ALA A 1 80  ? 2.944   -5.128  -6.905  1.00 30.92 ? 135 ALA 0 O   1 
ATOM 615  C CB  . ALA A 1 80  ? 0.239   -4.350  -6.088  1.00 22.59 ? 135 ALA 0 CB  1 
ATOM 616  N N   . ALA A 1 81  ? 3.155   -2.936  -7.390  1.00 17.70 ? 136 ALA 0 N   1 
ATOM 617  C CA  . ALA A 1 81  ? 4.603   -2.922  -7.270  1.00 21.69 ? 136 ALA 0 CA  1 
ATOM 618  C C   . ALA A 1 81  ? 5.038   -1.810  -6.330  1.00 24.40 ? 136 ALA 0 C   1 
ATOM 619  O O   . ALA A 1 81  ? 4.380   -0.772  -6.221  1.00 25.79 ? 136 ALA 0 O   1 
ATOM 620  C CB  . ALA A 1 81  ? 5.279   -2.738  -8.627  1.00 21.32 ? 136 ALA 0 CB  1 
ATOM 621  N N   . VAL A 1 82  ? 6.157   -2.039  -5.654  1.00 25.07 ? 137 VAL 0 N   1 
ATOM 622  C CA  . VAL A 1 82  ? 6.760   -1.046  -4.774  1.00 15.33 ? 137 VAL 0 CA  1 
ATOM 623  C C   . VAL A 1 82  ? 7.783   -0.277  -5.599  1.00 19.59 ? 137 VAL 0 C   1 
ATOM 624  O O   . VAL A 1 82  ? 8.877   -0.777  -5.873  1.00 23.99 ? 137 VAL 0 O   1 
ATOM 625  C CB  . VAL A 1 82  ? 7.409   -1.699  -3.549  1.00 18.82 ? 137 VAL 0 CB  1 
ATOM 626  C CG1 . VAL A 1 82  ? 8.057   -0.650  -2.662  1.00 22.13 ? 137 VAL 0 CG1 1 
ATOM 627  C CG2 . VAL A 1 82  ? 6.384   -2.510  -2.777  1.00 22.13 ? 137 VAL 0 CG2 1 
ATOM 628  N N   . ILE A 1 83  ? 7.424   0.932   -6.016  1.00 24.01 ? 138 ILE 0 N   1 
ATOM 629  C CA  . ILE A 1 83  ? 8.310   1.746   -6.841  1.00 21.27 ? 138 ILE 0 CA  1 
ATOM 630  C C   . ILE A 1 83  ? 9.427   2.313   -5.973  1.00 20.73 ? 138 ILE 0 C   1 
ATOM 631  O O   . ILE A 1 83  ? 9.166   2.811   -4.868  1.00 26.89 ? 138 ILE 0 O   1 
ATOM 632  C CB  . ILE A 1 83  ? 7.542   2.861   -7.566  1.00 22.52 ? 138 ILE 0 CB  1 
ATOM 633  C CG1 . ILE A 1 83  ? 6.208   2.327   -8.089  1.00 22.70 ? 138 ILE 0 CG1 1 
ATOM 634  C CG2 . ILE A 1 83  ? 8.382   3.444   -8.694  1.00 25.52 ? 138 ILE 0 CG2 1 
ATOM 635  C CD1 . ILE A 1 83  ? 6.334   1.378   -9.265  1.00 21.52 ? 138 ILE 0 CD1 1 
ATOM 636  N N   . PRO A 1 84  ? 10.677  2.208   -6.414  1.00 29.27 ? 139 PRO 0 N   1 
ATOM 637  C CA  . PRO A 1 84  ? 11.796  2.813   -5.692  1.00 24.86 ? 139 PRO 0 CA  1 
ATOM 638  C C   . PRO A 1 84  ? 11.696  4.327   -5.642  1.00 30.43 ? 139 PRO 0 C   1 
ATOM 639  O O   . PRO A 1 84  ? 11.147  4.952   -6.562  1.00 34.49 ? 139 PRO 0 O   1 
ATOM 640  C CB  . PRO A 1 84  ? 13.009  2.369   -6.522  1.00 20.91 ? 139 PRO 0 CB  1 
ATOM 641  C CG  . PRO A 1 84  ? 12.577  1.125   -7.176  1.00 22.71 ? 139 PRO 0 CG  1 
ATOM 642  C CD  . PRO A 1 84  ? 11.143  1.330   -7.498  1.00 31.79 ? 139 PRO 0 CD  1 
ATOM 643  N N   . PRO A 1 85  ? 12.187  4.948   -4.570  1.00 25.84 ? 140 PRO 0 N   1 
ATOM 644  C CA  . PRO A 1 85  ? 12.313  6.408   -4.554  1.00 24.58 ? 140 PRO 0 CA  1 
ATOM 645  C C   . PRO A 1 85  ? 13.363  6.885   -5.543  1.00 30.73 ? 140 PRO 0 C   1 
ATOM 646  O O   . PRO A 1 85  ? 14.347  6.197   -5.823  1.00 31.26 ? 140 PRO 0 O   1 
ATOM 647  C CB  . PRO A 1 85  ? 12.733  6.714   -3.112  1.00 25.14 ? 140 PRO 0 CB  1 
ATOM 648  C CG  . PRO A 1 85  ? 13.365  5.455   -2.631  1.00 18.13 ? 140 PRO 0 CG  1 
ATOM 649  C CD  . PRO A 1 85  ? 12.592  4.351   -3.286  1.00 20.74 ? 140 PRO 0 CD  1 
ATOM 650  N N   . GLY A 1 86  ? 13.144  8.086   -6.069  1.00 33.18 ? 141 GLY 0 N   1 
ATOM 651  C CA  . GLY A 1 86  ? 14.019  8.632   -7.086  1.00 29.65 ? 141 GLY 0 CA  1 
ATOM 652  C C   . GLY A 1 86  ? 13.469  8.415   -8.479  1.00 33.67 ? 141 GLY 0 C   1 
ATOM 653  O O   . GLY A 1 86  ? 13.920  9.034   -9.445  1.00 37.22 ? 141 GLY 0 O   1 
ATOM 654  N N   . ILE A 1 87  ? 12.486  7.528   -8.587  1.00 31.85 ? 142 ILE 0 N   1 
ATOM 655  C CA  . ILE A 1 87  ? 11.838  7.241   -9.861  1.00 36.37 ? 142 ILE 0 CA  1 
ATOM 656  C C   . ILE A 1 87  ? 10.558  8.063   -9.945  1.00 38.00 ? 142 ILE 0 C   1 
ATOM 657  O O   . ILE A 1 87  ? 9.718   8.020   -9.039  1.00 38.92 ? 142 ILE 0 O   1 
ATOM 658  C CB  . ILE A 1 87  ? 11.555  5.730   -10.033 1.00 32.65 ? 142 ILE 0 CB  1 
ATOM 659  C CG1 . ILE A 1 87  ? 12.808  4.849   -10.290 1.00 26.80 ? 142 ILE 0 CG1 1 
ATOM 660  C CG2 . ILE A 1 87  ? 10.563  5.486   -11.151 1.00 35.03 ? 142 ILE 0 CG2 1 
ATOM 661  C CD1 . ILE A 1 87  ? 13.907  4.718   -9.237  1.00 27.99 ? 142 ILE 0 CD1 1 
ATOM 662  N N   . GLU A 1 88  ? 10.420  8.834   -11.026 1.00 48.61 ? 143 GLU 0 N   1 
ATOM 663  C CA  . GLU A 1 88  ? 9.268   9.708   -11.199 1.00 49.42 ? 143 GLU 0 CA  1 
ATOM 664  C C   . GLU A 1 88  ? 8.000   8.900   -11.442 1.00 48.27 ? 143 GLU 0 C   1 
ATOM 665  O O   . GLU A 1 88  ? 8.000   7.923   -12.196 1.00 47.69 ? 143 GLU 0 O   1 
ATOM 666  C CB  . GLU A 1 88  ? 9.509   10.670  -12.361 1.00 50.76 ? 143 GLU 0 CB  1 
ATOM 667  C CG  . GLU A 1 88  ? 8.534   11.837  -12.428 1.00 53.74 ? 143 GLU 0 CG  1 
ATOM 668  C CD  . GLU A 1 88  ? 8.063   12.123  -13.842 1.00 55.50 ? 143 GLU 0 CD  1 
ATOM 669  O OE1 . GLU A 1 88  ? 7.121   11.448  -14.306 1.00 53.83 ? 143 GLU 0 OE1 1 
ATOM 670  O OE2 . GLU A 1 88  ? 8.636   13.026  -14.489 1.00 55.10 ? 143 GLU 0 OE2 1 
ATOM 671  N N   . ILE A 1 89  ? 6.911   9.321   -10.802 1.00 49.15 ? 144 ILE 0 N   1 
ATOM 672  C CA  . ILE A 1 89  ? 5.629   8.627   -10.857 1.00 51.73 ? 144 ILE 0 CA  1 
ATOM 673  C C   . ILE A 1 89  ? 4.678   9.457   -11.705 1.00 50.80 ? 144 ILE 0 C   1 
ATOM 674  O O   . ILE A 1 89  ? 4.466   10.645  -11.433 1.00 51.46 ? 144 ILE 0 O   1 
ATOM 675  C CB  . ILE A 1 89  ? 5.054   8.395   -9.452  1.00 52.66 ? 144 ILE 0 CB  1 
ATOM 676  C CG1 . ILE A 1 89  ? 5.995   7.502   -8.635  1.00 44.19 ? 144 ILE 0 CG1 1 
ATOM 677  C CG2 . ILE A 1 89  ? 3.617   7.857   -9.527  1.00 46.39 ? 144 ILE 0 CG2 1 
ATOM 678  C CD1 . ILE A 1 89  ? 5.727   6.024   -8.764  1.00 44.82 ? 144 ILE 0 CD1 1 
ATOM 679  N N   . GLY A 1 90  ? 4.103   8.833   -12.729 1.00 53.85 ? 145 GLY 0 N   1 
ATOM 680  C CA  . GLY A 1 90  ? 3.158   9.499   -13.589 1.00 56.63 ? 145 GLY 0 CA  1 
ATOM 681  C C   . GLY A 1 90  ? 2.779   8.645   -14.781 1.00 56.21 ? 145 GLY 0 C   1 
ATOM 682  O O   . GLY A 1 90  ? 2.888   7.415   -14.752 1.00 52.30 ? 145 GLY 0 O   1 
ATOM 683  N N   . PRO A 1 91  ? 2.317   9.284   -15.858 1.00 66.88 ? 146 PRO 0 N   1 
ATOM 684  C CA  . PRO A 1 91  ? 1.993   8.527   -17.074 1.00 65.04 ? 146 PRO 0 CA  1 
ATOM 685  C C   . PRO A 1 91  ? 3.264   8.100   -17.793 1.00 64.60 ? 146 PRO 0 C   1 
ATOM 686  O O   . PRO A 1 91  ? 4.198   8.887   -17.958 1.00 62.98 ? 146 PRO 0 O   1 
ATOM 687  C CB  . PRO A 1 91  ? 1.168   9.517   -17.908 1.00 65.18 ? 146 PRO 0 CB  1 
ATOM 688  C CG  . PRO A 1 91  ? 1.208   10.839  -17.170 1.00 67.90 ? 146 PRO 0 CG  1 
ATOM 689  C CD  . PRO A 1 91  ? 2.199   10.735  -16.059 1.00 66.53 ? 146 PRO 0 CD  1 
ATOM 690  N N   . GLY A 1 92  ? 3.290   6.842   -18.223 1.00 59.48 ? 147 GLY 0 N   1 
ATOM 691  C CA  . GLY A 1 92  ? 4.474   6.253   -18.809 1.00 58.89 ? 147 GLY 0 CA  1 
ATOM 692  C C   . GLY A 1 92  ? 5.315   5.434   -17.854 1.00 59.07 ? 147 GLY 0 C   1 
ATOM 693  O O   . GLY A 1 92  ? 6.252   4.765   -18.304 1.00 58.38 ? 147 GLY 0 O   1 
ATOM 694  N N   . LEU A 1 93  ? 5.016   5.471   -16.557 1.00 54.50 ? 148 LEU 0 N   1 
ATOM 695  C CA  . LEU A 1 93  ? 5.681   4.602   -15.591 1.00 50.46 ? 148 LEU 0 CA  1 
ATOM 696  C C   . LEU A 1 93  ? 5.205   3.174   -15.808 1.00 51.05 ? 148 LEU 0 C   1 
ATOM 697  O O   . LEU A 1 93  ? 4.082   2.820   -15.438 1.00 49.74 ? 148 LEU 0 O   1 
ATOM 698  C CB  . LEU A 1 93  ? 5.388   5.070   -14.167 1.00 49.90 ? 148 LEU 0 CB  1 
ATOM 699  C CG  . LEU A 1 93  ? 5.875   4.182   -13.017 1.00 50.46 ? 148 LEU 0 CG  1 
ATOM 700  C CD1 . LEU A 1 93  ? 7.169   4.700   -12.445 1.00 45.89 ? 148 LEU 0 CD1 1 
ATOM 701  C CD2 . LEU A 1 93  ? 4.819   4.103   -11.932 1.00 52.62 ? 148 LEU 0 CD2 1 
ATOM 702  N N   . GLU A 1 94  ? 6.048   2.353   -16.427 1.00 49.43 ? 149 GLU 0 N   1 
ATOM 703  C CA  . GLU A 1 94  ? 5.647   0.994   -16.775 1.00 47.65 ? 149 GLU 0 CA  1 
ATOM 704  C C   . GLU A 1 94  ? 5.963   0.126   -15.561 1.00 48.15 ? 149 GLU 0 C   1 
ATOM 705  O O   . GLU A 1 94  ? 7.114   0.018   -15.131 1.00 50.02 ? 149 GLU 0 O   1 
ATOM 706  C CB  . GLU A 1 94  ? 6.341   0.545   -18.059 1.00 48.76 ? 149 GLU 0 CB  1 
ATOM 707  C CG  . GLU A 1 94  ? 6.728   -0.917  -18.175 1.00 49.51 ? 149 GLU 0 CG  1 
ATOM 708  C CD  . GLU A 1 94  ? 6.905   -1.334  -19.624 1.00 54.94 ? 149 GLU 0 CD  1 
ATOM 709  O OE1 . GLU A 1 94  ? 6.687   -2.522  -19.940 1.00 52.53 ? 149 GLU 0 OE1 1 
ATOM 710  O OE2 . GLU A 1 94  ? 7.269   -0.469  -20.448 1.00 53.49 ? 149 GLU 0 OE2 1 
ATOM 711  N N   . VAL A 1 95  ? 4.918   -0.444  -14.973 1.00 39.17 ? 150 VAL 0 N   1 
ATOM 712  C CA  . VAL A 1 95  ? 4.983   -1.041  -13.643 1.00 35.21 ? 150 VAL 0 CA  1 
ATOM 713  C C   . VAL A 1 95  ? 5.341   -2.521  -13.713 1.00 32.80 ? 150 VAL 0 C   1 
ATOM 714  O O   . VAL A 1 95  ? 6.004   -3.056  -12.818 1.00 35.71 ? 150 VAL 0 O   1 
ATOM 715  C CB  . VAL A 1 95  ? 3.625   -0.783  -12.945 1.00 36.32 ? 150 VAL 0 CB  1 
ATOM 716  C CG1 . VAL A 1 95  ? 3.461   -1.543  -11.636 1.00 35.63 ? 150 VAL 0 CG1 1 
ATOM 717  C CG2 . VAL A 1 95  ? 3.448   0.703   -12.704 1.00 38.61 ? 150 VAL 0 CG2 1 
ATOM 718  N N   . ARG A 1 96  ? 4.989   -3.172  -14.825 1.00 34.86 ? 151 ARG 0 N   1 
ATOM 719  C CA  . ARG A 1 96  ? 5.029   -4.626  -14.931 1.00 34.74 ? 151 ARG 0 CA  1 
ATOM 720  C C   . ARG A 1 96  ? 6.439   -5.217  -14.926 1.00 39.35 ? 151 ARG 0 C   1 
ATOM 721  O O   . ARG A 1 96  ? 6.574   -6.435  -14.766 1.00 37.73 ? 151 ARG 0 O   1 
ATOM 722  C CB  . ARG A 1 96  ? 4.297   -5.057  -16.198 1.00 35.01 ? 151 ARG 0 CB  1 
ATOM 723  C CG  . ARG A 1 96  ? 4.742   -4.328  -17.449 1.00 36.08 ? 151 ARG 0 CG  1 
ATOM 724  C CD  . ARG A 1 96  ? 3.564   -4.028  -18.356 1.00 38.37 ? 151 ARG 0 CD  1 
ATOM 725  N NE  . ARG A 1 96  ? 3.976   -3.325  -19.564 1.00 39.66 ? 151 ARG 0 NE  1 
ATOM 726  C CZ  . ARG A 1 96  ? 3.309   -3.353  -20.709 1.00 40.28 ? 151 ARG 0 CZ  1 
ATOM 727  N NH1 . ARG A 1 96  ? 2.182   -4.033  -20.835 1.00 35.64 ? 151 ARG 0 NH1 1 
ATOM 728  N NH2 . ARG A 1 96  ? 3.786   -2.684  -21.755 1.00 40.50 ? 151 ARG 0 NH2 1 
ATOM 729  N N   . GLN A 1 97  ? 7.487   -4.410  -15.100 1.00 41.55 ? 152 GLN 0 N   1 
ATOM 730  C CA  . GLN A 1 97  ? 8.840   -4.929  -14.937 1.00 36.90 ? 152 GLN 0 CA  1 
ATOM 731  C C   . GLN A 1 97  ? 9.437   -4.649  -13.565 1.00 34.96 ? 152 GLN 0 C   1 
ATOM 732  O O   . GLN A 1 97  ? 10.609  -4.968  -13.343 1.00 36.73 ? 152 GLN 0 O   1 
ATOM 733  C CB  . GLN A 1 97  ? 9.782   -4.379  -16.007 1.00 33.55 ? 152 GLN 0 CB  1 
ATOM 734  C CG  . GLN A 1 97  ? 9.805   -5.220  -17.261 1.00 37.60 ? 152 GLN 0 CG  1 
ATOM 735  C CD  . GLN A 1 97  ? 9.187   -4.521  -18.437 1.00 39.01 ? 152 GLN 0 CD  1 
ATOM 736  O OE1 . GLN A 1 97  ? 8.988   -3.313  -18.409 1.00 43.11 ? 152 GLN 0 OE1 1 
ATOM 737  N NE2 . GLN A 1 97  ? 8.875   -5.276  -19.483 1.00 37.33 ? 152 GLN 0 NE2 1 
ATOM 738  N N   . PHE A 1 98  ? 8.683   -4.054  -12.657 1.00 28.33 ? 153 PHE 0 N   1 
ATOM 739  C CA  . PHE A 1 98  ? 9.098   -4.015  -11.269 1.00 25.25 ? 153 PHE 0 CA  1 
ATOM 740  C C   . PHE A 1 98  ? 8.705   -5.328  -10.601 1.00 27.94 ? 153 PHE 0 C   1 
ATOM 741  O O   . PHE A 1 98  ? 7.855   -6.059  -11.119 1.00 31.36 ? 153 PHE 0 O   1 
ATOM 742  C CB  . PHE A 1 98  ? 8.451   -2.828  -10.563 1.00 21.44 ? 153 PHE 0 CB  1 
ATOM 743  C CG  . PHE A 1 98  ? 8.975   -1.499  -11.014 1.00 26.74 ? 153 PHE 0 CG  1 
ATOM 744  C CD1 . PHE A 1 98  ? 10.091  -0.937  -10.420 1.00 28.79 ? 153 PHE 0 CD1 1 
ATOM 745  C CD2 . PHE A 1 98  ? 8.340   -0.801  -12.029 1.00 29.66 ? 153 PHE 0 CD2 1 
ATOM 746  C CE1 . PHE A 1 98  ? 10.571  0.289   -10.841 1.00 24.01 ? 153 PHE 0 CE1 1 
ATOM 747  C CE2 . PHE A 1 98  ? 8.816   0.427   -12.447 1.00 25.87 ? 153 PHE 0 CE2 1 
ATOM 748  C CZ  . PHE A 1 98  ? 9.932   0.970   -11.850 1.00 24.87 ? 153 PHE 0 CZ  1 
ATOM 749  N N   . PRO A 1 99  ? 9.344   -5.686  -9.472  1.00 24.85 ? 154 PRO 0 N   1 
ATOM 750  C CA  . PRO A 1 99  ? 8.859   -6.841  -8.699  1.00 27.65 ? 154 PRO 0 CA  1 
ATOM 751  C C   . PRO A 1 99  ? 7.460   -6.606  -8.153  1.00 28.11 ? 154 PRO 0 C   1 
ATOM 752  O O   . PRO A 1 99  ? 7.253   -5.762  -7.277  1.00 28.40 ? 154 PRO 0 O   1 
ATOM 753  C CB  . PRO A 1 99  ? 9.894   -6.971  -7.577  1.00 26.25 ? 154 PRO 0 CB  1 
ATOM 754  C CG  . PRO A 1 99  ? 11.130  -6.391  -8.154  1.00 24.39 ? 154 PRO 0 CG  1 
ATOM 755  C CD  . PRO A 1 99  ? 10.678  -5.254  -9.020  1.00 22.11 ? 154 PRO 0 CD  1 
ATOM 756  N N   . HIS A 1 100 ? 6.493   -7.357  -8.673  1.00 22.75 ? 155 HIS 0 N   1 
ATOM 757  C CA  . HIS A 1 100 ? 5.085   -7.047  -8.503  1.00 19.73 ? 155 HIS 0 CA  1 
ATOM 758  C C   . HIS A 1 100 ? 4.304   -8.298  -8.131  1.00 27.08 ? 155 HIS 0 C   1 
ATOM 759  O O   . HIS A 1 100 ? 4.792   -9.425  -8.245  1.00 33.47 ? 155 HIS 0 O   1 
ATOM 760  C CB  . HIS A 1 100 ? 4.502   -6.428  -9.780  1.00 21.30 ? 155 HIS 0 CB  1 
ATOM 761  C CG  . HIS A 1 100 ? 4.525   -7.349  -10.959 1.00 26.48 ? 155 HIS 0 CG  1 
ATOM 762  N ND1 . HIS A 1 100 ? 5.681   -7.649  -11.648 1.00 33.53 ? 155 HIS 0 ND1 1 
ATOM 763  C CD2 . HIS A 1 100 ? 3.535   -8.044  -11.568 1.00 28.24 ? 155 HIS 0 CD2 1 
ATOM 764  C CE1 . HIS A 1 100 ? 5.401   -8.485  -12.630 1.00 28.41 ? 155 HIS 0 CE1 1 
ATOM 765  N NE2 . HIS A 1 100 ? 4.106   -8.741  -12.604 1.00 24.96 ? 155 HIS 0 NE2 1 
ATOM 766  N N   . VAL A 1 101 ? 3.070   -8.080  -7.682  1.00 17.56 ? 156 VAL 0 N   1 
ATOM 767  C CA  . VAL A 1 101 ? 2.118   -9.151  -7.430  1.00 22.96 ? 156 VAL 0 CA  1 
ATOM 768  C C   . VAL A 1 101 ? 0.884   -8.903  -8.287  1.00 24.98 ? 156 VAL 0 C   1 
ATOM 769  O O   . VAL A 1 101 ? 0.584   -7.776  -8.687  1.00 24.54 ? 156 VAL 0 O   1 
ATOM 770  C CB  . VAL A 1 101 ? 1.738   -9.271  -5.939  1.00 25.72 ? 156 VAL 0 CB  1 
ATOM 771  C CG1 . VAL A 1 101 ? 2.943   -9.687  -5.115  1.00 26.69 ? 156 VAL 0 CG1 1 
ATOM 772  C CG2 . VAL A 1 101 ? 1.165   -7.962  -5.424  1.00 24.64 ? 156 VAL 0 CG2 1 
ATOM 773  N N   . VAL A 1 102 ? 0.167   -9.985  -8.574  1.00 28.03 ? 157 VAL 0 N   1 
ATOM 774  C CA  . VAL A 1 102 ? -0.992  -9.963  -9.458  1.00 26.49 ? 157 VAL 0 CA  1 
ATOM 775  C C   . VAL A 1 102 ? -2.234  -10.211 -8.615  1.00 27.72 ? 157 VAL 0 C   1 
ATOM 776  O O   . VAL A 1 102 ? -2.316  -11.215 -7.896  1.00 35.12 ? 157 VAL 0 O   1 
ATOM 777  C CB  . VAL A 1 102 ? -0.860  -11.005 -10.579 1.00 27.44 ? 157 VAL 0 CB  1 
ATOM 778  C CG1 . VAL A 1 102 ? -2.074  -10.981 -11.476 1.00 28.50 ? 157 VAL 0 CG1 1 
ATOM 779  C CG2 . VAL A 1 102 ? 0.400   -10.748 -11.389 1.00 22.79 ? 157 VAL 0 CG2 1 
ATOM 780  N N   . ILE A 1 103 ? -3.202  -9.300  -8.703  1.00 25.78 ? 158 ILE 0 N   1 
ATOM 781  C CA  . ILE A 1 103 ? -4.432  -9.363  -7.924  1.00 20.52 ? 158 ILE 0 CA  1 
ATOM 782  C C   . ILE A 1 103 ? -5.599  -9.540  -8.882  1.00 24.77 ? 158 ILE 0 C   1 
ATOM 783  O O   . ILE A 1 103 ? -5.856  -8.664  -9.712  1.00 30.41 ? 158 ILE 0 O   1 
ATOM 784  C CB  . ILE A 1 103 ? -4.629  -8.095  -7.074  1.00 22.18 ? 158 ILE 0 CB  1 
ATOM 785  C CG1 . ILE A 1 103 ? -3.370  -7.782  -6.273  1.00 27.68 ? 158 ILE 0 CG1 1 
ATOM 786  C CG2 . ILE A 1 103 ? -5.820  -8.252  -6.158  1.00 34.23 ? 158 ILE 0 CG2 1 
ATOM 787  C CD1 . ILE A 1 103 ? -2.715  -6.501  -6.685  1.00 24.38 ? 158 ILE 0 CD1 1 
ATOM 788  N N   . ASP A 1 104 ? -6.324  -10.643 -8.738  1.00 36.31 ? 159 ASP 0 N   1 
ATOM 789  C CA  . ASP A 1 104 ? -7.450  -10.957 -9.604  1.00 33.40 ? 159 ASP 0 CA  1 
ATOM 790  C C   . ASP A 1 104 ? -8.689  -10.173 -9.191  1.00 30.46 ? 159 ASP 0 C   1 
ATOM 791  O O   . ASP A 1 104 ? -8.828  -9.753  -8.041  1.00 37.92 ? 159 ASP 0 O   1 
ATOM 792  C CB  . ASP A 1 104 ? -7.767  -12.453 -9.570  1.00 34.14 ? 159 ASP 0 CB  1 
ATOM 793  C CG  . ASP A 1 104 ? -8.060  -13.020 -10.943 1.00 43.52 ? 159 ASP 0 CG  1 
ATOM 794  O OD1 . ASP A 1 104 ? -8.896  -12.437 -11.667 1.00 47.48 ? 159 ASP 0 OD1 1 
ATOM 795  O OD2 . ASP A 1 104 ? -7.473  -14.064 -11.290 1.00 42.10 ? 159 ASP 0 OD2 1 
ATOM 796  N N   . ALA A 1 105 ? -9.594  -9.979  -10.153 1.00 26.66 ? 160 ALA 0 N   1 
ATOM 797  C CA  . ALA A 1 105 ? -10.884 -9.375  -9.843  1.00 32.06 ? 160 ALA 0 CA  1 
ATOM 798  C C   . ALA A 1 105 ? -11.779 -10.335 -9.072  1.00 37.81 ? 160 ALA 0 C   1 
ATOM 799  O O   . ALA A 1 105 ? -12.560 -9.901  -8.216  1.00 32.94 ? 160 ALA 0 O   1 
ATOM 800  C CB  . ALA A 1 105 ? -11.577 -8.920  -11.126 1.00 28.78 ? 160 ALA 0 CB  1 
ATOM 801  N N   . ARG A 1 106 ? -11.686 -11.633 -9.361  1.00 39.47 ? 161 ARG 0 N   1 
ATOM 802  C CA  . ARG A 1 106 ? -12.472 -12.655 -8.684  1.00 35.55 ? 161 ARG 0 CA  1 
ATOM 803  C C   . ARG A 1 106 ? -11.662 -13.404 -7.633  1.00 32.80 ? 161 ARG 0 C   1 
ATOM 804  O O   . ARG A 1 106 ? -11.874 -14.603 -7.422  1.00 40.70 ? 161 ARG 0 O   1 
ATOM 805  C CB  . ARG A 1 106 ? -13.055 -13.633 -9.705  1.00 36.09 ? 161 ARG 0 CB  1 
ATOM 806  C CG  . ARG A 1 106 ? -12.245 -13.743 -10.982 1.00 29.64 ? 161 ARG 0 CG  1 
ATOM 807  C CD  . ARG A 1 106 ? -12.548 -15.033 -11.721 1.00 35.31 ? 161 ARG 0 CD  1 
ATOM 808  N NE  . ARG A 1 106 ? -11.721 -15.177 -12.913 1.00 37.07 ? 161 ARG 0 NE  1 
ATOM 809  C CZ  . ARG A 1 106 ? -10.976 -16.237 -13.187 1.00 38.44 ? 161 ARG 0 CZ  1 
ATOM 810  N NH1 . ARG A 1 106 ? -10.960 -17.293 -12.394 1.00 37.51 ? 161 ARG 0 NH1 1 
ATOM 811  N NH2 . ARG A 1 106 ? -10.232 -16.241 -14.290 1.00 37.97 ? 161 ARG 0 NH2 1 
ATOM 812  N N   . SER A 1 107 ? -10.733 -12.721 -6.973  1.00 29.49 ? 162 SER 0 N   1 
ATOM 813  C CA  . SER A 1 107 ? -9.892  -13.355 -5.969  1.00 33.73 ? 162 SER 0 CA  1 
ATOM 814  C C   . SER A 1 107 ? -10.658 -13.511 -4.662  1.00 36.66 ? 162 SER 0 C   1 
ATOM 815  O O   . SER A 1 107 ? -11.142 -12.528 -4.092  1.00 34.01 ? 162 SER 0 O   1 
ATOM 816  C CB  . SER A 1 107 ? -8.623  -12.532 -5.747  1.00 32.76 ? 162 SER 0 CB  1 
ATOM 817  O OG  . SER A 1 107 ? -8.893  -11.386 -4.960  1.00 38.79 ? 162 SER 0 OG  1 
ATOM 818  N N   . LEU A 1 108 ? -10.777 -14.758 -4.198  1.00 43.46 ? 163 LEU 0 N   1 
ATOM 819  C CA  . LEU A 1 108 ? -11.453 -15.034 -2.933  1.00 34.68 ? 163 LEU 0 CA  1 
ATOM 820  C C   . LEU A 1 108 ? -10.650 -14.539 -1.741  1.00 32.58 ? 163 LEU 0 C   1 
ATOM 821  O O   . LEU A 1 108 ? -11.191 -13.860 -0.862  1.00 29.63 ? 163 LEU 0 O   1 
ATOM 822  C CB  . LEU A 1 108 ? -11.712 -16.536 -2.799  1.00 36.49 ? 163 LEU 0 CB  1 
ATOM 823  C CG  . LEU A 1 108 ? -13.053 -16.965 -2.211  1.00 36.93 ? 163 LEU 0 CG  1 
ATOM 824  C CD1 . LEU A 1 108 ? -14.190 -16.241 -2.898  1.00 34.92 ? 163 LEU 0 CD1 1 
ATOM 825  C CD2 . LEU A 1 108 ? -13.225 -18.473 -2.323  1.00 38.94 ? 163 LEU 0 CD2 1 
ATOM 826  N N   . GLU A 1 109 ? -9.384  -14.862 -1.697  1.00 38.55 ? 164 GLU 0 N   1 
ATOM 827  C CA  . GLU A 1 109 ? -8.501  -14.492 -0.609  1.00 35.21 ? 164 GLU 0 CA  1 
ATOM 828  C C   . GLU A 1 109 ? -7.821  -13.163 -0.909  1.00 40.61 ? 164 GLU 0 C   1 
ATOM 829  O O   . GLU A 1 109 ? -7.530  -12.859 -2.070  1.00 44.10 ? 164 GLU 0 O   1 
ATOM 830  C CB  . GLU A 1 109 ? -7.434  -15.573 -0.387  1.00 34.67 ? 164 GLU 0 CB  1 
ATOM 831  C CG  . GLU A 1 109 ? -7.952  -17.013 -0.344  1.00 39.17 ? 164 GLU 0 CG  1 
ATOM 832  C CD  . GLU A 1 109 ? -9.223  -17.194 0.475   1.00 43.25 ? 164 GLU 0 CD  1 
ATOM 833  O OE1 . GLU A 1 109 ? -10.175 -17.817 -0.041  1.00 41.21 ? 164 GLU 0 OE1 1 
ATOM 834  O OE2 . GLU A 1 109 ? -9.264  -16.750 1.645   1.00 43.25 ? 164 GLU 0 OE2 1 
ATOM 835  N N   . PRO A 1 110 ? -7.581  -12.339 0.113   1.00 37.67 ? 165 PRO 0 N   1 
ATOM 836  C CA  . PRO A 1 110 ? -6.891  -11.065 -0.119  1.00 31.37 ? 165 PRO 0 CA  1 
ATOM 837  C C   . PRO A 1 110 ? -5.431  -11.276 -0.489  1.00 34.73 ? 165 PRO 0 C   1 
ATOM 838  O O   . PRO A 1 110 ? -4.775  -12.202 -0.006  1.00 39.67 ? 165 PRO 0 O   1 
ATOM 839  C CB  . PRO A 1 110 ? -7.029  -10.334 1.222   1.00 30.77 ? 165 PRO 0 CB  1 
ATOM 840  C CG  . PRO A 1 110 ? -8.115  -11.047 1.956   1.00 33.51 ? 165 PRO 0 CG  1 
ATOM 841  C CD  . PRO A 1 110 ? -8.046  -12.465 1.503   1.00 36.43 ? 165 PRO 0 CD  1 
ATOM 842  N N   . VAL A 1 111 ? -4.927  -10.399 -1.351  1.00 28.44 ? 166 VAL 0 N   1 
ATOM 843  C CA  . VAL A 1 111 ? -3.553  -10.460 -1.832  1.00 28.35 ? 166 VAL 0 CA  1 
ATOM 844  C C   . VAL A 1 111 ? -2.722  -9.466  -1.036  1.00 33.11 ? 166 VAL 0 C   1 
ATOM 845  O O   . VAL A 1 111 ? -3.080  -8.286  -0.936  1.00 30.75 ? 166 VAL 0 O   1 
ATOM 846  C CB  . VAL A 1 111 ? -3.476  -10.169 -3.338  1.00 28.05 ? 166 VAL 0 CB  1 
ATOM 847  C CG1 . VAL A 1 111 ? -2.054  -10.353 -3.843  1.00 26.41 ? 166 VAL 0 CG1 1 
ATOM 848  C CG2 . VAL A 1 111 ? -4.430  -11.075 -4.095  1.00 31.44 ? 166 VAL 0 CG2 1 
ATOM 849  N N   . THR A 1 112 ? -1.621  -9.942  -0.468  1.00 32.52 ? 167 THR 0 N   1 
ATOM 850  C CA  . THR A 1 112 ? -0.792  -9.154  0.428   1.00 26.64 ? 167 THR 0 CA  1 
ATOM 851  C C   . THR A 1 112 ? 0.519   -8.805  -0.259  1.00 27.77 ? 167 THR 0 C   1 
ATOM 852  O O   . THR A 1 112 ? 1.174   -9.681  -0.833  1.00 37.40 ? 167 THR 0 O   1 
ATOM 853  C CB  . THR A 1 112 ? -0.524  -9.918  1.726   1.00 29.04 ? 167 THR 0 CB  1 
ATOM 854  O OG1 . THR A 1 112 ? -1.744  -10.512 2.187   1.00 29.01 ? 167 THR 0 OG1 1 
ATOM 855  C CG2 . THR A 1 112 ? -0.029  -8.971  2.786   1.00 24.81 ? 167 THR 0 CG2 1 
ATOM 856  N N   . ASN A 1 113 ? 0.897   -7.530  -0.205  1.00 23.49 ? 168 ASN 0 N   1 
ATOM 857  C CA  . ASN A 1 113 ? 2.151   -7.049  -0.778  1.00 17.83 ? 168 ASN 0 CA  1 
ATOM 858  C C   . ASN A 1 113 ? 2.940   -6.347  0.318   1.00 22.66 ? 168 ASN 0 C   1 
ATOM 859  O O   . ASN A 1 113 ? 2.426   -5.433  0.972   1.00 29.68 ? 168 ASN 0 O   1 
ATOM 860  C CB  . ASN A 1 113 ? 1.896   -6.108  -1.955  1.00 26.09 ? 168 ASN 0 CB  1 
ATOM 861  C CG  . ASN A 1 113 ? 3.155   -5.807  -2.741  1.00 36.77 ? 168 ASN 0 CG  1 
ATOM 862  O OD1 . ASN A 1 113 ? 4.123   -6.565  -2.698  1.00 36.28 ? 168 ASN 0 OD1 1 
ATOM 863  N ND2 . ASN A 1 113 ? 3.146   -4.700  -3.469  1.00 33.15 ? 168 ASN 0 ND2 1 
ATOM 864  N N   . THR A 1 114 ? 4.185   -6.771  0.518   1.00 27.69 ? 169 THR 0 N   1 
ATOM 865  C CA  . THR A 1 114 ? 5.043   -6.158  1.523   1.00 29.45 ? 169 THR 0 CA  1 
ATOM 866  C C   . THR A 1 114 ? 5.774   -4.974  0.904   1.00 28.14 ? 169 THR 0 C   1 
ATOM 867  O O   . THR A 1 114 ? 6.414   -5.109  -0.145  1.00 27.36 ? 169 THR 0 O   1 
ATOM 868  C CB  . THR A 1 114 ? 6.034   -7.180  2.078   1.00 27.54 ? 169 THR 0 CB  1 
ATOM 869  O OG1 . THR A 1 114 ? 5.317   -8.235  2.730   1.00 29.14 ? 169 THR 0 OG1 1 
ATOM 870  C CG2 . THR A 1 114 ? 6.966   -6.529  3.086   1.00 23.49 ? 169 THR 0 CG2 1 
ATOM 871  N N   . MET A 1 115 ? 5.675   -3.818  1.549   1.00 24.64 ? 170 MET 0 N   1 
ATOM 872  C CA  . MET A 1 115 ? 6.279   -2.589  1.055   1.00 27.60 ? 170 MET 0 CA  1 
ATOM 873  C C   . MET A 1 115 ? 7.420   -2.193  1.978   1.00 24.56 ? 170 MET 0 C   1 
ATOM 874  O O   . MET A 1 115 ? 7.173   -1.585  3.031   1.00 24.32 ? 170 MET 0 O   1 
ATOM 875  C CB  . MET A 1 115 ? 5.223   -1.486  0.990   1.00 28.86 ? 170 MET 0 CB  1 
ATOM 876  C CG  . MET A 1 115 ? 5.566   -0.291  0.135   1.00 23.75 ? 170 MET 0 CG  1 
ATOM 877  S SD  . MET A 1 115 ? 4.905   1.208   0.878   1.00 40.63 ? 170 MET 0 SD  1 
ATOM 878  C CE  . MET A 1 115 ? 5.349   2.412   -0.356  1.00 30.29 ? 170 MET 0 CE  1 
ATOM 879  N N   . PRO A 1 116 ? 8.668   -2.507  1.642   1.00 27.54 ? 171 PRO 0 N   1 
ATOM 880  C CA  . PRO A 1 116 ? 9.775   -2.288  2.576   1.00 27.13 ? 171 PRO 0 CA  1 
ATOM 881  C C   . PRO A 1 116 ? 10.165  -0.819  2.645   1.00 32.14 ? 171 PRO 0 C   1 
ATOM 882  O O   . PRO A 1 116 ? 9.752   0.010   1.834   1.00 33.42 ? 171 PRO 0 O   1 
ATOM 883  C CB  . PRO A 1 116 ? 10.916  -3.130  1.985   1.00 26.42 ? 171 PRO 0 CB  1 
ATOM 884  C CG  . PRO A 1 116 ? 10.301  -3.925  0.860   1.00 28.77 ? 171 PRO 0 CG  1 
ATOM 885  C CD  . PRO A 1 116 ? 9.132   -3.130  0.394   1.00 29.35 ? 171 PRO 0 CD  1 
ATOM 886  N N   . ASP A 1 117 ? 10.984  -0.507  3.646   1.00 26.45 ? 172 ASP 0 N   1 
ATOM 887  C CA  . ASP A 1 117 ? 11.511  0.842   3.821   1.00 22.50 ? 172 ASP 0 CA  1 
ATOM 888  C C   . ASP A 1 117 ? 12.807  0.947   3.036   1.00 24.57 ? 172 ASP 0 C   1 
ATOM 889  O O   . ASP A 1 117 ? 13.883  0.606   3.533   1.00 30.59 ? 172 ASP 0 O   1 
ATOM 890  C CB  . ASP A 1 117 ? 11.734  1.160   5.293   1.00 26.81 ? 172 ASP 0 CB  1 
ATOM 891  C CG  . ASP A 1 117 ? 11.595  2.634   5.594   1.00 31.72 ? 172 ASP 0 CG  1 
ATOM 892  O OD1 . ASP A 1 117 ? 11.464  3.428   4.637   1.00 33.62 ? 172 ASP 0 OD1 1 
ATOM 893  O OD2 . ASP A 1 117 ? 11.622  3.003   6.785   1.00 34.76 ? 172 ASP 0 OD2 1 
ATOM 894  N N   . LEU A 1 118 ? 12.702  1.414   1.802   1.00 24.82 ? 173 LEU 0 N   1 
ATOM 895  C CA  . LEU A 1 118 ? 13.859  1.664   0.954   1.00 28.42 ? 173 LEU 0 CA  1 
ATOM 896  C C   . LEU A 1 118 ? 14.294  3.102   1.207   1.00 32.33 ? 173 LEU 0 C   1 
ATOM 897  O O   . LEU A 1 118 ? 13.768  4.038   0.601   1.00 29.11 ? 173 LEU 0 O   1 
ATOM 898  C CB  . LEU A 1 118 ? 13.512  1.420   -0.506  1.00 25.84 ? 173 LEU 0 CB  1 
ATOM 899  C CG  . LEU A 1 118 ? 12.767  0.123   -0.827  1.00 25.13 ? 173 LEU 0 CG  1 
ATOM 900  C CD1 . LEU A 1 118 ? 11.974  0.265   -2.114  1.00 24.08 ? 173 LEU 0 CD1 1 
ATOM 901  C CD2 . LEU A 1 118 ? 13.742  -1.035  -0.918  1.00 25.06 ? 173 LEU 0 CD2 1 
ATOM 902  N N   . ARG A 1 119 ? 15.256  3.275   2.112   1.00 31.74 ? 174 ARG 0 N   1 
ATOM 903  C CA  . ARG A 1 119 ? 15.671  4.588   2.562   1.00 22.44 ? 174 ARG 0 CA  1 
ATOM 904  C C   . ARG A 1 119 ? 17.188  4.702   2.555   1.00 27.01 ? 174 ARG 0 C   1 
ATOM 905  O O   . ARG A 1 119 ? 17.887  3.724   2.861   1.00 30.87 ? 174 ARG 0 O   1 
ATOM 906  C CB  . ARG A 1 119 ? 15.148  4.866   3.976   1.00 19.89 ? 174 ARG 0 CB  1 
ATOM 907  C CG  . ARG A 1 119 ? 15.213  3.662   4.891   1.00 19.50 ? 174 ARG 0 CG  1 
ATOM 908  C CD  . ARG A 1 119 ? 15.037  4.047   6.343   1.00 17.70 ? 174 ARG 0 CD  1 
ATOM 909  N NE  . ARG A 1 119 ? 15.887  3.246   7.216   1.00 21.32 ? 174 ARG 0 NE  1 
ATOM 910  C CZ  . ARG A 1 119 ? 15.542  2.072   7.728   1.00 21.08 ? 174 ARG 0 CZ  1 
ATOM 911  N NH1 . ARG A 1 119 ? 14.369  1.523   7.466   1.00 16.01 ? 174 ARG 0 NH1 1 
ATOM 912  N NH2 . ARG A 1 119 ? 16.399  1.433   8.518   1.00 27.81 ? 174 ARG 0 NH2 1 
ATOM 913  N N   . PRO A 1 120 ? 17.724  5.874   2.205   1.00 25.69 ? 175 PRO 0 N   1 
ATOM 914  C CA  . PRO A 1 120 ? 19.174  6.071   2.337   1.00 22.81 ? 175 PRO 0 CA  1 
ATOM 915  C C   . PRO A 1 120 ? 19.622  6.263   3.774   1.00 25.81 ? 175 PRO 0 C   1 
ATOM 916  O O   . PRO A 1 120 ? 20.796  6.019   4.079   1.00 29.76 ? 175 PRO 0 O   1 
ATOM 917  C CB  . PRO A 1 120 ? 19.435  7.327   1.493   1.00 23.37 ? 175 PRO 0 CB  1 
ATOM 918  C CG  . PRO A 1 120 ? 18.214  7.491   0.637   1.00 21.34 ? 175 PRO 0 CG  1 
ATOM 919  C CD  . PRO A 1 120 ? 17.088  6.970   1.461   1.00 22.53 ? 175 PRO 0 CD  1 
ATOM 920  N N   . ASN A 1 121 ? 18.729  6.679   4.668   1.00 23.40 ? 176 ASN 0 N   1 
ATOM 921  C CA  . ASN A 1 121 ? 19.087  7.035   6.031   1.00 21.96 ? 176 ASN 0 CA  1 
ATOM 922  C C   . ASN A 1 121 ? 18.710  5.915   7.000   1.00 23.01 ? 176 ASN 0 C   1 
ATOM 923  O O   . ASN A 1 121 ? 18.242  4.845   6.603   1.00 29.16 ? 176 ASN 0 O   1 
ATOM 924  C CB  . ASN A 1 121 ? 18.410  8.348   6.419   1.00 27.71 ? 176 ASN 0 CB  1 
ATOM 925  C CG  . ASN A 1 121 ? 18.524  9.403   5.344   1.00 29.55 ? 176 ASN 0 CG  1 
ATOM 926  O OD1 . ASN A 1 121 ? 19.439  9.373   4.524   1.00 29.26 ? 176 ASN 0 OD1 1 
ATOM 927  N ND2 . ASN A 1 121 ? 17.596  10.349  5.345   1.00 26.24 ? 176 ASN 0 ND2 1 
ATOM 928  N N   . MET A 1 122 ? 18.933  6.157   8.292   1.00 23.41 ? 177 MET 0 N   1 
ATOM 929  C CA  . MET A 1 122 ? 18.469  5.258   9.341   1.00 28.82 ? 177 MET 0 CA  1 
ATOM 930  C C   . MET A 1 122 ? 16.977  5.372   9.596   1.00 32.74 ? 177 MET 0 C   1 
ATOM 931  O O   . MET A 1 122 ? 16.322  4.362   9.883   1.00 35.34 ? 177 MET 0 O   1 
ATOM 932  C CB  . MET A 1 122 ? 19.212  5.538   10.654  1.00 30.55 ? 177 MET 0 CB  1 
ATOM 933  C CG  . MET A 1 122 ? 20.735  5.355   10.654  1.00 36.17 ? 177 MET 0 CG  1 
ATOM 934  S SD  . MET A 1 122 ? 21.548  4.473   9.304   1.00 42.15 ? 177 MET 0 SD  1 
ATOM 935  C CE  . MET A 1 122 ? 21.070  2.754   9.560   1.00 31.45 ? 177 MET 0 CE  1 
ATOM 936  N N   . TYR A 1 123 ? 16.432  6.580   9.503   1.00 23.84 ? 178 TYR 0 N   1 
ATOM 937  C CA  . TYR A 1 123 ? 15.067  6.858   9.908   1.00 15.01 ? 178 TYR 0 CA  1 
ATOM 938  C C   . TYR A 1 123 ? 14.512  7.979   9.044   1.00 18.12 ? 178 TYR 0 C   1 
ATOM 939  O O   . TYR A 1 123 ? 15.262  8.727   8.412   1.00 26.58 ? 178 TYR 0 O   1 
ATOM 940  C CB  . TYR A 1 123 ? 15.024  7.150   11.439  1.00 21.76 ? 178 TYR 0 CB  1 
ATOM 941  C CG  . TYR A 1 123 ? 15.445  8.533   11.943  1.00 20.29 ? 178 TYR 0 CG  1 
ATOM 942  C CD1 . TYR A 1 123 ? 14.617  9.655   11.834  1.00 23.50 ? 178 TYR 0 CD1 1 
ATOM 943  C CD2 . TYR A 1 123 ? 16.626  8.675   12.662  1.00 20.02 ? 178 TYR 0 CD2 1 
ATOM 944  C CE1 . TYR A 1 123 ? 15.008  10.883  12.322  1.00 27.77 ? 178 TYR 0 CE1 1 
ATOM 945  C CE2 . TYR A 1 123 ? 17.022  9.900   13.156  1.00 22.12 ? 178 TYR 0 CE2 1 
ATOM 946  C CZ  . TYR A 1 123 ? 16.209  10.998  12.985  1.00 28.57 ? 178 TYR 0 CZ  1 
ATOM 947  O OH  . TYR A 1 123 ? 16.595  12.217  13.487  1.00 32.81 ? 178 TYR 0 OH  1 
ATOM 948  N N   . HIS A 1 124 ? 13.187  8.083   9.024   1.00 18.21 ? 179 HIS 0 N   1 
ATOM 949  C CA  . HIS A 1 124 ? 12.513  9.193   8.378   1.00 19.15 ? 179 HIS 0 CA  1 
ATOM 950  C C   . HIS A 1 124 ? 11.999  10.141  9.444   1.00 19.67 ? 179 HIS 0 C   1 
ATOM 951  O O   . HIS A 1 124 ? 11.219  9.707   10.304  1.00 28.09 ? 179 HIS 0 O   1 
ATOM 952  C CB  . HIS A 1 124 ? 11.354  8.702   7.521   1.00 22.13 ? 179 HIS 0 CB  1 
ATOM 953  C CG  . HIS A 1 124 ? 11.725  7.635   6.543   1.00 20.41 ? 179 HIS 0 CG  1 
ATOM 954  N ND1 . HIS A 1 124 ? 12.006  7.906   5.222   1.00 23.95 ? 179 HIS 0 ND1 1 
ATOM 955  C CD2 . HIS A 1 124 ? 11.847  6.295   6.685   1.00 18.44 ? 179 HIS 0 CD2 1 
ATOM 956  C CE1 . HIS A 1 124 ? 12.289  6.781   4.594   1.00 21.66 ? 179 HIS 0 CE1 1 
ATOM 957  N NE2 . HIS A 1 124 ? 12.200  5.787   5.460   1.00 21.90 ? 179 HIS 0 NE2 1 
ATOM 958  N N   . PRO A 1 125 ? 12.422  11.406  9.460   1.00 25.79 ? 180 PRO 0 N   1 
ATOM 959  C CA  . PRO A 1 125 ? 11.832  12.372  10.396  1.00 26.81 ? 180 PRO 0 CA  1 
ATOM 960  C C   . PRO A 1 125 ? 10.356  12.605  10.112  1.00 32.33 ? 180 PRO 0 C   1 
ATOM 961  O O   . PRO A 1 125 ? 9.895   12.492  8.976   1.00 37.90 ? 180 PRO 0 O   1 
ATOM 962  C CB  . PRO A 1 125 ? 12.655  13.643  10.154  1.00 25.14 ? 180 PRO 0 CB  1 
ATOM 963  C CG  . PRO A 1 125 ? 13.944  13.154  9.593   1.00 30.50 ? 180 PRO 0 CG  1 
ATOM 964  C CD  . PRO A 1 125 ? 13.595  11.957  8.763   1.00 33.03 ? 180 PRO 0 CD  1 
ATOM 965  N N   . THR A 1 126 ? 9.610   12.907  11.177  1.00 28.53 ? 181 THR 0 N   1 
ATOM 966  C CA  . THR A 1 126 ? 8.162   13.060  11.060  1.00 28.26 ? 181 THR 0 CA  1 
ATOM 967  C C   . THR A 1 126 ? 7.796   14.312  10.262  1.00 33.50 ? 181 THR 0 C   1 
ATOM 968  O O   . THR A 1 126 ? 6.876   14.278  9.434   1.00 39.41 ? 181 THR 0 O   1 
ATOM 969  C CB  . THR A 1 126 ? 7.536   13.087  12.456  1.00 33.05 ? 181 THR 0 CB  1 
ATOM 970  O OG1 . THR A 1 126 ? 7.856   11.868  13.139  1.00 34.90 ? 181 THR 0 OG1 1 
ATOM 971  C CG2 . THR A 1 126 ? 6.022   13.211  12.383  1.00 34.95 ? 181 THR 0 CG2 1 
ATOM 972  N N   . GLY A 1 127 ? 8.516   15.413  10.481  1.00 36.78 ? 182 GLY 0 N   1 
ATOM 973  C CA  . GLY A 1 127 ? 8.241   16.632  9.735   1.00 38.50 ? 182 GLY 0 CA  1 
ATOM 974  C C   . GLY A 1 127 ? 8.598   16.529  8.262   1.00 41.76 ? 182 GLY 0 C   1 
ATOM 975  O O   . GLY A 1 127 ? 7.861   17.016  7.401   1.00 43.64 ? 182 GLY 0 O   1 
ATOM 976  N N   . ASP A 1 128 ? 9.727   15.894  7.953   1.00 38.84 ? 183 ASP 0 N   1 
ATOM 977  C CA  . ASP A 1 128 ? 10.185  15.731  6.574   1.00 35.37 ? 183 ASP 0 CA  1 
ATOM 978  C C   . ASP A 1 128 ? 10.816  14.350  6.440   1.00 36.98 ? 183 ASP 0 C   1 
ATOM 979  O O   . ASP A 1 128 ? 11.957  14.139  6.880   1.00 38.75 ? 183 ASP 0 O   1 
ATOM 980  C CB  . ASP A 1 128 ? 11.172  16.827  6.182   1.00 37.55 ? 183 ASP 0 CB  1 
ATOM 981  C CG  . ASP A 1 128 ? 11.252  17.034  4.683   1.00 43.87 ? 183 ASP 0 CG  1 
ATOM 982  O OD1 . ASP A 1 128 ? 10.532  16.331  3.941   1.00 45.65 ? 183 ASP 0 OD1 1 
ATOM 983  O OD2 . ASP A 1 128 ? 12.033  17.903  4.242   1.00 43.55 ? 183 ASP 0 OD2 1 
ATOM 984  N N   . PRO A 1 129 ? 10.109  13.387  5.841   1.00 35.50 ? 184 PRO 0 N   1 
ATOM 985  C CA  . PRO A 1 129 ? 10.642  12.014  5.799   1.00 32.47 ? 184 PRO 0 CA  1 
ATOM 986  C C   . PRO A 1 129 ? 11.754  11.821  4.786   1.00 36.20 ? 184 PRO 0 C   1 
ATOM 987  O O   . PRO A 1 129 ? 12.614  10.955  4.990   1.00 33.29 ? 184 PRO 0 O   1 
ATOM 988  C CB  . PRO A 1 129 ? 9.410   11.161  5.452   1.00 31.99 ? 184 PRO 0 CB  1 
ATOM 989  C CG  . PRO A 1 129 ? 8.240   12.117  5.358   1.00 39.29 ? 184 PRO 0 CG  1 
ATOM 990  C CD  . PRO A 1 129 ? 8.793   13.491  5.195   1.00 38.46 ? 184 PRO 0 CD  1 
ATOM 991  N N   . GLY A 1 130 ? 11.770  12.593  3.706   1.00 32.04 ? 185 GLY 0 N   1 
ATOM 992  C CA  . GLY A 1 130 ? 12.794  12.438  2.694   1.00 29.85 ? 185 GLY 0 CA  1 
ATOM 993  C C   . GLY A 1 130 ? 12.402  11.460  1.609   1.00 28.33 ? 185 GLY 0 C   1 
ATOM 994  O O   . GLY A 1 130 ? 11.249  11.439  1.171   1.00 30.55 ? 185 GLY 0 O   1 
ATOM 995  N N   . LEU A 1 131 ? 13.352  10.637  1.172   1.00 27.68 ? 186 LEU 0 N   1 
ATOM 996  C CA  . LEU A 1 131 ? 13.104  9.691   0.091   1.00 24.35 ? 186 LEU 0 CA  1 
ATOM 997  C C   . LEU A 1 131 ? 12.350  8.484   0.631   1.00 26.88 ? 186 LEU 0 C   1 
ATOM 998  O O   . LEU A 1 131 ? 12.843  7.779   1.519   1.00 30.70 ? 186 LEU 0 O   1 
ATOM 999  C CB  . LEU A 1 131 ? 14.421  9.266   -0.556  1.00 24.70 ? 186 LEU 0 CB  1 
ATOM 1000 C CG  . LEU A 1 131 ? 15.133  10.288  -1.447  1.00 26.57 ? 186 LEU 0 CG  1 
ATOM 1001 C CD1 . LEU A 1 131 ? 16.180  9.600   -2.304  1.00 27.33 ? 186 LEU 0 CD1 1 
ATOM 1002 C CD2 . LEU A 1 131 ? 14.151  11.055  -2.317  1.00 25.39 ? 186 LEU 0 CD2 1 
ATOM 1003 N N   . VAL A 1 132 ? 11.162  8.242   0.090   1.00 26.61 ? 187 VAL 0 N   1 
ATOM 1004 C CA  . VAL A 1 132 ? 10.294  7.160   0.544   1.00 24.34 ? 187 VAL 0 CA  1 
ATOM 1005 C C   . VAL A 1 132 ? 9.828   6.363   -0.668  1.00 23.37 ? 187 VAL 0 C   1 
ATOM 1006 O O   . VAL A 1 132 ? 9.692   6.930   -1.762  1.00 26.48 ? 187 VAL 0 O   1 
ATOM 1007 C CB  . VAL A 1 132 ? 9.102   7.708   1.345   1.00 19.97 ? 187 VAL 0 CB  1 
ATOM 1008 C CG1 . VAL A 1 132 ? 9.516   8.021   2.767   1.00 22.77 ? 187 VAL 0 CG1 1 
ATOM 1009 C CG2 . VAL A 1 132 ? 8.569   8.957   0.684   1.00 22.32 ? 187 VAL 0 CG2 1 
ATOM 1010 N N   . PRO A 1 133 ? 9.585   5.061   -0.532  1.00 21.16 ? 188 PRO 0 N   1 
ATOM 1011 C CA  . PRO A 1 133 ? 9.021   4.295   -1.646  1.00 19.40 ? 188 PRO 0 CA  1 
ATOM 1012 C C   . PRO A 1 133 ? 7.570   4.668   -1.903  1.00 23.82 ? 188 PRO 0 C   1 
ATOM 1013 O O   . PRO A 1 133 ? 6.900   5.296   -1.081  1.00 30.32 ? 188 PRO 0 O   1 
ATOM 1014 C CB  . PRO A 1 133 ? 9.139   2.839   -1.179  1.00 20.19 ? 188 PRO 0 CB  1 
ATOM 1015 C CG  . PRO A 1 133 ? 10.125  2.864   -0.068  1.00 18.90 ? 188 PRO 0 CG  1 
ATOM 1016 C CD  . PRO A 1 133 ? 9.976   4.189   0.588   1.00 18.54 ? 188 PRO 0 CD  1 
ATOM 1017 N N   . THR A 1 134 ? 7.085   4.262   -3.072  1.00 19.07 ? 189 THR 0 N   1 
ATOM 1018 C CA  . THR A 1 134 ? 5.722   4.543   -3.496  1.00 17.14 ? 189 THR 0 CA  1 
ATOM 1019 C C   . THR A 1 134 ? 5.091   3.248   -3.986  1.00 26.08 ? 189 THR 0 C   1 
ATOM 1020 O O   . THR A 1 134 ? 5.686   2.539   -4.803  1.00 34.38 ? 189 THR 0 O   1 
ATOM 1021 C CB  . THR A 1 134 ? 5.709   5.618   -4.597  1.00 21.35 ? 189 THR 0 CB  1 
ATOM 1022 O OG1 . THR A 1 134 ? 5.996   6.896   -4.017  1.00 24.87 ? 189 THR 0 OG1 1 
ATOM 1023 C CG2 . THR A 1 134 ? 4.361   5.689   -5.293  1.00 20.84 ? 189 THR 0 CG2 1 
ATOM 1024 N N   . LEU A 1 135 ? 3.904   2.929   -3.477  1.00 23.62 ? 190 LEU 0 N   1 
ATOM 1025 C CA  . LEU A 1 135 ? 3.166   1.745   -3.893  1.00 22.15 ? 190 LEU 0 CA  1 
ATOM 1026 C C   . LEU A 1 135 ? 2.149   2.146   -4.954  1.00 23.17 ? 190 LEU 0 C   1 
ATOM 1027 O O   . LEU A 1 135 ? 1.291   2.999   -4.706  1.00 27.14 ? 190 LEU 0 O   1 
ATOM 1028 C CB  . LEU A 1 135 ? 2.472   1.085   -2.704  1.00 21.90 ? 190 LEU 0 CB  1 
ATOM 1029 C CG  . LEU A 1 135 ? 1.745   -0.224  -2.997  1.00 17.54 ? 190 LEU 0 CG  1 
ATOM 1030 C CD1 . LEU A 1 135 ? 2.676   -1.394  -2.767  1.00 21.73 ? 190 LEU 0 CD1 1 
ATOM 1031 C CD2 . LEU A 1 135 ? 0.505   -0.350  -2.136  1.00 24.68 ? 190 LEU 0 CD2 1 
ATOM 1032 N N   . VAL A 1 136 ? 2.242   1.524   -6.127  1.00 22.37 ? 191 VAL 0 N   1 
ATOM 1033 C CA  . VAL A 1 136 ? 1.420   1.866   -7.281  1.00 23.50 ? 191 VAL 0 CA  1 
ATOM 1034 C C   . VAL A 1 136 ? 0.615   0.637   -7.680  1.00 23.12 ? 191 VAL 0 C   1 
ATOM 1035 O O   . VAL A 1 136 ? 1.181   -0.444  -7.877  1.00 29.89 ? 191 VAL 0 O   1 
ATOM 1036 C CB  . VAL A 1 136 ? 2.289   2.368   -8.450  1.00 22.02 ? 191 VAL 0 CB  1 
ATOM 1037 C CG1 . VAL A 1 136 ? 1.522   2.351   -9.757  1.00 26.84 ? 191 VAL 0 CG1 1 
ATOM 1038 C CG2 . VAL A 1 136 ? 2.776   3.769   -8.160  1.00 24.05 ? 191 VAL 0 CG2 1 
ATOM 1039 N N   . LEU A 1 137 ? -0.703  0.802   -7.793  1.00 24.76 ? 192 LEU 0 N   1 
ATOM 1040 C CA  . LEU A 1 137 ? -1.607  -0.282  -8.162  1.00 25.59 ? 192 LEU 0 CA  1 
ATOM 1041 C C   . LEU A 1 137 ? -2.039  -0.059  -9.610  1.00 27.94 ? 192 LEU 0 C   1 
ATOM 1042 O O   . LEU A 1 137 ? -3.151  0.388   -9.886  1.00 28.07 ? 192 LEU 0 O   1 
ATOM 1043 C CB  . LEU A 1 137 ? -2.823  -0.333  -7.224  1.00 22.94 ? 192 LEU 0 CB  1 
ATOM 1044 C CG  . LEU A 1 137 ? -2.847  -1.298  -6.038  1.00 27.94 ? 192 LEU 0 CG  1 
ATOM 1045 C CD1 . LEU A 1 137 ? -3.184  -2.715  -6.474  1.00 28.19 ? 192 LEU 0 CD1 1 
ATOM 1046 C CD2 . LEU A 1 137 ? -1.547  -1.238  -5.260  1.00 30.96 ? 192 LEU 0 CD2 1 
ATOM 1047 N N   . ALA A 1 138 ? -1.159  -0.403  -10.542 1.00 28.01 ? 193 ALA 0 N   1 
ATOM 1048 C CA  . ALA A 1 138 ? -1.462  -0.255  -11.956 1.00 27.84 ? 193 ALA 0 CA  1 
ATOM 1049 C C   . ALA A 1 138 ? -2.282  -1.440  -12.443 1.00 28.31 ? 193 ALA 0 C   1 
ATOM 1050 O O   . ALA A 1 138 ? -2.215  -2.537  -11.884 1.00 33.07 ? 193 ALA 0 O   1 
ATOM 1051 C CB  . ALA A 1 138 ? -0.182  -0.135  -12.785 1.00 26.70 ? 193 ALA 0 CB  1 
ATOM 1052 N N   . VAL A 1 139 ? -3.067  -1.209  -13.486 1.00 28.03 ? 194 VAL 0 N   1 
ATOM 1053 C CA  . VAL A 1 139 ? -3.952  -2.249  -13.991 1.00 29.92 ? 194 VAL 0 CA  1 
ATOM 1054 C C   . VAL A 1 139 ? -3.174  -3.186  -14.902 1.00 33.17 ? 194 VAL 0 C   1 
ATOM 1055 O O   . VAL A 1 139 ? -2.321  -2.763  -15.695 1.00 34.19 ? 194 VAL 0 O   1 
ATOM 1056 C CB  . VAL A 1 139 ? -5.164  -1.635  -14.712 1.00 32.66 ? 194 VAL 0 CB  1 
ATOM 1057 C CG1 . VAL A 1 139 ? -6.204  -1.195  -13.702 1.00 37.72 ? 194 VAL 0 CG1 1 
ATOM 1058 C CG2 . VAL A 1 139 ? -4.734  -0.474  -15.550 1.00 34.76 ? 194 VAL 0 CG2 1 
ATOM 1059 N N   . TYR A 1 140 ? -3.495  -4.477  -14.776 1.00 34.43 ? 195 TYR 0 N   1 
ATOM 1060 C CA  . TYR A 1 140 ? -2.864  -5.516  -15.624 1.00 32.31 ? 195 TYR 0 CA  1 
ATOM 1061 C C   . TYR A 1 140 ? -4.002  -6.266  -16.280 1.00 34.93 ? 195 TYR 0 C   1 
ATOM 1062 O O   . TYR A 1 140 ? -4.515  -7.170  -15.594 1.00 40.02 ? 195 TYR 0 O   1 
ATOM 1063 C CB  . TYR A 1 140 ? -2.093  -6.401  -14.646 1.00 34.26 ? 195 TYR 0 CB  1 
ATOM 1064 C CG  . TYR A 1 140 ? -0.815  -7.017  -15.190 1.00 29.06 ? 195 TYR 0 CG  1 
ATOM 1065 C CD1 . TYR A 1 140 ? -0.077  -6.385  -16.183 1.00 32.18 ? 195 TYR 0 CD1 1 
ATOM 1066 C CD2 . TYR A 1 140 ? -0.348  -8.230  -14.702 1.00 29.84 ? 195 TYR 0 CD2 1 
ATOM 1067 C CE1 . TYR A 1 140 ? 1.089   -6.945  -16.678 1.00 34.73 ? 195 TYR 0 CE1 1 
ATOM 1068 C CE2 . TYR A 1 140 ? 0.815   -8.799  -15.187 1.00 35.79 ? 195 TYR 0 CE2 1 
ATOM 1069 C CZ  . TYR A 1 140 ? 1.536   -8.154  -16.175 1.00 35.64 ? 195 TYR 0 CZ  1 
ATOM 1070 O OH  . TYR A 1 140 ? 2.681   -8.717  -16.653 1.00 33.67 ? 195 TYR 0 OH  1 
ATOM 1071 N N   . ASN A 1 141 ? -4.384  -5.920  -17.517 1.00 32.83 ? 196 ASN 0 N   1 
ATOM 1072 C CA  . ASN A 1 141 ? -5.584  -6.510  -18.189 1.00 33.23 ? 196 ASN 0 CA  1 
ATOM 1073 C C   . ASN A 1 141 ? -6.818  -5.794  -17.625 1.00 27.43 ? 196 ASN 0 C   1 
ATOM 1074 O O   . ASN A 1 141 ? -7.071  -5.914  -16.405 1.00 19.92 ? 196 ASN 0 O   1 
ATOM 1075 C CB  . ASN A 1 141 ? -5.656  -8.035  -18.113 1.00 31.43 ? 196 ASN 0 CB  1 
ATOM 1076 C CG  . ASN A 1 141 ? -4.382  -8.699  -18.579 1.00 26.10 ? 196 ASN 0 CG  1 
ATOM 1077 O OD1 . ASN A 1 141 ? -4.066  -8.671  -19.774 1.00 21.27 ? 196 ASN 0 OD1 1 
ATOM 1078 N ND2 . ASN A 1 141 ? -3.641  -9.299  -17.659 1.00 28.34 ? 196 ASN 0 ND2 1 
ATOM 1079 N N   . ALA A 1 142 ? -7.564  -5.082  -18.474 1.00 33.80 ? 197 ALA 0 N   1 
ATOM 1080 C CA  . ALA A 1 142 ? -8.696  -4.258  -17.981 1.00 32.03 ? 197 ALA 0 CA  1 
ATOM 1081 C C   . ALA A 1 142 ? -9.904  -5.102  -17.566 1.00 27.63 ? 197 ALA 0 C   1 
ATOM 1082 O O   . ALA A 1 142 ? -10.010 -6.275  -17.987 1.00 33.19 ? 197 ALA 0 O   1 
ATOM 1083 C CB  . ALA A 1 142 ? -9.081  -3.245  -19.039 1.00 26.14 ? 197 ALA 0 CB  1 
ATOM 1084 N N   . LEU A 1 143 ? -10.796 -4.510  -16.766 1.00 33.03 ? 198 LEU 0 N   1 
ATOM 1085 C CA  . LEU A 1 143 ? -12.015 -5.182  -16.338 1.00 35.05 ? 198 LEU 0 CA  1 
ATOM 1086 C C   . LEU A 1 143 ? -12.902 -5.507  -17.533 1.00 35.86 ? 198 LEU 0 C   1 
ATOM 1087 O O   . LEU A 1 143 ? -13.121 -4.669  -18.411 1.00 36.04 ? 198 LEU 0 O   1 
ATOM 1088 C CB  . LEU A 1 143 ? -12.790 -4.297  -15.358 1.00 35.90 ? 198 LEU 0 CB  1 
ATOM 1089 C CG  . LEU A 1 143 ? -12.728 -4.546  -13.851 1.00 30.57 ? 198 LEU 0 CG  1 
ATOM 1090 C CD1 . LEU A 1 143 ? -13.597 -3.538  -13.129 1.00 30.60 ? 198 LEU 0 CD1 1 
ATOM 1091 C CD2 . LEU A 1 143 ? -13.177 -5.944  -13.507 1.00 26.00 ? 198 LEU 0 CD2 1 
ATOM 1092 N N   . ILE A 1 144 ? -13.416 -6.732  -17.563 1.00 36.14 ? 199 ILE 0 N   1 
ATOM 1093 C CA  . ILE A 1 144 ? -14.352 -7.171  -18.589 1.00 40.52 ? 199 ILE 0 CA  1 
ATOM 1094 C C   . ILE A 1 144 ? -15.602 -7.699  -17.904 1.00 43.01 ? 199 ILE 0 C   1 
ATOM 1095 O O   . ILE A 1 144 ? -15.530 -8.639  -17.105 1.00 43.45 ? 199 ILE 0 O   1 
ATOM 1096 C CB  . ILE A 1 144 ? -13.736 -8.242  -19.510 1.00 41.59 ? 199 ILE 0 CB  1 
ATOM 1097 C CG1 . ILE A 1 144 ? -12.688 -9.066  -18.762 1.00 37.53 ? 199 ILE 0 CG1 1 
ATOM 1098 C CG2 . ILE A 1 144 ? -13.129 -7.600  -20.749 1.00 39.75 ? 199 ILE 0 CG2 1 
ATOM 1099 C CD1 . ILE A 1 144 ? -12.425 -10.421 -19.384 1.00 38.46 ? 199 ILE 0 CD1 1 
ATOM 1100 N N   . ASN A 1 145 ? -16.742 -7.088  -18.208 1.00 50.52 ? 200 ASN 0 N   1 
ATOM 1101 C CA  . ASN A 1 145 ? -18.028 -7.571  -17.721 1.00 50.24 ? 200 ASN 0 CA  1 
ATOM 1102 C C   . ASN A 1 145 ? -18.794 -8.179  -18.885 1.00 55.24 ? 200 ASN 0 C   1 
ATOM 1103 O O   . ASN A 1 145 ? -19.235 -7.441  -19.781 1.00 53.16 ? 200 ASN 0 O   1 
ATOM 1104 C CB  . ASN A 1 145 ? -18.834 -6.441  -17.079 1.00 48.98 ? 200 ASN 0 CB  1 
ATOM 1105 C CG  . ASN A 1 145 ? -19.853 -6.948  -16.079 1.00 48.25 ? 200 ASN 0 CG  1 
ATOM 1106 O OD1 . ASN A 1 145 ? -19.705 -8.034  -15.521 1.00 48.80 ? 200 ASN 0 OD1 1 
ATOM 1107 N ND2 . ASN A 1 145 ? -20.896 -6.161  -15.842 1.00 49.51 ? 200 ASN 0 ND2 1 
ATOM 1108 N N   . PRO A 1 146 ? -18.990 -9.502  -18.922 1.00 57.73 ? 201 PRO 0 N   1 
ATOM 1109 C CA  . PRO A 1 146 ? -19.676 -10.123 -20.066 1.00 53.15 ? 201 PRO 0 CA  1 
ATOM 1110 C C   . PRO A 1 146 ? -21.192 -9.995  -20.035 1.00 53.33 ? 201 PRO 0 C   1 
ATOM 1111 O O   . PRO A 1 146 ? -21.867 -10.683 -20.808 1.00 56.33 ? 201 PRO 0 O   1 
ATOM 1112 C CB  . PRO A 1 146 ? -19.254 -11.600 -19.962 1.00 49.02 ? 201 PRO 0 CB  1 
ATOM 1113 C CG  . PRO A 1 146 ? -18.111 -11.623 -18.975 1.00 49.27 ? 201 PRO 0 CG  1 
ATOM 1114 C CD  . PRO A 1 146 ? -18.412 -10.515 -18.027 1.00 49.82 ? 201 PRO 0 CD  1 
ATOM 1115 N N   . PHE A 1 147 ? -21.745 -9.151  -19.168 1.00 55.20 ? 202 PHE 0 N   1 
ATOM 1116 C CA  . PHE A 1 147 ? -23.186 -9.031  -18.983 1.00 56.05 ? 202 PHE 0 CA  1 
ATOM 1117 C C   . PHE A 1 147 ? -23.740 -7.794  -19.681 1.00 60.19 ? 202 PHE 0 C   1 
ATOM 1118 O O   . PHE A 1 147 ? -24.635 -7.892  -20.525 1.00 60.62 ? 202 PHE 0 O   1 
ATOM 1119 C CB  . PHE A 1 147 ? -23.491 -8.982  -17.484 1.00 55.59 ? 202 PHE 0 CB  1 
ATOM 1120 C CG  . PHE A 1 147 ? -23.063 -10.211 -16.750 1.00 57.89 ? 202 PHE 0 CG  1 
ATOM 1121 C CD1 . PHE A 1 147 ? -23.151 -11.455 -17.347 1.00 56.47 ? 202 PHE 0 CD1 1 
ATOM 1122 C CD2 . PHE A 1 147 ? -22.484 -10.112 -15.496 1.00 61.04 ? 202 PHE 0 CD2 1 
ATOM 1123 C CE1 . PHE A 1 147 ? -22.735 -12.580 -16.680 1.00 56.94 ? 202 PHE 0 CE1 1 
ATOM 1124 C CE2 . PHE A 1 147 ? -22.055 -11.239 -14.827 1.00 59.21 ? 202 PHE 0 CE2 1 
ATOM 1125 C CZ  . PHE A 1 147 ? -22.175 -12.475 -15.427 1.00 58.31 ? 202 PHE 0 CZ  1 
ATOM 1126 N N   . GLY A 1 148 ? -23.209 -6.624  -19.336 1.00 61.94 ? 203 GLY 0 N   1 
ATOM 1127 C CA  . GLY A 1 148 ? -23.743 -5.372  -19.827 1.00 62.43 ? 203 GLY 0 CA  1 
ATOM 1128 C C   . GLY A 1 148 ? -24.815 -4.846  -18.897 1.00 64.54 ? 203 GLY 0 C   1 
ATOM 1129 O O   . GLY A 1 148 ? -25.859 -5.483  -18.727 1.00 65.00 ? 203 GLY 0 O   1 
ATOM 1130 N N   . GLY A 1 149 ? -24.578 -3.699  -18.294 1.00 64.28 ? 204 GLY 0 N   1 
ATOM 1131 C CA  . GLY A 1 149 ? -25.520 -3.154  -17.338 1.00 63.32 ? 204 GLY 0 CA  1 
ATOM 1132 C C   . GLY A 1 149 ? -24.838 -2.128  -16.447 1.00 66.49 ? 204 GLY 0 C   1 
ATOM 1133 O O   . GLY A 1 149 ? -23.846 -1.516  -16.838 1.00 67.69 ? 204 GLY 0 O   1 
ATOM 1134 N N   . SER A 1 150 ? -25.398 -1.964  -15.249 1.00 67.15 ? 205 SER 0 N   1 
ATOM 1135 C CA  . SER A 1 150 ? -24.938 -0.926  -14.336 1.00 68.07 ? 205 SER 0 CA  1 
ATOM 1136 C C   . SER A 1 150 ? -23.675 -1.306  -13.575 1.00 66.94 ? 205 SER 0 C   1 
ATOM 1137 O O   . SER A 1 150 ? -23.031 -0.421  -13.001 1.00 66.57 ? 205 SER 0 O   1 
ATOM 1138 C CB  . SER A 1 150 ? -26.046 -0.585  -13.337 1.00 67.82 ? 205 SER 0 CB  1 
ATOM 1139 O OG  . SER A 1 150 ? -26.048 -1.496  -12.252 1.00 69.35 ? 205 SER 0 OG  1 
ATOM 1140 N N   . THR A 1 151 ? -23.300 -2.582  -13.556 1.00 62.61 ? 206 THR 0 N   1 
ATOM 1141 C CA  . THR A 1 151 ? -22.156 -3.036  -12.767 1.00 61.69 ? 206 THR 0 CA  1 
ATOM 1142 C C   . THR A 1 151 ? -20.901 -2.921  -13.624 1.00 59.36 ? 206 THR 0 C   1 
ATOM 1143 O O   . THR A 1 151 ? -20.595 -3.802  -14.430 1.00 62.33 ? 206 THR 0 O   1 
ATOM 1144 C CB  . THR A 1 151 ? -22.370 -4.461  -12.269 1.00 59.56 ? 206 THR 0 CB  1 
ATOM 1145 O OG1 . THR A 1 151 ? -23.581 -4.517  -11.504 1.00 59.47 ? 206 THR 0 OG1 1 
ATOM 1146 C CG2 . THR A 1 151 ? -21.213 -4.891  -11.379 1.00 57.19 ? 206 THR 0 CG2 1 
ATOM 1147 N N   . SER A 1 152 ? -20.183 -1.809  -13.463 1.00 46.49 ? 207 SER 0 N   1 
ATOM 1148 C CA  . SER A 1 152 ? -18.903 -1.614  -14.129 1.00 44.92 ? 207 SER 0 CA  1 
ATOM 1149 C C   . SER A 1 152 ? -17.865 -0.916  -13.267 1.00 45.74 ? 207 SER 0 C   1 
ATOM 1150 O O   . SER A 1 152 ? -16.804 -0.565  -13.789 1.00 49.18 ? 207 SER 0 O   1 
ATOM 1151 C CB  . SER A 1 152 ? -19.091 -0.812  -15.426 1.00 45.41 ? 207 SER 0 CB  1 
ATOM 1152 O OG  . SER A 1 152 ? -19.483 0.521   -15.150 1.00 42.35 ? 207 SER 0 OG  1 
ATOM 1153 N N   . ALA A 1 153 ? -18.126 -0.694  -11.981 1.00 39.91 ? 208 ALA 0 N   1 
ATOM 1154 C CA  . ALA A 1 153 ? -17.302 0.149   -11.120 1.00 37.62 ? 208 ALA 0 CA  1 
ATOM 1155 C C   . ALA A 1 153 ? -17.058 -0.525  -9.776  1.00 37.89 ? 208 ALA 0 C   1 
ATOM 1156 O O   . ALA A 1 153 ? -17.324 0.044   -8.715  1.00 42.60 ? 208 ALA 0 O   1 
ATOM 1157 C CB  . ALA A 1 153 ? -17.946 1.518   -10.929 1.00 40.90 ? 208 ALA 0 CB  1 
ATOM 1158 N N   . ILE A 1 154 ? -16.576 -1.772  -9.806  1.00 30.98 ? 209 ILE 0 N   1 
ATOM 1159 C CA  . ILE A 1 154 ? -16.238 -2.484  -8.577  1.00 35.08 ? 209 ILE 0 CA  1 
ATOM 1160 C C   . ILE A 1 154 ? -15.048 -1.815  -7.890  1.00 30.94 ? 209 ILE 0 C   1 
ATOM 1161 O O   . ILE A 1 154 ? -14.273 -1.076  -8.509  1.00 37.42 ? 209 ILE 0 O   1 
ATOM 1162 C CB  . ILE A 1 154 ? -15.963 -3.971  -8.870  1.00 35.37 ? 209 ILE 0 CB  1 
ATOM 1163 C CG1 . ILE A 1 154 ? -14.545 -4.180  -9.403  1.00 26.40 ? 209 ILE 0 CG1 1 
ATOM 1164 C CG2 . ILE A 1 154 ? -16.980 -4.511  -9.861  1.00 38.39 ? 209 ILE 0 CG2 1 
ATOM 1165 C CD1 . ILE A 1 154 ? -13.942 -5.503  -9.020  1.00 28.24 ? 209 ILE 0 CD1 1 
ATOM 1166 N N   . GLN A 1 155 ? -14.919 -2.046  -6.586  1.00 32.94 ? 210 GLN 0 N   1 
ATOM 1167 C CA  . GLN A 1 155 ? -13.935 -1.337  -5.786  1.00 34.04 ? 210 GLN 0 CA  1 
ATOM 1168 C C   . GLN A 1 155 ? -13.116 -2.295  -4.933  1.00 32.94 ? 210 GLN 0 C   1 
ATOM 1169 O O   . GLN A 1 155 ? -13.568 -3.387  -4.573  1.00 27.85 ? 210 GLN 0 O   1 
ATOM 1170 C CB  . GLN A 1 155 ? -14.601 -0.276  -4.897  1.00 28.04 ? 210 GLN 0 CB  1 
ATOM 1171 C CG  . GLN A 1 155 ? -15.512 -0.820  -3.819  1.00 31.12 ? 210 GLN 0 CG  1 
ATOM 1172 C CD  . GLN A 1 155 ? -16.737 0.048   -3.625  1.00 37.70 ? 210 GLN 0 CD  1 
ATOM 1173 O OE1 . GLN A 1 155 ? -16.876 1.094   -4.259  1.00 34.12 ? 210 GLN 0 OE1 1 
ATOM 1174 N NE2 . GLN A 1 155 ? -17.636 -0.381  -2.748  1.00 34.99 ? 210 GLN 0 NE2 1 
ATOM 1175 N N   . VAL A 1 156 ? -11.891 -1.868  -4.627  1.00 28.35 ? 211 VAL 0 N   1 
ATOM 1176 C CA  . VAL A 1 156 ? -10.925 -2.645  -3.861  1.00 23.08 ? 211 VAL 0 CA  1 
ATOM 1177 C C   . VAL A 1 156 ? -10.635 -1.893  -2.571  1.00 25.69 ? 211 VAL 0 C   1 
ATOM 1178 O O   . VAL A 1 156 ? -10.428 -0.675  -2.590  1.00 27.10 ? 211 VAL 0 O   1 
ATOM 1179 C CB  . VAL A 1 156 ? -9.625  -2.875  -4.655  1.00 20.98 ? 211 VAL 0 CB  1 
ATOM 1180 C CG1 . VAL A 1 156 ? -8.758  -3.921  -3.976  1.00 24.73 ? 211 VAL 0 CG1 1 
ATOM 1181 C CG2 . VAL A 1 156 ? -9.926  -3.269  -6.091  1.00 24.31 ? 211 VAL 0 CG2 1 
ATOM 1182 N N   . THR A 1 157 ? -10.622 -2.616  -1.456  1.00 26.04 ? 212 THR 0 N   1 
ATOM 1183 C CA  . THR A 1 157 ? -10.343 -2.038  -0.149  1.00 26.15 ? 212 THR 0 CA  1 
ATOM 1184 C C   . THR A 1 157 ? -8.917  -2.387  0.260   1.00 26.91 ? 212 THR 0 C   1 
ATOM 1185 O O   . THR A 1 157 ? -8.543  -3.564  0.277   1.00 29.00 ? 212 THR 0 O   1 
ATOM 1186 C CB  . THR A 1 157 ? -11.342 -2.551  0.892   1.00 26.40 ? 212 THR 0 CB  1 
ATOM 1187 O OG1 . THR A 1 157 ? -12.626 -1.963  0.650   1.00 29.58 ? 212 THR 0 OG1 1 
ATOM 1188 C CG2 . THR A 1 157 ? -10.896 -2.183  2.292   1.00 26.04 ? 212 THR 0 CG2 1 
ATOM 1189 N N   . VAL A 1 158 ? -8.124  -1.366  0.581   1.00 26.43 ? 213 VAL 0 N   1 
ATOM 1190 C CA  . VAL A 1 158 ? -6.737  -1.542  0.990   1.00 19.94 ? 213 VAL 0 CA  1 
ATOM 1191 C C   . VAL A 1 158 ? -6.677  -1.674  2.504   1.00 22.11 ? 213 VAL 0 C   1 
ATOM 1192 O O   . VAL A 1 158 ? -7.232  -0.842  3.232   1.00 25.15 ? 213 VAL 0 O   1 
ATOM 1193 C CB  . VAL A 1 158 ? -5.859  -0.372  0.513   1.00 20.85 ? 213 VAL 0 CB  1 
ATOM 1194 C CG1 . VAL A 1 158 ? -4.398  -0.762  0.569   1.00 27.68 ? 213 VAL 0 CG1 1 
ATOM 1195 C CG2 . VAL A 1 158 ? -6.249  0.046   -0.890  1.00 22.54 ? 213 VAL 0 CG2 1 
ATOM 1196 N N   . GLU A 1 159 ? -6.006  -2.720  2.977   1.00 29.83 ? 214 GLU 0 N   1 
ATOM 1197 C CA  . GLU A 1 159 ? -5.757  -2.935  4.394   1.00 24.14 ? 214 GLU 0 CA  1 
ATOM 1198 C C   . GLU A 1 159 ? -4.261  -2.861  4.656   1.00 26.33 ? 214 GLU 0 C   1 
ATOM 1199 O O   . GLU A 1 159 ? -3.450  -3.325  3.848   1.00 34.51 ? 214 GLU 0 O   1 
ATOM 1200 C CB  . GLU A 1 159 ? -6.309  -4.286  4.854   1.00 22.04 ? 214 GLU 0 CB  1 
ATOM 1201 C CG  . GLU A 1 159 ? -7.809  -4.427  4.678   1.00 24.01 ? 214 GLU 0 CG  1 
ATOM 1202 C CD  . GLU A 1 159 ? -8.486  -5.012  5.898   1.00 32.35 ? 214 GLU 0 CD  1 
ATOM 1203 O OE1 . GLU A 1 159 ? -7.899  -5.912  6.531   1.00 28.42 ? 214 GLU 0 OE1 1 
ATOM 1204 O OE2 . GLU A 1 159 ? -9.604  -4.568  6.229   1.00 37.58 ? 214 GLU 0 OE2 1 
ATOM 1205 N N   . THR A 1 160 ? -3.895  -2.277  5.792   1.00 22.27 ? 215 THR 0 N   1 
ATOM 1206 C CA  . THR A 1 160 ? -2.504  -1.974  6.088   1.00 18.98 ? 215 THR 0 CA  1 
ATOM 1207 C C   . THR A 1 160 ? -2.109  -2.545  7.444   1.00 18.91 ? 215 THR 0 C   1 
ATOM 1208 O O   . THR A 1 160 ? -2.951  -2.809  8.306   1.00 23.76 ? 215 THR 0 O   1 
ATOM 1209 C CB  . THR A 1 160 ? -2.249  -0.461  6.046   1.00 24.90 ? 215 THR 0 CB  1 
ATOM 1210 O OG1 . THR A 1 160 ? -0.854  -0.202  6.224   1.00 28.04 ? 215 THR 0 OG1 1 
ATOM 1211 C CG2 . THR A 1 160 ? -3.039  0.254   7.124   1.00 23.15 ? 215 THR 0 CG2 1 
ATOM 1212 N N   . ARG A 1 161 ? -0.798  -2.749  7.614   1.00 19.43 ? 216 ARG 0 N   1 
ATOM 1213 C CA  . ARG A 1 161 ? -0.231  -3.344  8.816   1.00 18.34 ? 216 ARG 0 CA  1 
ATOM 1214 C C   . ARG A 1 161 ? 1.247   -3.004  8.878   1.00 20.27 ? 216 ARG 0 C   1 
ATOM 1215 O O   . ARG A 1 161 ? 1.922   -3.080  7.844   1.00 25.32 ? 216 ARG 0 O   1 
ATOM 1216 C CB  . ARG A 1 161 ? -0.415  -4.864  8.819   1.00 15.76 ? 216 ARG 0 CB  1 
ATOM 1217 C CG  . ARG A 1 161 ? 0.144   -5.574  10.029  1.00 18.43 ? 216 ARG 0 CG  1 
ATOM 1218 C CD  . ARG A 1 161 ? -0.393  -6.986  10.111  1.00 24.45 ? 216 ARG 0 CD  1 
ATOM 1219 N NE  . ARG A 1 161 ? 0.540   -7.955  9.552   1.00 24.61 ? 216 ARG 0 NE  1 
ATOM 1220 C CZ  . ARG A 1 161 ? 0.348   -9.268  9.557   1.00 24.47 ? 216 ARG 0 CZ  1 
ATOM 1221 N NH1 . ARG A 1 161 ? -0.737  -9.806  10.087  1.00 20.53 ? 216 ARG 0 NH1 1 
ATOM 1222 N NH2 . ARG A 1 161 ? 1.267   -10.060 9.009   1.00 24.68 ? 216 ARG 0 NH2 1 
ATOM 1223 N N   . PRO A 1 162 ? 1.772   -2.600  10.033  1.00 23.39 ? 217 PRO 0 N   1 
ATOM 1224 C CA  . PRO A 1 162 ? 3.228   -2.483  10.175  1.00 20.27 ? 217 PRO 0 CA  1 
ATOM 1225 C C   . PRO A 1 162 ? 3.906   -3.841  10.068  1.00 20.93 ? 217 PRO 0 C   1 
ATOM 1226 O O   . PRO A 1 162 ? 3.371   -4.861  10.509  1.00 26.27 ? 217 PRO 0 O   1 
ATOM 1227 C CB  . PRO A 1 162 ? 3.402   -1.881  11.574  1.00 19.01 ? 217 PRO 0 CB  1 
ATOM 1228 C CG  . PRO A 1 162 ? 2.104   -1.222  11.867  1.00 25.55 ? 217 PRO 0 CG  1 
ATOM 1229 C CD  . PRO A 1 162 ? 1.058   -2.053  11.196  1.00 26.15 ? 217 PRO 0 CD  1 
ATOM 1230 N N   . SER A 1 163 ? 5.098   -3.846  9.481   1.00 23.68 ? 218 SER 0 N   1 
ATOM 1231 C CA  . SER A 1 163 ? 5.818   -5.090  9.266   1.00 28.32 ? 218 SER 0 CA  1 
ATOM 1232 C C   . SER A 1 163 ? 6.626   -5.457  10.507  1.00 28.80 ? 218 SER 0 C   1 
ATOM 1233 O O   . SER A 1 163 ? 6.506   -4.843  11.570  1.00 26.17 ? 218 SER 0 O   1 
ATOM 1234 C CB  . SER A 1 163 ? 6.720   -4.981  8.040   1.00 25.64 ? 218 SER 0 CB  1 
ATOM 1235 O OG  . SER A 1 163 ? 7.672   -3.948  8.210   1.00 29.07 ? 218 SER 0 OG  1 
ATOM 1236 N N   . GLU A 1 164 ? 7.466   -6.485  10.367  1.00 35.61 ? 219 GLU 0 N   1 
ATOM 1237 C CA  . GLU A 1 164 ? 8.281   -6.943  11.484  1.00 39.07 ? 219 GLU 0 CA  1 
ATOM 1238 C C   . GLU A 1 164 ? 9.419   -5.986  11.806  1.00 40.36 ? 219 GLU 0 C   1 
ATOM 1239 O O   . GLU A 1 164 ? 9.887   -5.965  12.948  1.00 41.98 ? 219 GLU 0 O   1 
ATOM 1240 C CB  . GLU A 1 164 ? 8.841   -8.335  11.191  1.00 40.52 ? 219 GLU 0 CB  1 
ATOM 1241 C CG  . GLU A 1 164 ? 7.780   -9.366  10.840  1.00 42.60 ? 219 GLU 0 CG  1 
ATOM 1242 C CD  . GLU A 1 164 ? 7.654   -9.600  9.347   1.00 46.40 ? 219 GLU 0 CD  1 
ATOM 1243 O OE1 . GLU A 1 164 ? 6.865   -8.883  8.694   1.00 44.81 ? 219 GLU 0 OE1 1 
ATOM 1244 O OE2 . GLU A 1 164 ? 8.341   -10.505 8.825   1.00 42.69 ? 219 GLU 0 OE2 1 
ATOM 1245 N N   . ASP A 1 165 ? 9.871   -5.199  10.835  1.00 37.55 ? 220 ASP 0 N   1 
ATOM 1246 C CA  . ASP A 1 165 ? 10.964  -4.264  11.049  1.00 31.50 ? 220 ASP 0 CA  1 
ATOM 1247 C C   . ASP A 1 165 ? 10.495  -2.840  11.319  1.00 33.14 ? 220 ASP 0 C   1 
ATOM 1248 O O   . ASP A 1 165 ? 11.337  -1.951  11.474  1.00 39.16 ? 220 ASP 0 O   1 
ATOM 1249 C CB  . ASP A 1 165 ? 11.916  -4.276  9.848   1.00 30.85 ? 220 ASP 0 CB  1 
ATOM 1250 C CG  . ASP A 1 165 ? 11.201  -4.054  8.530   1.00 34.97 ? 220 ASP 0 CG  1 
ATOM 1251 O OD1 . ASP A 1 165 ? 9.958   -4.148  8.500   1.00 38.00 ? 220 ASP 0 OD1 1 
ATOM 1252 O OD2 . ASP A 1 165 ? 11.886  -3.796  7.518   1.00 35.61 ? 220 ASP 0 OD2 1 
ATOM 1253 N N   . PHE A 1 166 ? 9.187   -2.596  11.381  1.00 27.43 ? 221 PHE 0 N   1 
ATOM 1254 C CA  . PHE A 1 166 ? 8.713   -1.251  11.675  1.00 23.22 ? 221 PHE 0 CA  1 
ATOM 1255 C C   . PHE A 1 166 ? 8.863   -0.938  13.155  1.00 24.00 ? 221 PHE 0 C   1 
ATOM 1256 O O   . PHE A 1 166 ? 8.524   -1.752  14.016  1.00 29.00 ? 221 PHE 0 O   1 
ATOM 1257 C CB  . PHE A 1 166 ? 7.255   -1.071  11.260  1.00 25.33 ? 221 PHE 0 CB  1 
ATOM 1258 C CG  . PHE A 1 166 ? 6.808   0.364   11.255  1.00 19.54 ? 221 PHE 0 CG  1 
ATOM 1259 C CD1 . PHE A 1 166 ? 7.045   1.171   10.156  1.00 23.81 ? 221 PHE 0 CD1 1 
ATOM 1260 C CD2 . PHE A 1 166 ? 6.174   0.914   12.360  1.00 15.53 ? 221 PHE 0 CD2 1 
ATOM 1261 C CE1 . PHE A 1 166 ? 6.644   2.489   10.148  1.00 24.87 ? 221 PHE 0 CE1 1 
ATOM 1262 C CE2 . PHE A 1 166 ? 5.781   2.232   12.363  1.00 19.34 ? 221 PHE 0 CE2 1 
ATOM 1263 C CZ  . PHE A 1 166 ? 6.016   3.021   11.253  1.00 21.22 ? 221 PHE 0 CZ  1 
ATOM 1264 N N   . GLU A 1 167 ? 9.448   0.242   13.413  1.00 28.40 ? 222 GLU 0 N   1 
ATOM 1265 C CA  . GLU A 1 167 ? 9.660   0.701   14.809  1.00 26.71 ? 222 GLU 0 CA  1 
ATOM 1266 C C   . GLU A 1 167 ? 10.002  2.200   14.815  1.00 24.52 ? 222 GLU 0 C   1 
ATOM 1267 O O   . GLU A 1 167 ? 10.616  2.675   13.833  1.00 21.52 ? 222 GLU 0 O   1 
ATOM 1268 C CB  . GLU A 1 167 ? 10.774  -0.056  15.536  1.00 30.76 ? 222 GLU 0 CB  1 
ATOM 1269 C CG  . GLU A 1 167 ? 11.859  -0.609  14.616  1.00 29.30 ? 222 GLU 0 CG  1 
ATOM 1270 C CD  . GLU A 1 167 ? 12.767  0.431   13.988  1.00 34.47 ? 222 GLU 0 CD  1 
ATOM 1271 O OE1 . GLU A 1 167 ? 12.881  0.428   12.745  1.00 35.51 ? 222 GLU 0 OE1 1 
ATOM 1272 O OE2 . GLU A 1 167 ? 13.350  1.246   14.735  1.00 40.16 ? 222 GLU 0 OE2 1 
ATOM 1273 N N   . PHE A 1 168 ? 9.599   2.917   15.859  1.00 22.62 ? 223 PHE 0 N   1 
ATOM 1274 C CA  . PHE A 1 168 ? 9.896   4.328   16.052  1.00 19.54 ? 223 PHE 0 CA  1 
ATOM 1275 C C   . PHE A 1 168 ? 11.214  4.474   16.805  1.00 31.68 ? 223 PHE 0 C   1 
ATOM 1276 O O   . PHE A 1 168 ? 11.641  3.559   17.511  1.00 34.72 ? 223 PHE 0 O   1 
ATOM 1277 C CB  . PHE A 1 168 ? 8.772   5.028   16.816  1.00 19.77 ? 223 PHE 0 CB  1 
ATOM 1278 C CG  . PHE A 1 168 ? 7.489   5.141   16.042  1.00 26.75 ? 223 PHE 0 CG  1 
ATOM 1279 C CD1 . PHE A 1 168 ? 7.310   6.161   15.124  1.00 24.15 ? 223 PHE 0 CD1 1 
ATOM 1280 C CD2 . PHE A 1 168 ? 6.457   4.239   16.242  1.00 24.54 ? 223 PHE 0 CD2 1 
ATOM 1281 C CE1 . PHE A 1 168 ? 6.134   6.274   14.410  1.00 21.63 ? 223 PHE 0 CE1 1 
ATOM 1282 C CE2 . PHE A 1 168 ? 5.277   4.344   15.531  1.00 18.19 ? 223 PHE 0 CE2 1 
ATOM 1283 C CZ  . PHE A 1 168 ? 5.115   5.365   14.617  1.00 20.77 ? 223 PHE 0 CZ  1 
ATOM 1284 N N   . VAL A 1 169 ? 11.870  5.629   16.648  1.00 24.30 ? 224 VAL 0 N   1 
ATOM 1285 C CA  . VAL A 1 169 ? 13.241  5.803   17.108  1.00 25.82 ? 224 VAL 0 CA  1 
ATOM 1286 C C   . VAL A 1 169 ? 13.360  6.804   18.258  1.00 35.52 ? 224 VAL 0 C   1 
ATOM 1287 O O   . VAL A 1 169 ? 14.149  6.583   19.184  1.00 38.29 ? 224 VAL 0 O   1 
ATOM 1288 C CB  . VAL A 1 169 ? 14.221  6.144   15.938  1.00 26.52 ? 224 VAL 0 CB  1 
ATOM 1289 C CG1 . VAL A 1 169 ? 13.943  5.272   14.732  1.00 28.22 ? 224 VAL 0 CG1 1 
ATOM 1290 C CG2 . VAL A 1 169 ? 14.181  7.600   15.475  1.00 28.81 ? 224 VAL 0 CG2 1 
ATOM 1291 N N   . MET A 1 170 ? 12.598  7.902   18.242  1.00 29.92 ? 225 MET 0 N   1 
ATOM 1292 C CA  . MET A 1 170 ? 12.764  8.957   19.236  1.00 22.29 ? 225 MET 0 CA  1 
ATOM 1293 C C   . MET A 1 170 ? 11.412  9.472   19.692  1.00 25.81 ? 225 MET 0 C   1 
ATOM 1294 O O   . MET A 1 170 ? 10.480  9.589   18.891  1.00 34.94 ? 225 MET 0 O   1 
ATOM 1295 C CB  . MET A 1 170 ? 13.597  10.122  18.695  1.00 26.85 ? 225 MET 0 CB  1 
ATOM 1296 C CG  . MET A 1 170 ? 15.080  9.841   18.623  1.00 26.98 ? 225 MET 0 CG  1 
ATOM 1297 S SD  . MET A 1 170 ? 15.966  10.937  17.503  1.00 41.26 ? 225 MET 0 SD  1 
ATOM 1298 C CE  . MET A 1 170 ? 14.775  11.251  16.216  1.00 24.84 ? 225 MET 0 CE  1 
ATOM 1299 N N   . ILE A 1 171 ? 11.277  9.755   20.990  1.00 24.32 ? 226 ILE 0 N   1 
ATOM 1300 C CA  . ILE A 1 171 ? 9.941   10.175  21.513  1.00 24.78 ? 226 ILE 0 CA  1 
ATOM 1301 C C   . ILE A 1 171 ? 9.870   11.711  21.536  1.00 20.53 ? 226 ILE 0 C   1 
ATOM 1302 O O   . ILE A 1 171 ? 10.942  12.354  21.602  1.00 21.88 ? 226 ILE 0 O   1 
ATOM 1303 C CB  . ILE A 1 171 ? 9.664   9.555   22.896  1.00 21.87 ? 226 ILE 0 CB  1 
ATOM 1304 C CG1 . ILE A 1 171 ? 8.169   9.558   23.224  1.00 21.71 ? 226 ILE 0 CG1 1 
ATOM 1305 C CG2 . ILE A 1 171 ? 10.490  10.237  23.986  1.00 21.35 ? 226 ILE 0 CG2 1 
ATOM 1306 C CD1 . ILE A 1 171 ? 7.821   8.879   24.535  1.00 22.52 ? 226 ILE 0 CD1 1 
ATOM 1307 N N   . ARG A 1 172 ? 8.657   12.268  21.465  1.00 23.15 ? 227 ARG 0 N   1 
ATOM 1308 C CA  . ARG A 1 172 ? 8.476   13.742  21.497  1.00 22.25 ? 227 ARG 0 CA  1 
ATOM 1309 C C   . ARG A 1 172 ? 7.120   14.059  22.141  1.00 20.75 ? 227 ARG 0 C   1 
ATOM 1310 O O   . ARG A 1 172 ? 6.460   13.112  22.624  1.00 16.30 ? 227 ARG 0 O   1 
ATOM 1311 C CB  . ARG A 1 172 ? 8.518   14.331  20.083  1.00 23.95 ? 227 ARG 0 CB  1 
ATOM 1312 C CG  . ARG A 1 172 ? 7.410   13.795  19.188  1.00 16.08 ? 227 ARG 0 CG  1 
ATOM 1313 C CD  . ARG A 1 172 ? 7.214   14.629  17.935  1.00 16.65 ? 227 ARG 0 CD  1 
ATOM 1314 N NE  . ARG A 1 172 ? 6.291   13.984  16.995  1.00 24.88 ? 227 ARG 0 NE  1 
ATOM 1315 C CZ  . ARG A 1 172 ? 5.127   14.491  16.617  1.00 29.17 ? 227 ARG 0 CZ  1 
ATOM 1316 N NH1 . ARG A 1 172 ? 4.517   14.018  15.545  1.00 25.34 ? 227 ARG 0 NH1 1 
ATOM 1317 N NH2 . ARG A 1 172 ? 4.575   15.469  17.312  1.00 29.64 ? 227 ARG 0 NH2 1 
ATOM 1318 N N   . ALA A 1 173 ? 6.725   15.334  22.152  1.00 28.25 ? 228 ALA 0 N   1 
ATOM 1319 C CA  . ALA A 1 173 ? 5.392   15.701  22.687  1.00 34.90 ? 228 ALA 0 CA  1 
ATOM 1320 C C   . ALA A 1 173 ? 4.315   15.113  21.773  1.00 33.04 ? 228 ALA 0 C   1 
ATOM 1321 O O   . ALA A 1 173 ? 4.319   15.416  20.559  1.00 32.73 ? 228 ALA 0 O   1 
ATOM 1322 C CB  . ALA A 1 173 ? 5.273   17.205  22.791  1.00 32.65 ? 228 ALA 0 CB  1 
ATOM 1323 N N   . PRO A 1 174 ? 3.394   14.273  22.295  1.00 29.11 ? 229 PRO 0 N   1 
ATOM 1324 C CA  . PRO A 1 174 ? 2.319   13.718  21.487  1.00 29.16 ? 229 PRO 0 CA  1 
ATOM 1325 C C   . PRO A 1 174 ? 1.319   14.799  21.096  1.00 31.18 ? 229 PRO 0 C   1 
ATOM 1326 O O   . PRO A 1 174 ? 1.438   15.311  19.964  1.00 32.83 ? 229 PRO 0 O   1 
ATOM 1327 C CB  . PRO A 1 174 ? 1.695   12.648  22.398  1.00 29.61 ? 229 PRO 0 CB  1 
ATOM 1328 C CG  . PRO A 1 174 ? 2.716   12.451  23.499  1.00 26.23 ? 229 PRO 0 CG  1 
ATOM 1329 C CD  . PRO A 1 174 ? 3.370   13.809  23.668  1.00 27.83 ? 229 PRO 0 CD  1 
# 
